data_7T6R
#
_entry.id   7T6R
#
_cell.length_a   1.00
_cell.length_b   1.00
_cell.length_c   1.00
_cell.angle_alpha   90.00
_cell.angle_beta   90.00
_cell.angle_gamma   90.00
#
_symmetry.space_group_name_H-M   'P 1'
#
_entity_poly.entity_id   1
_entity_poly.type   'polypeptide(L)'
_entity_poly.pdbx_seq_one_letter_code
;MGACPPKAKGPWAQLQKLLISWPVGEQDWEQYRDRVNMLQQERIRDSPLLQAAKENDLRLLKILLLNQSCDFQQRGAVGE
TALHVAALYDNLEAATLLMEAAPELAKEPALCEPFVGQTALHIAVMNQNLNLVRALLARGASVSARATGAAFRRSPHNLI
YYGEHPLSFAACVGSEEIVRLLIEHGADIRAQDSLGNTVLHILILQPNKTFACQMYNLLLSYDEHSDHLQSLELVPNHQG
LTPFKLAGVEGNTVMFQHLMQKRKHVQWTCGPLTSTLYDLTEIDSWGEELSFLELVVSSKKREARQILEQTPVKELVSFK
WKKYGRPYFCVLASLYILYMICFTTCCIYRPLKLRDDNRTDPRDITILQQKLLQEAYVTHQDNIRLVGELVTVTGAVIIL
LLEIPDIFRVGASRYFGQTILGGPFHVIIITYASLVLLTMVMRLTNMNGEVVPLSFALVLGWCSVMYFARGFQMLGPFTI
MIQKMIFGDLMRFCWLMAVVILGFASAFHITFQTEDPNNLGEFSDYPTALFSTFELFLTIIDGPANYSVDLPFMYCITYA
AFAIIATLLMLNLFIAMMGDTHWRVAQERDELWRAQVVATTVMLERKMPRFLWPRSGICGYEYGLGDRWFLRVENHHDQN
PLRVLRYVEAFKCSDKEDGQEQLSEKRPSTVESGMLSRASVAFQTPSLSRTTSQSSNSHRGWEILRRNDLGHLNLGLDLG
EGDGEEVYHFTETSQVAPA
;
_entity_poly.pdbx_strand_id   A,B,C,D
#
# COMPACT_ATOMS: atom_id res chain seq x y z
N TRP A 29 26.00 -32.68 17.02
CA TRP A 29 25.00 -31.64 17.16
C TRP A 29 23.89 -31.81 16.11
N GLU A 30 24.28 -31.74 14.83
CA GLU A 30 23.39 -32.04 13.71
C GLU A 30 24.01 -33.00 12.71
N GLN A 31 25.33 -32.98 12.54
CA GLN A 31 26.02 -33.96 11.73
C GLN A 31 26.46 -35.18 12.54
N TYR A 32 26.22 -35.17 13.86
CA TYR A 32 26.37 -36.37 14.67
C TYR A 32 25.13 -37.25 14.62
N ARG A 33 23.95 -36.64 14.56
CA ARG A 33 22.71 -37.39 14.32
C ARG A 33 22.72 -38.02 12.93
N ASP A 34 23.25 -37.30 11.94
CA ASP A 34 23.40 -37.85 10.59
C ASP A 34 24.38 -39.02 10.58
N ARG A 35 25.50 -38.88 11.29
CA ARG A 35 26.51 -39.93 11.37
C ARG A 35 25.98 -41.19 12.05
N VAL A 36 25.23 -41.02 13.15
CA VAL A 36 24.68 -42.19 13.83
C VAL A 36 23.51 -42.79 13.05
N ASN A 37 22.86 -41.99 12.19
CA ASN A 37 21.84 -42.56 11.30
C ASN A 37 22.45 -43.42 10.21
N MET A 38 23.58 -42.98 9.62
CA MET A 38 24.25 -43.84 8.63
C MET A 38 24.90 -45.05 9.28
N LEU A 39 25.38 -44.92 10.53
CA LEU A 39 25.86 -46.11 11.25
C LEU A 39 24.73 -47.08 11.55
N GLN A 40 23.54 -46.56 11.88
CA GLN A 40 22.37 -47.40 12.12
C GLN A 40 21.96 -48.15 10.87
N GLN A 41 21.94 -47.45 9.71
CA GLN A 41 21.60 -48.11 8.45
C GLN A 41 22.69 -49.08 8.01
N GLU A 42 23.95 -48.77 8.31
CA GLU A 42 25.07 -49.65 7.94
C GLU A 42 25.06 -50.94 8.75
N ARG A 43 24.80 -50.86 10.06
CA ARG A 43 24.70 -52.09 10.84
C ARG A 43 23.36 -52.80 10.66
N ILE A 44 22.35 -52.12 10.09
CA ILE A 44 21.17 -52.86 9.63
C ILE A 44 21.52 -53.69 8.40
N ARG A 45 22.19 -53.08 7.41
CA ARG A 45 22.43 -53.80 6.16
C ARG A 45 23.60 -54.78 6.25
N ASP A 46 24.49 -54.62 7.24
CA ASP A 46 25.57 -55.60 7.42
C ASP A 46 25.04 -56.89 8.04
N SER A 47 24.12 -56.76 9.00
CA SER A 47 23.54 -57.92 9.64
C SER A 47 22.48 -58.53 8.74
N PRO A 48 22.53 -59.84 8.48
CA PRO A 48 21.43 -60.48 7.71
C PRO A 48 20.11 -60.51 8.46
N LEU A 49 20.14 -60.62 9.78
CA LEU A 49 18.92 -60.65 10.59
C LEU A 49 18.21 -59.29 10.58
N LEU A 50 18.97 -58.21 10.75
CA LEU A 50 18.38 -56.87 10.80
C LEU A 50 17.87 -56.43 9.43
N GLN A 51 18.64 -56.72 8.38
CA GLN A 51 18.20 -56.36 7.03
C GLN A 51 17.04 -57.24 6.57
N ALA A 52 17.01 -58.49 7.02
CA ALA A 52 15.90 -59.38 6.69
C ALA A 52 14.64 -58.98 7.45
N ALA A 53 14.78 -58.46 8.67
CA ALA A 53 13.63 -57.93 9.39
C ALA A 53 13.18 -56.60 8.80
N LYS A 54 14.10 -55.86 8.18
CA LYS A 54 13.72 -54.63 7.50
C LYS A 54 12.94 -54.92 6.21
N GLU A 55 13.41 -55.88 5.41
CA GLU A 55 12.77 -56.17 4.13
C GLU A 55 11.48 -56.96 4.26
N ASN A 56 11.24 -57.56 5.45
CA ASN A 56 10.07 -58.41 5.75
C ASN A 56 9.95 -59.59 4.79
N ASP A 57 11.08 -60.23 4.48
CA ASP A 57 11.09 -61.50 3.75
C ASP A 57 11.06 -62.68 4.72
N LEU A 58 9.93 -63.39 4.74
CA LEU A 58 9.62 -64.29 5.85
C LEU A 58 10.41 -65.59 5.78
N ARG A 59 10.63 -66.09 4.56
CA ARG A 59 11.29 -67.40 4.40
C ARG A 59 12.76 -67.34 4.76
N LEU A 60 13.42 -66.21 4.48
CA LEU A 60 14.82 -66.08 4.83
C LEU A 60 15.00 -65.84 6.32
N LEU A 61 14.00 -65.19 6.95
CA LEU A 61 13.91 -65.15 8.42
C LEU A 61 13.76 -66.54 9.02
N LYS A 62 12.93 -67.40 8.42
CA LYS A 62 12.77 -68.75 8.94
C LYS A 62 14.03 -69.58 8.75
N ILE A 63 14.75 -69.34 7.65
CA ILE A 63 16.01 -70.05 7.37
C ILE A 63 17.08 -69.66 8.37
N LEU A 64 17.27 -68.36 8.61
CA LEU A 64 18.31 -67.97 9.57
C LEU A 64 17.84 -68.06 11.02
N LEU A 65 16.54 -68.26 11.25
CA LEU A 65 16.01 -68.23 12.61
C LEU A 65 15.76 -69.62 13.15
N LEU A 66 15.58 -70.61 12.26
CA LEU A 66 15.47 -71.99 12.70
C LEU A 66 16.82 -72.50 13.23
N ASN A 67 17.91 -72.07 12.60
CA ASN A 67 19.24 -72.44 13.05
C ASN A 67 19.60 -71.69 14.33
N GLN A 68 20.34 -72.36 15.22
CA GLN A 68 20.73 -71.77 16.50
C GLN A 68 22.05 -71.03 16.43
N SER A 69 22.68 -70.94 15.25
CA SER A 69 23.95 -70.23 15.14
C SER A 69 23.77 -68.72 15.19
N CYS A 70 22.60 -68.22 14.80
CA CYS A 70 22.35 -66.78 14.85
C CYS A 70 22.09 -66.34 16.29
N ASP A 71 22.35 -65.06 16.55
CA ASP A 71 22.16 -64.47 17.87
C ASP A 71 20.87 -63.66 17.84
N PHE A 72 19.91 -64.03 18.70
CA PHE A 72 18.67 -63.29 18.79
C PHE A 72 18.87 -61.94 19.48
N GLN A 73 19.70 -61.91 20.52
CA GLN A 73 20.04 -60.68 21.23
C GLN A 73 21.25 -60.02 20.58
N GLN A 74 21.05 -59.54 19.36
CA GLN A 74 22.10 -58.91 18.58
C GLN A 74 21.80 -57.42 18.46
N ARG A 75 22.77 -56.60 18.84
CA ARG A 75 22.57 -55.16 18.93
C ARG A 75 22.76 -54.50 17.56
N GLY A 76 22.26 -53.28 17.45
CA GLY A 76 22.53 -52.43 16.31
C GLY A 76 23.64 -51.44 16.61
N ALA A 77 23.70 -50.38 15.81
CA ALA A 77 24.65 -49.31 16.08
C ALA A 77 24.22 -48.47 17.27
N VAL A 78 22.91 -48.30 17.46
CA VAL A 78 22.39 -47.59 18.61
C VAL A 78 21.98 -48.57 19.72
N GLY A 79 22.40 -49.83 19.63
CA GLY A 79 21.99 -50.84 20.57
C GLY A 79 20.60 -51.38 20.33
N GLU A 80 20.01 -51.11 19.18
CA GLU A 80 18.64 -51.54 18.91
C GLU A 80 18.59 -53.03 18.59
N THR A 81 17.44 -53.62 18.87
CA THR A 81 17.15 -55.02 18.62
C THR A 81 16.64 -55.14 17.18
N ALA A 82 16.64 -56.35 16.61
CA ALA A 82 15.97 -56.57 15.33
C ALA A 82 14.46 -56.40 15.43
N LEU A 83 13.90 -56.54 16.64
CA LEU A 83 12.50 -56.19 16.87
C LEU A 83 12.25 -54.69 16.70
N HIS A 84 13.23 -53.86 17.06
CA HIS A 84 13.14 -52.42 16.81
C HIS A 84 13.15 -52.11 15.32
N VAL A 85 13.96 -52.85 14.56
CA VAL A 85 14.02 -52.69 13.12
C VAL A 85 12.72 -53.16 12.46
N ALA A 86 12.13 -54.22 13.00
CA ALA A 86 10.84 -54.70 12.49
C ALA A 86 9.71 -53.74 12.82
N ALA A 87 9.78 -53.09 13.99
CA ALA A 87 8.77 -52.10 14.34
C ALA A 87 9.01 -50.77 13.62
N LEU A 88 10.22 -50.54 13.11
CA LEU A 88 10.53 -49.27 12.46
C LEU A 88 9.93 -49.19 11.07
N TYR A 89 9.83 -50.32 10.37
CA TYR A 89 9.36 -50.34 8.99
C TYR A 89 7.98 -50.98 8.86
N ASP A 90 7.20 -50.98 9.94
CA ASP A 90 5.83 -51.53 10.02
C ASP A 90 5.78 -53.01 9.63
N ASN A 91 6.80 -53.76 10.04
CA ASN A 91 6.89 -55.18 9.69
C ASN A 91 6.29 -55.99 10.83
N LEU A 92 4.98 -56.23 10.75
CA LEU A 92 4.28 -56.95 11.80
C LEU A 92 4.63 -58.44 11.77
N GLU A 93 4.82 -59.00 10.57
CA GLU A 93 5.11 -60.42 10.44
C GLU A 93 6.53 -60.75 10.92
N ALA A 94 7.50 -59.90 10.57
CA ALA A 94 8.87 -60.08 11.04
C ALA A 94 8.96 -59.94 12.55
N ALA A 95 8.22 -58.99 13.11
CA ALA A 95 8.20 -58.79 14.55
C ALA A 95 7.51 -59.94 15.27
N THR A 96 6.44 -60.50 14.68
CA THR A 96 5.75 -61.58 15.39
C THR A 96 6.50 -62.91 15.30
N LEU A 97 7.27 -63.16 14.22
CA LEU A 97 8.14 -64.34 14.25
C LEU A 97 9.38 -64.11 15.12
N LEU A 98 9.85 -62.86 15.26
CA LEU A 98 10.92 -62.60 16.21
C LEU A 98 10.43 -62.74 17.65
N MET A 99 9.16 -62.41 17.91
CA MET A 99 8.61 -62.58 19.25
C MET A 99 8.28 -64.03 19.55
N GLU A 100 7.86 -64.79 18.53
CA GLU A 100 7.60 -66.22 18.72
C GLU A 100 8.89 -67.00 18.89
N ALA A 101 9.96 -66.59 18.20
CA ALA A 101 11.25 -67.27 18.38
C ALA A 101 11.87 -66.94 19.73
N ALA A 102 11.88 -65.67 20.10
CA ALA A 102 12.41 -65.23 21.39
C ALA A 102 11.40 -64.29 22.05
N PRO A 103 10.79 -64.69 23.17
CA PRO A 103 9.76 -63.84 23.79
C PRO A 103 10.32 -62.67 24.59
N GLU A 104 11.62 -62.66 24.90
CA GLU A 104 12.20 -61.64 25.76
C GLU A 104 12.58 -60.37 25.01
N LEU A 105 12.46 -60.36 23.68
CA LEU A 105 12.97 -59.26 22.86
C LEU A 105 12.21 -57.95 23.04
N ALA A 106 11.03 -57.99 23.66
CA ALA A 106 10.36 -56.76 24.03
C ALA A 106 11.08 -56.04 25.16
N LYS A 107 11.64 -56.79 26.11
CA LYS A 107 12.12 -56.21 27.36
C LYS A 107 13.62 -55.89 27.31
N GLU A 108 14.05 -55.23 26.22
CA GLU A 108 15.34 -54.55 26.14
C GLU A 108 15.19 -53.24 25.37
N PRO A 109 15.69 -52.14 25.89
CA PRO A 109 15.75 -50.90 25.12
C PRO A 109 17.08 -50.73 24.39
N ALA A 110 17.12 -49.73 23.52
CA ALA A 110 18.38 -49.27 22.97
C ALA A 110 19.20 -48.61 24.09
N LEU A 111 20.52 -48.77 24.03
CA LEU A 111 21.36 -48.39 25.17
C LEU A 111 22.52 -47.48 24.77
N CYS A 112 22.38 -46.77 23.66
CA CYS A 112 23.42 -45.83 23.22
C CYS A 112 22.96 -44.39 23.46
N GLU A 113 23.77 -43.46 22.96
CA GLU A 113 23.60 -42.03 23.26
C GLU A 113 22.30 -41.39 22.77
N PRO A 114 21.84 -41.52 21.46
CA PRO A 114 20.61 -40.79 21.11
C PRO A 114 19.34 -41.49 21.57
N PHE A 115 19.42 -42.78 21.88
CA PHE A 115 18.29 -43.55 22.39
C PHE A 115 18.78 -44.31 23.63
N VAL A 116 18.68 -43.68 24.80
CA VAL A 116 19.16 -44.28 26.04
C VAL A 116 18.14 -45.28 26.60
N GLY A 117 16.86 -45.10 26.30
CA GLY A 117 15.85 -46.01 26.82
C GLY A 117 14.73 -46.34 25.86
N GLN A 118 14.95 -46.14 24.56
CA GLN A 118 13.90 -46.37 23.58
C GLN A 118 13.69 -47.86 23.35
N THR A 119 12.46 -48.32 23.56
CA THR A 119 12.07 -49.70 23.34
C THR A 119 11.38 -49.83 22.00
N ALA A 120 10.99 -51.07 21.67
CA ALA A 120 10.19 -51.30 20.48
C ALA A 120 8.74 -50.85 20.68
N LEU A 121 8.31 -50.71 21.93
CA LEU A 121 6.96 -50.21 22.22
C LEU A 121 6.81 -48.76 21.80
N HIS A 122 7.85 -47.95 22.00
CA HIS A 122 7.82 -46.54 21.60
C HIS A 122 7.71 -46.40 20.08
N ILE A 123 8.42 -47.24 19.34
CA ILE A 123 8.39 -47.22 17.89
C ILE A 123 7.05 -47.74 17.38
N ALA A 124 6.50 -48.78 18.04
CA ALA A 124 5.22 -49.34 17.63
C ALA A 124 4.06 -48.38 17.89
N VAL A 125 4.12 -47.64 19.00
CA VAL A 125 3.11 -46.63 19.29
C VAL A 125 3.24 -45.43 18.37
N MET A 126 4.46 -44.99 18.06
CA MET A 126 4.66 -43.83 17.18
C MET A 126 4.24 -44.13 15.74
N ASN A 127 4.39 -45.37 15.29
CA ASN A 127 3.98 -45.76 13.95
C ASN A 127 2.49 -46.09 13.86
N GLN A 128 1.76 -46.06 15.00
CA GLN A 128 0.32 -46.27 15.10
C GLN A 128 -0.12 -47.64 14.57
N ASN A 129 0.68 -48.67 14.83
CA ASN A 129 0.34 -50.03 14.45
C ASN A 129 -0.32 -50.70 15.64
N LEU A 130 -1.65 -50.80 15.60
CA LEU A 130 -2.42 -51.29 16.74
C LEU A 130 -2.23 -52.77 16.97
N ASN A 131 -2.15 -53.55 15.88
CA ASN A 131 -1.93 -54.99 16.01
C ASN A 131 -0.53 -55.30 16.51
N LEU A 132 0.44 -54.48 16.14
CA LEU A 132 1.80 -54.63 16.66
C LEU A 132 1.88 -54.29 18.14
N VAL A 133 1.15 -53.25 18.58
CA VAL A 133 1.09 -52.91 20.00
C VAL A 133 0.40 -54.02 20.80
N ARG A 134 -0.65 -54.62 20.22
CA ARG A 134 -1.33 -55.75 20.87
C ARG A 134 -0.42 -56.97 20.98
N ALA A 135 0.27 -57.32 19.90
CA ALA A 135 1.13 -58.50 19.91
C ALA A 135 2.41 -58.27 20.71
N LEU A 136 2.79 -57.01 20.90
CA LEU A 136 4.00 -56.69 21.65
C LEU A 136 3.72 -56.54 23.14
N LEU A 137 2.53 -56.07 23.51
CA LEU A 137 2.13 -56.05 24.91
C LEU A 137 1.55 -57.39 25.36
N ALA A 138 1.28 -58.29 24.43
CA ALA A 138 0.90 -59.65 24.80
C ALA A 138 2.08 -60.39 25.43
N ARG A 139 3.29 -60.14 24.94
CA ARG A 139 4.48 -60.80 25.48
C ARG A 139 4.97 -60.18 26.77
N GLY A 140 4.50 -58.98 27.13
CA GLY A 140 4.90 -58.37 28.38
C GLY A 140 5.90 -57.24 28.24
N ALA A 141 5.70 -56.36 27.26
CA ALA A 141 6.53 -55.19 27.13
C ALA A 141 6.21 -54.17 28.22
N SER A 142 7.22 -53.43 28.65
CA SER A 142 7.08 -52.50 29.77
C SER A 142 6.36 -51.24 29.31
N VAL A 143 5.20 -50.97 29.90
CA VAL A 143 4.46 -49.75 29.56
C VAL A 143 5.01 -48.53 30.28
N SER A 144 5.77 -48.71 31.36
CA SER A 144 6.41 -47.62 32.07
C SER A 144 7.87 -47.44 31.64
N ALA A 145 8.19 -47.77 30.40
CA ALA A 145 9.55 -47.59 29.89
C ALA A 145 9.84 -46.11 29.69
N ARG A 146 10.99 -45.67 30.21
CA ARG A 146 11.35 -44.26 30.27
C ARG A 146 12.52 -44.03 29.32
N ALA A 147 12.22 -43.45 28.16
CA ALA A 147 13.21 -43.30 27.09
C ALA A 147 13.92 -41.95 27.22
N THR A 148 14.99 -41.94 28.02
CA THR A 148 15.75 -40.71 28.27
C THR A 148 16.85 -40.49 27.26
N GLY A 149 16.52 -40.57 25.97
CA GLY A 149 17.48 -40.35 24.92
C GLY A 149 17.62 -38.88 24.59
N ALA A 150 18.68 -38.55 23.86
CA ALA A 150 18.87 -37.17 23.42
C ALA A 150 17.90 -36.79 22.31
N ALA A 151 17.39 -37.76 21.55
CA ALA A 151 16.39 -37.47 20.53
C ALA A 151 15.02 -37.19 21.14
N PHE A 152 14.73 -37.74 22.31
CA PHE A 152 13.46 -37.51 22.99
C PHE A 152 13.60 -36.43 24.07
N ARG A 153 13.97 -35.24 23.62
CA ARG A 153 14.13 -34.09 24.51
C ARG A 153 13.49 -32.87 23.85
N ARG A 154 13.08 -31.91 24.67
CA ARG A 154 12.54 -30.65 24.18
C ARG A 154 13.71 -29.76 23.78
N SER A 155 14.20 -29.97 22.57
CA SER A 155 15.36 -29.28 22.03
C SER A 155 15.03 -28.73 20.65
N PRO A 156 15.71 -27.66 20.22
CA PRO A 156 15.54 -27.20 18.83
C PRO A 156 16.16 -28.14 17.80
N HIS A 157 17.04 -29.06 18.21
CA HIS A 157 17.60 -30.03 17.28
C HIS A 157 16.57 -31.03 16.81
N ASN A 158 15.68 -31.46 17.72
CA ASN A 158 14.68 -32.46 17.40
C ASN A 158 13.47 -31.83 16.72
N LEU A 159 12.90 -32.57 15.77
CA LEU A 159 11.72 -32.09 15.05
C LEU A 159 10.46 -32.20 15.89
N ILE A 160 10.33 -33.25 16.70
CA ILE A 160 9.18 -33.44 17.57
C ILE A 160 9.69 -33.62 18.99
N TYR A 161 8.78 -33.43 19.95
CA TYR A 161 9.03 -33.72 21.35
C TYR A 161 7.78 -34.41 21.88
N TYR A 162 7.81 -35.75 21.88
CA TYR A 162 6.65 -36.58 22.17
C TYR A 162 6.70 -37.23 23.54
N GLY A 163 7.84 -37.22 24.21
CA GLY A 163 7.94 -37.66 25.58
C GLY A 163 9.00 -38.70 25.81
N GLU A 164 8.91 -39.36 26.97
CA GLU A 164 9.77 -40.47 27.32
C GLU A 164 8.97 -41.73 27.60
N HIS A 165 7.64 -41.63 27.61
CA HIS A 165 6.74 -42.73 27.91
C HIS A 165 5.93 -43.10 26.68
N PRO A 166 5.51 -44.37 26.56
CA PRO A 166 4.64 -44.74 25.43
C PRO A 166 3.25 -44.12 25.47
N LEU A 167 2.76 -43.77 26.65
CA LEU A 167 1.43 -43.17 26.74
C LEU A 167 1.47 -41.71 26.30
N SER A 168 2.58 -41.02 26.59
CA SER A 168 2.79 -39.68 26.06
C SER A 168 2.93 -39.72 24.54
N PHE A 169 3.57 -40.77 24.02
CA PHE A 169 3.70 -40.97 22.59
C PHE A 169 2.34 -41.21 21.95
N ALA A 170 1.47 -41.98 22.61
CA ALA A 170 0.15 -42.27 22.09
C ALA A 170 -0.76 -41.05 22.17
N ALA A 171 -0.59 -40.21 23.18
CA ALA A 171 -1.35 -38.98 23.27
C ALA A 171 -0.90 -37.97 22.21
N CYS A 172 0.41 -37.89 21.96
CA CYS A 172 0.90 -36.93 20.98
C CYS A 172 0.67 -37.38 19.54
N VAL A 173 0.61 -38.69 19.29
CA VAL A 173 0.44 -39.13 17.91
C VAL A 173 -1.03 -39.09 17.47
N GLY A 174 -1.96 -39.08 18.42
CA GLY A 174 -3.37 -38.93 18.09
C GLY A 174 -4.14 -40.20 17.86
N SER A 175 -3.89 -41.25 18.63
CA SER A 175 -4.59 -42.52 18.49
C SER A 175 -5.39 -42.77 19.77
N GLU A 176 -6.71 -42.93 19.63
CA GLU A 176 -7.56 -43.14 20.79
C GLU A 176 -7.43 -44.56 21.34
N GLU A 177 -7.40 -45.55 20.44
CA GLU A 177 -7.48 -46.94 20.86
C GLU A 177 -6.17 -47.41 21.47
N ILE A 178 -5.04 -46.86 21.00
CA ILE A 178 -3.74 -47.16 21.60
C ILE A 178 -3.68 -46.58 23.01
N VAL A 179 -4.26 -45.39 23.22
CA VAL A 179 -4.34 -44.78 24.55
C VAL A 179 -5.20 -45.63 25.49
N ARG A 180 -6.36 -46.09 25.00
CA ARG A 180 -7.27 -46.90 25.81
C ARG A 180 -6.67 -48.26 26.14
N LEU A 181 -5.94 -48.86 25.19
CA LEU A 181 -5.29 -50.14 25.44
C LEU A 181 -4.08 -49.99 26.35
N LEU A 182 -3.46 -48.81 26.36
CA LEU A 182 -2.36 -48.58 27.29
C LEU A 182 -2.88 -48.35 28.71
N ILE A 183 -4.04 -47.72 28.86
CA ILE A 183 -4.69 -47.63 30.16
C ILE A 183 -5.15 -49.01 30.64
N GLU A 184 -5.59 -49.85 29.69
CA GLU A 184 -6.03 -51.21 30.04
C GLU A 184 -4.88 -52.10 30.49
N HIS A 185 -3.65 -51.80 30.06
CA HIS A 185 -2.47 -52.57 30.47
C HIS A 185 -1.50 -51.63 31.20
N GLY A 186 -1.73 -51.46 32.50
CA GLY A 186 -0.84 -50.65 33.34
C GLY A 186 -0.88 -49.18 32.97
N ALA A 187 0.32 -48.57 32.98
CA ALA A 187 0.61 -47.23 32.44
C ALA A 187 -0.21 -46.14 33.11
N ASP A 188 0.13 -45.88 34.37
CA ASP A 188 -0.49 -44.79 35.11
C ASP A 188 -0.18 -43.44 34.45
N ILE A 189 -1.15 -42.53 34.53
CA ILE A 189 -1.05 -41.29 33.77
C ILE A 189 -0.10 -40.31 34.47
N ARG A 190 -0.04 -40.34 35.81
CA ARG A 190 0.83 -39.46 36.56
C ARG A 190 2.30 -39.87 36.51
N ALA A 191 2.90 -39.82 35.33
CA ALA A 191 4.31 -40.13 35.12
C ALA A 191 4.98 -38.91 34.53
N GLN A 192 6.00 -38.40 35.21
CA GLN A 192 6.68 -37.18 34.82
C GLN A 192 8.00 -37.55 34.13
N ASP A 193 8.16 -37.07 32.91
CA ASP A 193 9.43 -37.19 32.18
C ASP A 193 10.31 -35.98 32.52
N SER A 194 11.33 -35.75 31.70
CA SER A 194 12.27 -34.65 31.93
C SER A 194 11.59 -33.30 31.76
N LEU A 195 12.11 -32.31 32.51
CA LEU A 195 11.58 -30.96 32.72
C LEU A 195 10.18 -30.97 33.34
N GLY A 196 9.83 -32.04 34.05
CA GLY A 196 8.63 -32.10 34.87
C GLY A 196 7.32 -32.24 34.13
N ASN A 197 7.34 -32.47 32.82
CA ASN A 197 6.10 -32.55 32.06
C ASN A 197 5.42 -33.89 32.28
N THR A 198 4.12 -33.86 32.57
CA THR A 198 3.30 -35.06 32.50
C THR A 198 2.70 -35.12 31.10
N VAL A 199 1.69 -35.98 30.93
CA VAL A 199 1.13 -36.21 29.60
C VAL A 199 0.24 -35.03 29.19
N LEU A 200 -0.38 -34.36 30.17
CA LEU A 200 -1.20 -33.18 29.88
C LEU A 200 -0.37 -32.00 29.40
N HIS A 201 0.81 -31.81 30.00
CA HIS A 201 1.74 -30.75 29.60
C HIS A 201 2.21 -30.94 28.16
N ILE A 202 2.53 -32.19 27.80
CA ILE A 202 3.02 -32.46 26.46
C ILE A 202 1.88 -32.54 25.45
N LEU A 203 0.65 -32.78 25.91
CA LEU A 203 -0.51 -32.64 25.02
C LEU A 203 -0.78 -31.19 24.69
N ILE A 204 -0.55 -30.29 25.66
CA ILE A 204 -0.66 -28.87 25.39
C ILE A 204 0.49 -28.38 24.49
N LEU A 205 1.70 -28.93 24.68
CA LEU A 205 2.86 -28.50 23.91
C LEU A 205 2.83 -28.91 22.43
N GLN A 206 1.92 -29.80 22.00
CA GLN A 206 1.88 -30.15 20.59
C GLN A 206 1.18 -29.07 19.76
N PRO A 207 1.55 -28.93 18.50
CA PRO A 207 0.70 -28.21 17.53
C PRO A 207 -0.34 -29.17 16.98
N ASN A 208 -1.13 -28.65 16.01
CA ASN A 208 -2.22 -29.36 15.32
C ASN A 208 -3.26 -29.87 16.32
N LYS A 209 -3.93 -28.90 16.95
CA LYS A 209 -4.84 -29.02 18.09
C LYS A 209 -6.22 -29.60 17.74
N THR A 210 -6.43 -30.20 16.57
CA THR A 210 -7.72 -30.80 16.24
C THR A 210 -8.01 -32.01 17.12
N PHE A 211 -6.99 -32.83 17.39
CA PHE A 211 -7.13 -34.00 18.23
C PHE A 211 -6.58 -33.82 19.64
N ALA A 212 -6.07 -32.63 19.98
CA ALA A 212 -5.46 -32.43 21.29
C ALA A 212 -6.51 -32.28 22.38
N CYS A 213 -7.62 -31.59 22.07
CA CYS A 213 -8.65 -31.35 23.07
C CYS A 213 -9.43 -32.62 23.41
N GLN A 214 -9.70 -33.44 22.40
CA GLN A 214 -10.39 -34.71 22.62
C GLN A 214 -9.52 -35.69 23.40
N MET A 215 -8.22 -35.71 23.10
CA MET A 215 -7.27 -36.53 23.84
C MET A 215 -7.15 -36.08 25.29
N TYR A 216 -7.12 -34.75 25.50
CA TYR A 216 -7.01 -34.19 26.84
C TYR A 216 -8.26 -34.48 27.67
N ASN A 217 -9.43 -34.39 27.04
CA ASN A 217 -10.69 -34.71 27.71
C ASN A 217 -10.77 -36.22 28.00
N LEU A 218 -10.22 -37.04 27.11
CA LEU A 218 -10.30 -38.49 27.29
C LEU A 218 -9.36 -38.96 28.41
N LEU A 219 -8.19 -38.34 28.55
CA LEU A 219 -7.37 -38.67 29.72
C LEU A 219 -7.84 -37.98 30.99
N LEU A 220 -8.59 -36.89 30.89
CA LEU A 220 -9.22 -36.35 32.10
C LEU A 220 -10.40 -37.21 32.54
N SER A 221 -10.98 -37.99 31.61
CA SER A 221 -11.99 -38.95 32.01
C SER A 221 -11.40 -40.09 32.82
N TYR A 222 -10.17 -40.51 32.50
CA TYR A 222 -9.52 -41.59 33.24
C TYR A 222 -8.84 -41.11 34.51
N ASP A 223 -8.76 -39.80 34.75
CA ASP A 223 -8.08 -39.26 35.92
C ASP A 223 -9.03 -39.32 37.11
N GLU A 224 -8.96 -40.43 37.86
CA GLU A 224 -9.70 -40.60 39.10
C GLU A 224 -8.71 -41.05 40.17
N HIS A 225 -8.03 -40.06 40.78
CA HIS A 225 -6.99 -40.22 41.82
C HIS A 225 -5.87 -41.21 41.45
N GLN A 230 -4.24 -34.31 45.48
CA GLN A 230 -4.01 -33.38 44.38
C GLN A 230 -4.37 -34.03 43.05
N SER A 231 -5.04 -33.27 42.19
CA SER A 231 -5.45 -33.77 40.89
C SER A 231 -4.27 -33.74 39.91
N LEU A 232 -4.50 -34.35 38.75
CA LEU A 232 -3.48 -34.39 37.69
C LEU A 232 -3.29 -33.02 37.05
N GLU A 233 -4.35 -32.21 37.02
CA GLU A 233 -4.31 -30.88 36.42
C GLU A 233 -3.45 -29.89 37.19
N LEU A 234 -3.15 -30.16 38.47
CA LEU A 234 -2.36 -29.26 39.30
C LEU A 234 -0.91 -29.72 39.46
N VAL A 235 -0.48 -30.76 38.76
CA VAL A 235 0.90 -31.23 38.84
C VAL A 235 1.79 -30.31 38.03
N PRO A 236 2.81 -29.70 38.63
CA PRO A 236 3.63 -28.72 37.89
C PRO A 236 4.81 -29.35 37.17
N ASN A 237 5.59 -28.50 36.50
CA ASN A 237 6.84 -28.89 35.87
C ASN A 237 7.97 -28.91 36.92
N HIS A 238 9.18 -29.14 36.44
CA HIS A 238 10.37 -28.76 37.20
C HIS A 238 10.59 -27.26 37.17
N GLN A 239 10.04 -26.57 36.17
CA GLN A 239 9.94 -25.13 36.14
C GLN A 239 8.83 -24.61 37.06
N GLY A 240 7.88 -25.47 37.43
CA GLY A 240 6.80 -25.10 38.31
C GLY A 240 5.50 -24.72 37.62
N LEU A 241 5.37 -25.02 36.33
CA LEU A 241 4.22 -24.55 35.55
C LEU A 241 3.08 -25.57 35.59
N THR A 242 1.91 -25.10 36.01
CA THR A 242 0.64 -25.79 35.83
C THR A 242 0.35 -25.90 34.33
N PRO A 243 -0.36 -26.96 33.88
CA PRO A 243 -0.78 -27.01 32.46
C PRO A 243 -1.65 -25.85 32.01
N PHE A 244 -2.44 -25.28 32.92
CA PHE A 244 -3.09 -24.00 32.66
C PHE A 244 -2.05 -22.90 32.42
N LYS A 245 -1.04 -22.83 33.29
CA LYS A 245 0.01 -21.83 33.12
C LYS A 245 0.92 -22.14 31.93
N LEU A 246 1.11 -23.43 31.62
CA LEU A 246 1.90 -23.80 30.44
C LEU A 246 1.16 -23.47 29.16
N ALA A 247 -0.17 -23.61 29.15
CA ALA A 247 -0.96 -23.16 28.01
C ALA A 247 -0.96 -21.64 27.90
N GLY A 248 -0.85 -20.95 29.05
CA GLY A 248 -0.70 -19.51 29.01
C GLY A 248 0.63 -19.05 28.45
N VAL A 249 1.71 -19.74 28.81
CA VAL A 249 3.05 -19.40 28.31
C VAL A 249 3.17 -19.75 26.82
N GLU A 250 2.72 -20.94 26.43
CA GLU A 250 2.93 -21.41 25.07
C GLU A 250 2.01 -20.73 24.06
N GLY A 251 0.95 -20.07 24.51
CA GLY A 251 0.05 -19.40 23.59
C GLY A 251 -0.98 -20.30 22.95
N ASN A 252 -1.26 -21.45 23.55
CA ASN A 252 -2.24 -22.40 23.02
C ASN A 252 -3.62 -21.88 23.36
N THR A 253 -4.17 -21.04 22.49
CA THR A 253 -5.42 -20.34 22.79
C THR A 253 -6.63 -21.24 22.64
N VAL A 254 -6.58 -22.19 21.69
CA VAL A 254 -7.65 -23.16 21.51
C VAL A 254 -7.74 -24.08 22.73
N MET A 255 -6.58 -24.50 23.23
CA MET A 255 -6.55 -25.27 24.47
C MET A 255 -6.93 -24.41 25.68
N PHE A 256 -6.66 -23.10 25.62
CA PHE A 256 -7.02 -22.22 26.72
C PHE A 256 -8.54 -22.05 26.83
N GLN A 257 -9.22 -21.86 25.69
CA GLN A 257 -10.67 -21.76 25.74
C GLN A 257 -11.31 -23.13 26.00
N HIS A 258 -10.64 -24.22 25.61
CA HIS A 258 -11.11 -25.55 25.99
C HIS A 258 -10.99 -25.78 27.49
N LEU A 259 -9.94 -25.24 28.12
CA LEU A 259 -9.78 -25.36 29.56
C LEU A 259 -10.77 -24.48 30.31
N MET A 260 -11.08 -23.30 29.77
CA MET A 260 -12.04 -22.44 30.46
C MET A 260 -13.48 -22.79 30.11
N GLN A 261 -13.70 -23.73 29.18
CA GLN A 261 -15.01 -24.35 29.08
C GLN A 261 -15.33 -25.16 30.33
N LYS A 262 -14.33 -25.83 30.91
CA LYS A 262 -14.54 -26.61 32.13
C LYS A 262 -14.46 -25.78 33.39
N ARG A 263 -13.96 -24.54 33.32
CA ARG A 263 -13.80 -23.69 34.49
C ARG A 263 -14.81 -22.54 34.50
N LYS A 264 -15.97 -22.73 33.89
CA LYS A 264 -16.98 -21.69 33.81
C LYS A 264 -18.34 -22.26 34.16
N HIS A 265 -19.24 -21.37 34.55
CA HIS A 265 -20.62 -21.74 34.87
C HIS A 265 -21.53 -20.71 34.24
N VAL A 266 -22.41 -21.16 33.35
CA VAL A 266 -23.41 -20.29 32.74
C VAL A 266 -24.48 -20.03 33.78
N GLN A 267 -24.60 -18.76 34.21
CA GLN A 267 -25.60 -18.41 35.21
C GLN A 267 -27.00 -18.46 34.62
N TRP A 268 -27.24 -17.71 33.56
CA TRP A 268 -28.54 -17.78 32.89
C TRP A 268 -28.39 -17.38 31.43
N THR A 269 -29.44 -17.64 30.66
CA THR A 269 -29.59 -17.09 29.32
C THR A 269 -31.04 -16.65 29.16
N CYS A 270 -31.24 -15.48 28.56
CA CYS A 270 -32.59 -14.92 28.40
C CYS A 270 -32.68 -14.39 26.98
N GLY A 271 -33.08 -15.25 26.05
CA GLY A 271 -33.21 -14.87 24.67
C GLY A 271 -31.86 -14.73 23.98
N PRO A 272 -31.55 -13.52 23.49
CA PRO A 272 -30.32 -13.35 22.71
C PRO A 272 -29.06 -13.24 23.54
N LEU A 273 -29.19 -12.89 24.81
CA LEU A 273 -28.03 -12.61 25.65
C LEU A 273 -27.97 -13.58 26.82
N THR A 274 -26.75 -13.93 27.21
CA THR A 274 -26.49 -14.85 28.31
C THR A 274 -25.53 -14.20 29.29
N SER A 275 -25.59 -14.67 30.53
CA SER A 275 -24.67 -14.27 31.58
C SER A 275 -24.01 -15.52 32.13
N THR A 276 -22.67 -15.54 32.12
CA THR A 276 -21.89 -16.67 32.58
C THR A 276 -20.81 -16.21 33.55
N LEU A 277 -20.27 -17.16 34.29
CA LEU A 277 -19.47 -16.89 35.48
C LEU A 277 -18.16 -17.68 35.41
N TYR A 278 -17.10 -17.03 34.95
CA TYR A 278 -15.79 -17.64 34.87
C TYR A 278 -15.12 -17.66 36.24
N ASP A 279 -14.18 -18.59 36.40
CA ASP A 279 -13.45 -18.77 37.66
C ASP A 279 -12.05 -18.20 37.51
N LEU A 280 -11.65 -17.35 38.45
CA LEU A 280 -10.34 -16.70 38.43
C LEU A 280 -9.36 -17.32 39.40
N THR A 281 -9.50 -18.61 39.71
CA THR A 281 -8.57 -19.25 40.62
C THR A 281 -7.20 -19.45 39.98
N GLU A 282 -7.18 -19.91 38.73
CA GLU A 282 -5.94 -20.16 38.01
C GLU A 282 -5.52 -19.00 37.11
N ILE A 283 -6.31 -17.95 37.02
CA ILE A 283 -5.97 -16.77 36.22
C ILE A 283 -5.44 -15.64 37.08
N ASP A 284 -6.19 -15.24 38.11
CA ASP A 284 -5.72 -14.22 39.03
C ASP A 284 -4.59 -14.75 39.91
N SER A 285 -4.82 -15.91 40.54
CA SER A 285 -3.83 -16.72 41.27
C SER A 285 -3.19 -15.93 42.42
N TRP A 286 -4.04 -15.65 43.41
CA TRP A 286 -3.75 -14.77 44.55
C TRP A 286 -2.58 -15.25 45.41
N GLY A 287 -2.61 -16.51 45.85
CA GLY A 287 -1.64 -16.99 46.82
C GLY A 287 -0.28 -17.35 46.25
N GLU A 288 -0.18 -17.56 44.94
CA GLU A 288 1.08 -17.96 44.34
C GLU A 288 2.01 -16.77 44.16
N GLU A 289 3.31 -17.01 44.35
CA GLU A 289 4.31 -15.96 44.18
C GLU A 289 4.47 -15.60 42.71
N LEU A 290 4.59 -16.61 41.84
CA LEU A 290 4.57 -16.38 40.40
C LEU A 290 3.12 -16.52 39.95
N SER A 291 2.58 -15.44 39.37
CA SER A 291 1.19 -15.47 38.96
C SER A 291 1.09 -15.90 37.50
N PHE A 292 -0.15 -16.17 37.07
CA PHE A 292 -0.40 -16.62 35.70
C PHE A 292 -0.10 -15.53 34.69
N LEU A 293 -0.45 -14.28 35.01
CA LEU A 293 -0.35 -13.20 34.05
C LEU A 293 1.10 -12.79 33.81
N GLU A 294 1.96 -12.88 34.83
CA GLU A 294 3.38 -12.58 34.67
C GLU A 294 4.07 -13.61 33.78
N LEU A 295 3.66 -14.89 33.88
CA LEU A 295 4.20 -15.90 32.99
C LEU A 295 3.63 -15.75 31.59
N VAL A 296 2.42 -15.19 31.46
CA VAL A 296 1.85 -14.99 30.13
C VAL A 296 2.54 -13.84 29.41
N VAL A 297 2.67 -12.68 30.05
CA VAL A 297 2.99 -11.49 29.28
C VAL A 297 4.50 -11.37 29.08
N SER A 298 5.29 -12.07 29.90
CA SER A 298 6.75 -12.02 29.83
C SER A 298 7.32 -13.30 29.24
N SER A 299 6.64 -13.85 28.24
CA SER A 299 7.09 -15.05 27.54
C SER A 299 7.76 -14.66 26.24
N LYS A 300 8.69 -15.51 25.79
CA LYS A 300 9.50 -15.19 24.62
C LYS A 300 8.83 -15.58 23.32
N LYS A 301 7.63 -16.15 23.37
CA LYS A 301 6.95 -16.59 22.16
C LYS A 301 6.36 -15.40 21.41
N ARG A 302 6.24 -15.53 20.09
CA ARG A 302 5.56 -14.52 19.29
C ARG A 302 4.07 -14.52 19.58
N GLU A 303 3.52 -15.68 19.92
CA GLU A 303 2.17 -15.79 20.44
C GLU A 303 2.19 -15.56 21.95
N ALA A 304 1.10 -15.94 22.62
CA ALA A 304 0.74 -15.74 24.04
C ALA A 304 0.50 -14.30 24.42
N ARG A 305 0.52 -13.36 23.46
CA ARG A 305 -0.11 -12.06 23.63
C ARG A 305 -1.48 -12.01 22.99
N GLN A 306 -1.84 -13.02 22.20
CA GLN A 306 -3.20 -13.22 21.71
C GLN A 306 -4.04 -14.05 22.66
N ILE A 307 -3.43 -14.61 23.72
CA ILE A 307 -4.18 -15.26 24.79
C ILE A 307 -4.67 -14.24 25.81
N LEU A 308 -4.20 -12.99 25.74
CA LEU A 308 -4.73 -11.90 26.53
C LEU A 308 -6.01 -11.33 25.98
N GLU A 309 -6.42 -11.76 24.78
CA GLU A 309 -7.67 -11.34 24.16
C GLU A 309 -8.75 -12.39 24.31
N GLN A 310 -8.56 -13.39 25.16
CA GLN A 310 -9.56 -14.41 25.40
C GLN A 310 -10.68 -13.88 26.30
N THR A 311 -11.72 -14.69 26.45
CA THR A 311 -12.95 -14.24 27.11
C THR A 311 -12.82 -13.88 28.60
N PRO A 312 -12.14 -14.65 29.48
CA PRO A 312 -12.02 -14.12 30.86
C PRO A 312 -10.90 -13.09 31.00
N VAL A 313 -9.79 -13.28 30.29
CA VAL A 313 -8.56 -12.55 30.58
C VAL A 313 -8.66 -11.10 30.11
N LYS A 314 -9.27 -10.87 28.94
CA LYS A 314 -9.39 -9.52 28.39
C LYS A 314 -10.32 -8.66 29.23
N GLU A 315 -11.44 -9.24 29.69
CA GLU A 315 -12.36 -8.53 30.58
C GLU A 315 -11.74 -8.29 31.96
N LEU A 316 -10.95 -9.25 32.45
CA LEU A 316 -10.30 -9.09 33.76
C LEU A 316 -9.24 -7.99 33.74
N VAL A 317 -8.37 -8.00 32.74
CA VAL A 317 -7.34 -6.96 32.69
C VAL A 317 -7.91 -5.64 32.20
N SER A 318 -9.06 -5.65 31.51
CA SER A 318 -9.72 -4.40 31.16
C SER A 318 -10.32 -3.72 32.39
N PHE A 319 -10.98 -4.51 33.26
CA PHE A 319 -11.48 -3.96 34.51
C PHE A 319 -10.33 -3.53 35.42
N LYS A 320 -9.24 -4.30 35.41
CA LYS A 320 -8.08 -3.98 36.25
C LYS A 320 -7.35 -2.74 35.75
N TRP A 321 -7.43 -2.46 34.44
CA TRP A 321 -6.74 -1.29 33.89
C TRP A 321 -7.60 -0.03 34.00
N LYS A 322 -8.91 -0.14 33.75
CA LYS A 322 -9.77 1.05 33.88
C LYS A 322 -9.99 1.41 35.34
N LYS A 323 -10.15 0.42 36.21
CA LYS A 323 -10.53 0.71 37.59
C LYS A 323 -9.34 1.23 38.40
N TYR A 324 -8.17 0.62 38.25
CA TYR A 324 -7.01 1.02 39.04
C TYR A 324 -5.75 1.26 38.22
N GLY A 325 -5.65 0.73 37.00
CA GLY A 325 -4.39 0.78 36.28
C GLY A 325 -4.07 2.15 35.72
N ARG A 326 -4.97 2.70 34.90
CA ARG A 326 -4.78 4.01 34.28
C ARG A 326 -4.71 5.21 35.24
N PRO A 327 -5.55 5.36 36.30
CA PRO A 327 -5.32 6.49 37.23
C PRO A 327 -4.02 6.43 38.00
N TYR A 328 -3.60 5.23 38.44
CA TYR A 328 -2.34 5.10 39.15
C TYR A 328 -1.15 5.32 38.22
N PHE A 329 -1.28 4.89 36.96
CA PHE A 329 -0.23 5.14 35.98
C PHE A 329 -0.15 6.61 35.61
N CYS A 330 -1.29 7.31 35.58
CA CYS A 330 -1.27 8.74 35.30
C CYS A 330 -0.71 9.53 36.48
N VAL A 331 -0.97 9.07 37.71
CA VAL A 331 -0.38 9.69 38.90
C VAL A 331 1.13 9.51 38.92
N LEU A 332 1.60 8.30 38.58
CA LEU A 332 3.04 8.03 38.50
C LEU A 332 3.70 8.79 37.37
N ALA A 333 2.99 8.95 36.24
CA ALA A 333 3.51 9.71 35.11
C ALA A 333 3.64 11.20 35.44
N SER A 334 2.63 11.77 36.11
CA SER A 334 2.68 13.17 36.52
C SER A 334 3.75 13.40 37.58
N LEU A 335 3.93 12.43 38.48
CA LEU A 335 4.96 12.54 39.51
C LEU A 335 6.36 12.45 38.90
N TYR A 336 6.57 11.59 37.90
CA TYR A 336 7.87 11.51 37.26
C TYR A 336 8.13 12.71 36.37
N ILE A 337 7.09 13.27 35.76
CA ILE A 337 7.23 14.50 34.96
C ILE A 337 7.61 15.68 35.86
N LEU A 338 6.98 15.78 37.04
CA LEU A 338 7.35 16.82 38.00
C LEU A 338 8.74 16.60 38.57
N TYR A 339 9.15 15.33 38.74
CA TYR A 339 10.49 15.02 39.22
C TYR A 339 11.55 15.40 38.19
N MET A 340 11.27 15.17 36.91
CA MET A 340 12.23 15.61 35.88
C MET A 340 12.19 17.11 35.64
N ILE A 341 11.06 17.77 35.93
CA ILE A 341 11.03 19.24 35.93
C ILE A 341 11.93 19.78 37.05
N CYS A 342 11.89 19.14 38.22
CA CYS A 342 12.79 19.49 39.33
C CYS A 342 14.25 19.22 38.97
N PHE A 343 14.53 18.10 38.30
CA PHE A 343 15.90 17.79 37.88
C PHE A 343 16.40 18.75 36.80
N THR A 344 15.52 19.15 35.88
CA THR A 344 15.88 20.12 34.86
C THR A 344 16.15 21.49 35.46
N THR A 345 15.32 21.91 36.43
CA THR A 345 15.53 23.19 37.10
C THR A 345 16.79 23.19 37.96
N CYS A 346 17.12 22.05 38.58
CA CYS A 346 18.39 21.93 39.28
C CYS A 346 19.58 21.79 38.33
N CYS A 347 19.35 21.41 37.08
CA CYS A 347 20.42 21.43 36.08
C CYS A 347 20.66 22.82 35.50
N ILE A 348 19.62 23.63 35.28
CA ILE A 348 19.79 24.95 34.66
C ILE A 348 20.54 25.88 35.60
N TYR A 349 20.12 25.96 36.86
CA TYR A 349 20.84 26.71 37.88
C TYR A 349 21.96 25.81 38.38
N ARG A 350 23.20 26.23 38.17
CA ARG A 350 24.37 25.46 38.51
C ARG A 350 25.37 26.34 39.25
N PRO A 351 26.24 25.73 40.09
CA PRO A 351 27.31 26.52 40.71
C PRO A 351 28.41 26.89 39.71
N LEU A 352 28.17 27.93 38.92
CA LEU A 352 29.12 28.40 37.92
C LEU A 352 29.58 29.80 38.24
N LYS A 353 30.90 30.01 38.17
CA LYS A 353 31.52 31.29 38.43
C LYS A 353 32.43 31.64 37.27
N LEU A 354 32.98 32.86 37.32
CA LEU A 354 33.93 33.29 36.29
C LEU A 354 35.25 32.56 36.46
N ARG A 355 35.92 32.31 35.34
CA ARG A 355 37.17 31.55 35.36
C ARG A 355 38.30 32.38 35.93
N ASP A 356 39.30 31.70 36.51
CA ASP A 356 40.38 32.41 37.18
C ASP A 356 41.51 32.73 36.21
N ASP A 357 41.82 31.83 35.29
CA ASP A 357 42.89 32.03 34.33
C ASP A 357 42.36 32.72 33.08
N ASN A 358 43.09 33.74 32.62
CA ASN A 358 42.71 34.42 31.40
C ASN A 358 43.04 33.56 30.18
N ARG A 359 42.27 33.76 29.11
CA ARG A 359 42.43 33.00 27.88
C ARG A 359 43.41 33.73 26.96
N THR A 360 44.67 33.30 26.98
CA THR A 360 45.68 33.81 26.06
C THR A 360 45.72 33.02 24.76
N ASP A 361 44.88 32.01 24.61
CA ASP A 361 44.81 31.16 23.43
C ASP A 361 43.60 31.56 22.60
N PRO A 362 43.77 31.85 21.30
CA PRO A 362 42.59 32.01 20.45
C PRO A 362 41.87 30.70 20.21
N ARG A 363 40.64 30.82 19.71
CA ARG A 363 39.59 29.81 19.47
C ARG A 363 38.99 29.26 20.75
N ASP A 364 39.38 29.74 21.93
CA ASP A 364 38.85 29.26 23.20
C ASP A 364 37.77 30.22 23.67
N ILE A 365 36.56 29.71 23.89
CA ILE A 365 35.41 30.53 24.23
C ILE A 365 34.87 30.24 25.62
N THR A 366 35.58 29.43 26.42
CA THR A 366 35.13 29.13 27.77
C THR A 366 35.35 30.34 28.67
N ILE A 367 34.26 30.89 29.19
CA ILE A 367 34.31 32.07 30.05
C ILE A 367 33.91 31.78 31.48
N LEU A 368 33.27 30.64 31.74
CA LEU A 368 32.82 30.27 33.07
C LEU A 368 33.37 28.89 33.41
N GLN A 369 33.50 28.63 34.71
CA GLN A 369 33.89 27.31 35.20
C GLN A 369 33.04 27.00 36.41
N GLN A 370 32.85 25.71 36.68
CA GLN A 370 32.10 25.31 37.85
C GLN A 370 32.94 25.51 39.11
N LYS A 371 32.31 26.00 40.17
CA LYS A 371 33.03 26.36 41.37
C LYS A 371 33.12 25.18 42.32
N LEU A 372 33.90 25.37 43.38
CA LEU A 372 34.14 24.30 44.35
C LEU A 372 32.92 24.09 45.24
N LEU A 373 32.95 22.97 45.97
CA LEU A 373 31.81 22.58 46.79
C LEU A 373 31.66 23.47 48.01
N GLN A 374 32.77 23.98 48.55
CA GLN A 374 32.73 24.84 49.73
C GLN A 374 32.15 26.21 49.41
N GLU A 375 32.27 26.67 48.17
CA GLU A 375 31.68 27.93 47.74
C GLU A 375 30.40 27.74 46.93
N ALA A 376 29.93 26.50 46.76
CA ALA A 376 28.77 26.24 45.92
C ALA A 376 27.48 26.68 46.60
N TYR A 377 27.33 26.44 47.89
CA TYR A 377 26.09 26.71 48.61
C TYR A 377 26.35 27.69 49.74
N VAL A 378 26.43 28.98 49.40
CA VAL A 378 26.12 30.04 50.35
C VAL A 378 25.29 31.15 49.66
N THR A 379 23.97 30.91 49.63
CA THR A 379 22.91 31.73 49.02
C THR A 379 21.62 31.03 49.42
N HIS A 380 20.52 31.75 49.62
CA HIS A 380 19.21 31.12 49.79
C HIS A 380 18.80 30.37 48.52
N GLN A 381 19.12 30.93 47.34
CA GLN A 381 18.80 30.26 46.08
C GLN A 381 19.65 29.00 45.88
N ASP A 382 20.88 29.00 46.40
CA ASP A 382 21.67 27.78 46.36
C ASP A 382 21.14 26.73 47.32
N ASN A 383 20.48 27.15 48.41
CA ASN A 383 19.82 26.20 49.29
C ASN A 383 18.56 25.63 48.64
N ILE A 384 17.84 26.45 47.88
CA ILE A 384 16.70 25.99 47.08
C ILE A 384 17.15 25.00 46.00
N ARG A 385 18.33 25.24 45.42
CA ARG A 385 18.92 24.25 44.52
C ARG A 385 19.35 22.99 45.26
N LEU A 386 19.87 23.14 46.48
CA LEU A 386 20.41 22.00 47.23
C LEU A 386 19.30 21.04 47.67
N VAL A 387 18.15 21.57 48.09
CA VAL A 387 17.06 20.70 48.50
C VAL A 387 16.47 19.96 47.29
N GLY A 388 16.47 20.58 46.11
CA GLY A 388 16.05 19.89 44.91
C GLY A 388 17.05 18.86 44.43
N GLU A 389 18.34 19.12 44.70
CA GLU A 389 19.38 18.11 44.44
C GLU A 389 19.20 16.91 45.37
N LEU A 390 18.80 17.16 46.63
CA LEU A 390 18.50 16.07 47.55
C LEU A 390 17.26 15.29 47.09
N VAL A 391 16.26 16.00 46.54
CA VAL A 391 15.07 15.36 45.99
C VAL A 391 15.42 14.46 44.80
N THR A 392 16.27 14.93 43.88
CA THR A 392 16.58 14.09 42.74
C THR A 392 17.58 12.97 43.07
N VAL A 393 18.41 13.14 44.11
CA VAL A 393 19.24 12.04 44.59
C VAL A 393 18.36 10.96 45.25
N THR A 394 17.35 11.38 46.02
CA THR A 394 16.37 10.47 46.60
C THR A 394 15.57 9.75 45.52
N GLY A 395 15.21 10.47 44.45
CA GLY A 395 14.51 9.85 43.34
C GLY A 395 15.34 8.84 42.58
N ALA A 396 16.64 9.13 42.40
CA ALA A 396 17.53 8.18 41.74
C ALA A 396 17.75 6.93 42.57
N VAL A 397 17.87 7.07 43.90
CA VAL A 397 18.12 5.88 44.71
C VAL A 397 16.84 5.07 44.89
N ILE A 398 15.65 5.71 44.84
CA ILE A 398 14.45 4.88 44.90
C ILE A 398 14.16 4.26 43.53
N ILE A 399 14.63 4.88 42.44
CA ILE A 399 14.59 4.23 41.13
C ILE A 399 15.47 2.98 41.12
N LEU A 400 16.66 3.07 41.71
CA LEU A 400 17.53 1.90 41.81
C LEU A 400 16.94 0.83 42.73
N LEU A 401 16.35 1.24 43.86
CA LEU A 401 15.74 0.27 44.77
C LEU A 401 14.47 -0.36 44.19
N LEU A 402 13.82 0.30 43.24
CA LEU A 402 12.70 -0.33 42.56
C LEU A 402 13.14 -1.20 41.38
N GLU A 403 14.29 -0.92 40.78
CA GLU A 403 14.60 -1.58 39.51
C GLU A 403 15.67 -2.68 39.58
N ILE A 404 16.69 -2.54 40.45
CA ILE A 404 17.67 -3.62 40.62
C ILE A 404 17.09 -4.93 41.18
N PRO A 405 16.15 -4.95 42.16
CA PRO A 405 15.49 -6.23 42.47
C PRO A 405 14.66 -6.84 41.33
N ASP A 406 14.23 -6.05 40.34
CA ASP A 406 13.62 -6.64 39.16
C ASP A 406 14.65 -7.36 38.30
N ILE A 407 15.87 -6.82 38.24
CA ILE A 407 16.96 -7.50 37.54
C ILE A 407 17.37 -8.76 38.29
N PHE A 408 17.29 -8.72 39.61
CA PHE A 408 17.57 -9.92 40.41
C PHE A 408 16.41 -10.91 40.44
N ARG A 409 15.22 -10.49 40.02
CA ARG A 409 14.05 -11.37 40.09
C ARG A 409 13.86 -12.16 38.81
N VAL A 410 13.64 -11.47 37.69
CA VAL A 410 13.56 -12.09 36.38
C VAL A 410 14.93 -11.89 35.72
N GLY A 411 15.28 -12.80 34.82
CA GLY A 411 16.61 -12.77 34.21
C GLY A 411 16.82 -11.54 33.33
N ALA A 412 18.08 -11.09 33.28
CA ALA A 412 18.39 -9.77 32.74
C ALA A 412 18.24 -9.71 31.22
N SER A 413 18.43 -10.83 30.52
CA SER A 413 18.18 -10.87 29.09
C SER A 413 16.69 -10.73 28.79
N ARG A 414 15.85 -11.43 29.56
CA ARG A 414 14.40 -11.28 29.44
C ARG A 414 13.92 -9.92 29.94
N TYR A 415 14.58 -9.37 30.96
CA TYR A 415 14.18 -8.08 31.51
C TYR A 415 14.51 -6.93 30.56
N PHE A 416 15.68 -6.96 29.93
CA PHE A 416 16.10 -5.87 29.06
C PHE A 416 15.75 -6.10 27.59
N GLY A 417 15.41 -7.32 27.20
CA GLY A 417 15.16 -7.61 25.80
C GLY A 417 13.69 -7.56 25.42
N GLN A 418 12.81 -7.52 26.41
CA GLN A 418 11.38 -7.49 26.15
C GLN A 418 10.93 -6.05 25.94
N THR A 419 10.39 -5.76 24.74
CA THR A 419 9.79 -4.46 24.49
C THR A 419 8.39 -4.37 25.06
N ILE A 420 7.81 -5.50 25.45
CA ILE A 420 6.53 -5.51 26.15
C ILE A 420 6.68 -4.96 27.56
N LEU A 421 7.74 -5.36 28.26
CA LEU A 421 7.99 -4.94 29.63
C LEU A 421 8.76 -3.63 29.72
N GLY A 422 9.06 -2.99 28.59
CA GLY A 422 9.80 -1.74 28.60
C GLY A 422 11.26 -1.89 28.94
N GLY A 423 11.90 -2.90 28.37
CA GLY A 423 13.31 -3.20 28.58
C GLY A 423 14.33 -2.13 28.23
N PRO A 424 14.22 -1.51 27.03
CA PRO A 424 15.03 -0.30 26.76
C PRO A 424 14.80 0.84 27.73
N PHE A 425 13.56 1.02 28.18
CA PHE A 425 13.29 2.04 29.19
C PHE A 425 13.89 1.67 30.54
N HIS A 426 13.95 0.36 30.83
CA HIS A 426 14.61 -0.11 32.05
C HIS A 426 16.12 0.14 32.00
N VAL A 427 16.76 -0.14 30.87
CA VAL A 427 18.22 0.04 30.83
C VAL A 427 18.58 1.52 30.78
N ILE A 428 17.73 2.37 30.17
CA ILE A 428 18.05 3.79 30.22
C ILE A 428 17.69 4.41 31.57
N ILE A 429 16.77 3.81 32.34
CA ILE A 429 16.51 4.41 33.65
C ILE A 429 17.57 3.96 34.67
N ILE A 430 18.15 2.76 34.51
CA ILE A 430 19.36 2.38 35.26
C ILE A 430 20.52 3.28 34.88
N THR A 431 20.69 3.59 33.58
CA THR A 431 21.77 4.46 33.15
C THR A 431 21.59 5.89 33.67
N TYR A 432 20.34 6.38 33.71
CA TYR A 432 20.06 7.71 34.23
C TYR A 432 20.33 7.80 35.73
N ALA A 433 19.91 6.78 36.49
CA ALA A 433 20.14 6.77 37.93
C ALA A 433 21.62 6.65 38.27
N SER A 434 22.36 5.84 37.50
CA SER A 434 23.80 5.72 37.71
C SER A 434 24.53 7.00 37.32
N LEU A 435 24.04 7.71 36.29
CA LEU A 435 24.66 8.97 35.90
C LEU A 435 24.38 10.08 36.91
N VAL A 436 23.19 10.07 37.53
CA VAL A 436 22.87 11.03 38.59
C VAL A 436 23.72 10.77 39.83
N LEU A 437 23.90 9.49 40.18
CA LEU A 437 24.77 9.17 41.32
C LEU A 437 26.24 9.45 41.03
N LEU A 438 26.68 9.25 39.79
CA LEU A 438 28.03 9.63 39.38
C LEU A 438 28.23 11.15 39.42
N THR A 439 27.19 11.90 39.05
CA THR A 439 27.21 13.36 39.16
C THR A 439 27.29 13.80 40.62
N MET A 440 26.60 13.09 41.53
CA MET A 440 26.68 13.39 42.96
C MET A 440 28.07 13.10 43.52
N VAL A 441 28.69 12.00 43.07
CA VAL A 441 30.06 11.66 43.47
C VAL A 441 31.06 12.71 42.95
N MET A 442 30.89 13.15 41.71
CA MET A 442 31.76 14.19 41.16
C MET A 442 31.51 15.55 41.80
N ARG A 443 30.30 15.79 42.29
CA ARG A 443 30.00 17.05 42.97
C ARG A 443 30.64 17.08 44.35
N LEU A 444 30.57 15.97 45.09
CA LEU A 444 31.22 15.94 46.41
C LEU A 444 32.73 15.83 46.29
N THR A 445 33.24 15.21 45.23
CA THR A 445 34.66 14.99 45.05
C THR A 445 35.32 16.19 44.35
N ASN A 446 34.50 17.12 43.82
CA ASN A 446 34.91 18.29 43.03
C ASN A 446 35.74 17.92 41.81
N MET A 447 35.32 16.86 41.11
CA MET A 447 35.91 16.56 39.80
C MET A 447 35.38 17.52 38.75
N ASN A 448 36.22 17.85 37.79
CA ASN A 448 35.81 18.67 36.66
C ASN A 448 35.11 17.82 35.60
N GLY A 449 34.31 18.48 34.78
CA GLY A 449 33.59 17.78 33.72
C GLY A 449 32.26 17.19 34.13
N GLU A 450 31.44 17.96 34.86
CA GLU A 450 30.13 17.50 35.28
C GLU A 450 29.10 17.65 34.17
N VAL A 451 29.42 18.43 33.14
CA VAL A 451 28.47 18.72 32.06
C VAL A 451 28.21 17.49 31.20
N VAL A 452 29.18 16.59 31.08
CA VAL A 452 29.01 15.35 30.31
C VAL A 452 28.06 14.37 31.00
N PRO A 453 28.19 13.99 32.29
CA PRO A 453 27.13 13.16 32.88
C PRO A 453 25.83 13.89 33.11
N LEU A 454 25.85 15.22 33.27
CA LEU A 454 24.60 15.96 33.41
C LEU A 454 23.81 15.97 32.10
N SER A 455 24.49 16.11 30.97
CA SER A 455 23.80 16.13 29.68
C SER A 455 23.33 14.73 29.26
N PHE A 456 24.15 13.69 29.51
CA PHE A 456 23.65 12.32 29.33
C PHE A 456 22.47 12.00 30.24
N ALA A 457 22.52 12.48 31.50
CA ALA A 457 21.42 12.26 32.43
C ALA A 457 20.15 12.96 31.99
N LEU A 458 20.26 14.20 31.48
CA LEU A 458 19.09 14.93 31.01
C LEU A 458 18.46 14.28 29.80
N VAL A 459 19.28 13.84 28.83
CA VAL A 459 18.77 13.21 27.61
C VAL A 459 18.11 11.87 27.93
N LEU A 460 18.79 11.01 28.72
CA LEU A 460 18.26 9.68 28.99
C LEU A 460 17.08 9.72 29.96
N GLY A 461 17.11 10.62 30.95
CA GLY A 461 16.00 10.71 31.88
C GLY A 461 14.77 11.34 31.27
N TRP A 462 14.95 12.28 30.34
CA TRP A 462 13.79 12.83 29.65
C TRP A 462 13.26 11.84 28.61
N CYS A 463 14.13 11.02 28.02
CA CYS A 463 13.66 9.96 27.15
C CYS A 463 13.01 8.82 27.92
N SER A 464 13.23 8.74 29.23
CA SER A 464 12.50 7.80 30.09
C SER A 464 11.05 8.21 30.34
N VAL A 465 10.65 9.43 29.99
CA VAL A 465 9.24 9.84 30.08
C VAL A 465 8.41 9.14 29.01
N MET A 466 9.06 8.67 27.93
CA MET A 466 8.42 7.89 26.88
C MET A 466 7.90 6.52 27.35
N TYR A 467 8.36 6.05 28.52
CA TYR A 467 7.83 4.82 29.13
C TYR A 467 6.36 4.97 29.49
N PHE A 468 5.95 6.16 29.93
CA PHE A 468 4.58 6.40 30.38
C PHE A 468 3.63 6.68 29.23
N ALA A 469 4.11 6.66 27.99
CA ALA A 469 3.24 6.80 26.82
C ALA A 469 2.44 5.55 26.52
N ARG A 470 2.79 4.41 27.13
CA ARG A 470 2.10 3.15 26.88
C ARG A 470 0.70 3.10 27.50
N GLY A 471 0.39 4.01 28.42
CA GLY A 471 -0.93 4.04 29.02
C GLY A 471 -2.01 4.71 28.20
N PHE A 472 -1.66 5.25 27.05
CA PHE A 472 -2.58 5.98 26.19
C PHE A 472 -2.59 5.33 24.81
N GLN A 473 -3.77 5.30 24.18
CA GLN A 473 -3.88 4.73 22.85
C GLN A 473 -3.25 5.63 21.79
N MET A 474 -3.21 6.94 22.06
CA MET A 474 -2.71 7.90 21.10
C MET A 474 -1.18 7.83 21.00
N LEU A 475 -0.49 7.55 22.11
CA LEU A 475 0.96 7.64 22.16
C LEU A 475 1.69 6.29 22.24
N GLY A 476 1.01 5.23 22.69
CA GLY A 476 1.63 3.94 22.92
C GLY A 476 2.14 3.18 21.71
N PRO A 477 1.26 2.88 20.74
CA PRO A 477 1.73 2.23 19.50
C PRO A 477 2.73 3.05 18.70
N PHE A 478 2.63 4.38 18.76
CA PHE A 478 3.65 5.24 18.15
C PHE A 478 5.00 5.09 18.85
N THR A 479 5.01 4.98 20.18
CA THR A 479 6.27 4.85 20.92
C THR A 479 6.93 3.51 20.66
N ILE A 480 6.17 2.43 20.63
CA ILE A 480 6.82 1.16 20.28
C ILE A 480 7.07 1.03 18.78
N MET A 481 6.41 1.84 17.94
CA MET A 481 6.82 1.93 16.55
C MET A 481 8.17 2.62 16.43
N ILE A 482 8.40 3.64 17.26
CA ILE A 482 9.71 4.33 17.34
C ILE A 482 10.80 3.35 17.76
N GLN A 483 10.49 2.53 18.78
CA GLN A 483 11.47 1.54 19.26
C GLN A 483 11.71 0.43 18.23
N LYS A 484 10.66 0.05 17.49
CA LYS A 484 10.80 -0.92 16.40
C LYS A 484 11.69 -0.40 15.29
N MET A 485 11.53 0.87 14.89
CA MET A 485 12.38 1.39 13.82
C MET A 485 13.80 1.67 14.30
N ILE A 486 13.97 2.01 15.59
CA ILE A 486 15.29 2.16 16.20
C ILE A 486 16.05 0.84 16.15
N PHE A 487 15.38 -0.26 16.48
CA PHE A 487 16.06 -1.56 16.43
C PHE A 487 16.25 -2.06 15.01
N GLY A 488 15.22 -1.94 14.16
CA GLY A 488 15.29 -2.46 12.81
C GLY A 488 15.94 -1.60 11.75
N ASP A 489 15.35 -0.44 11.45
CA ASP A 489 15.72 0.29 10.25
C ASP A 489 16.84 1.30 10.50
N LEU A 490 16.91 1.84 11.71
CA LEU A 490 17.92 2.85 12.04
C LEU A 490 19.31 2.27 12.03
N MET A 491 19.49 1.05 12.54
CA MET A 491 20.81 0.42 12.55
C MET A 491 21.24 0.02 11.14
N ARG A 492 20.32 -0.55 10.34
CA ARG A 492 20.65 -0.96 8.99
C ARG A 492 20.85 0.23 8.06
N PHE A 493 20.29 1.38 8.41
CA PHE A 493 20.63 2.60 7.68
C PHE A 493 21.94 3.20 8.17
N CYS A 494 22.23 3.12 9.47
CA CYS A 494 23.40 3.79 10.03
C CYS A 494 24.71 3.07 9.71
N TRP A 495 24.70 1.74 9.49
CA TRP A 495 25.92 1.07 9.03
C TRP A 495 26.34 1.53 7.64
N LEU A 496 25.39 1.51 6.69
CA LEU A 496 25.68 1.94 5.32
C LEU A 496 25.91 3.43 5.25
N MET A 497 25.20 4.18 6.11
CA MET A 497 25.39 5.62 6.23
C MET A 497 26.79 5.96 6.75
N ALA A 498 27.28 5.21 7.74
CA ALA A 498 28.62 5.45 8.27
C ALA A 498 29.70 5.07 7.25
N VAL A 499 29.41 4.08 6.41
CA VAL A 499 30.28 3.75 5.28
C VAL A 499 30.40 4.93 4.31
N VAL A 500 29.26 5.54 3.95
CA VAL A 500 29.25 6.69 3.03
C VAL A 500 29.91 7.91 3.67
N ILE A 501 29.67 8.14 4.97
CA ILE A 501 30.29 9.24 5.71
C ILE A 501 31.81 9.07 5.79
N LEU A 502 32.29 7.84 6.02
CA LEU A 502 33.73 7.57 6.07
C LEU A 502 34.41 7.83 4.72
N GLY A 503 33.80 7.35 3.63
CA GLY A 503 34.39 7.56 2.32
C GLY A 503 34.38 9.01 1.86
N PHE A 504 33.23 9.67 1.98
CA PHE A 504 33.15 11.05 1.52
C PHE A 504 33.82 12.01 2.49
N ALA A 505 33.92 11.66 3.78
CA ALA A 505 34.68 12.48 4.72
C ALA A 505 36.17 12.39 4.46
N SER A 506 36.65 11.20 4.06
CA SER A 506 38.03 11.05 3.63
C SER A 506 38.31 11.85 2.38
N ALA A 507 37.37 11.86 1.41
CA ALA A 507 37.56 12.67 0.20
C ALA A 507 37.49 14.17 0.49
N PHE A 508 36.56 14.60 1.36
CA PHE A 508 36.42 16.00 1.71
C PHE A 508 37.61 16.52 2.49
N HIS A 509 38.16 15.69 3.38
CA HIS A 509 39.38 16.10 4.09
C HIS A 509 40.57 16.10 3.15
N ILE A 510 40.69 15.07 2.31
CA ILE A 510 41.68 15.16 1.24
C ILE A 510 40.94 15.68 0.00
N THR A 511 40.51 16.91 0.08
CA THR A 511 40.42 17.83 -1.04
C THR A 511 40.85 19.22 -0.57
N PHE A 512 40.89 19.45 0.73
CA PHE A 512 41.09 20.77 1.33
C PHE A 512 42.32 20.83 2.23
N GLN A 513 43.19 19.82 2.21
CA GLN A 513 44.41 19.89 3.01
C GLN A 513 45.39 20.91 2.44
N THR A 514 45.36 21.13 1.13
CA THR A 514 46.18 22.14 0.50
C THR A 514 45.60 23.54 0.62
N GLU A 515 44.35 23.68 1.04
CA GLU A 515 43.66 24.94 1.05
C GLU A 515 43.71 25.61 2.43
N ASP A 516 43.27 26.86 2.47
CA ASP A 516 43.29 27.66 3.69
C ASP A 516 42.14 27.26 4.60
N PRO A 517 42.40 26.88 5.86
CA PRO A 517 41.28 26.57 6.77
C PRO A 517 40.50 27.79 7.25
N ASN A 518 41.03 29.00 7.05
CA ASN A 518 40.33 30.20 7.51
C ASN A 518 39.16 30.59 6.60
N ASN A 519 39.05 30.00 5.42
CA ASN A 519 37.94 30.26 4.51
C ASN A 519 36.85 29.20 4.59
N LEU A 520 37.22 27.94 4.68
CA LEU A 520 36.30 26.85 4.97
C LEU A 520 36.83 26.09 6.17
N GLY A 521 36.28 26.39 7.35
CA GLY A 521 36.77 25.76 8.56
C GLY A 521 36.33 24.32 8.71
N GLU A 522 35.28 23.93 8.01
CA GLU A 522 34.92 22.53 7.92
C GLU A 522 35.92 21.80 7.03
N PHE A 523 36.05 20.50 7.28
CA PHE A 523 37.09 19.61 6.71
C PHE A 523 38.50 20.13 6.97
N SER A 524 38.74 20.64 8.18
CA SER A 524 40.09 21.11 8.54
C SER A 524 40.97 19.93 8.92
N ASP A 525 40.60 19.21 9.97
CA ASP A 525 41.18 17.90 10.25
C ASP A 525 40.08 16.85 10.21
N TYR A 526 40.48 15.60 10.47
CA TYR A 526 39.59 14.46 10.19
C TYR A 526 38.38 14.30 11.12
N PRO A 527 38.43 14.58 12.44
CA PRO A 527 37.17 14.55 13.21
C PRO A 527 36.13 15.59 12.79
N THR A 528 36.53 16.84 12.49
CA THR A 528 35.51 17.80 12.07
C THR A 528 35.10 17.55 10.62
N ALA A 529 35.95 16.90 9.82
CA ALA A 529 35.54 16.47 8.48
C ALA A 529 34.50 15.36 8.56
N LEU A 530 34.70 14.42 9.49
CA LEU A 530 33.75 13.33 9.69
C LEU A 530 32.42 13.85 10.22
N PHE A 531 32.47 14.79 11.16
CA PHE A 531 31.24 15.39 11.71
C PHE A 531 30.52 16.25 10.69
N SER A 532 31.27 17.01 9.88
CA SER A 532 30.67 17.86 8.86
C SER A 532 30.04 17.03 7.75
N THR A 533 30.69 15.93 7.36
CA THR A 533 30.11 15.03 6.37
C THR A 533 28.89 14.31 6.94
N PHE A 534 28.89 14.02 8.25
CA PHE A 534 27.73 13.43 8.92
C PHE A 534 26.54 14.36 8.90
N GLU A 535 26.76 15.66 9.15
CA GLU A 535 25.62 16.58 9.17
C GLU A 535 25.30 17.11 7.77
N LEU A 536 26.17 16.84 6.79
CA LEU A 536 25.81 17.12 5.39
C LEU A 536 25.08 15.95 4.77
N PHE A 537 25.22 14.75 5.35
CA PHE A 537 24.40 13.60 4.97
C PHE A 537 22.92 13.89 5.25
N LEU A 538 22.64 14.49 6.40
CA LEU A 538 21.29 14.66 6.89
C LEU A 538 20.65 15.96 6.44
N THR A 539 21.38 16.76 5.64
CA THR A 539 21.04 18.12 5.20
C THR A 539 20.70 19.02 6.39
N ILE A 540 21.67 19.17 7.28
CA ILE A 540 21.46 19.94 8.50
C ILE A 540 22.15 21.29 8.35
N ILE A 541 23.43 21.27 8.02
CA ILE A 541 24.15 22.50 7.71
C ILE A 541 24.11 22.68 6.21
N ASP A 542 24.34 23.91 5.77
CA ASP A 542 24.39 24.19 4.34
C ASP A 542 25.67 23.63 3.73
N GLY A 543 25.65 23.47 2.41
CA GLY A 543 26.81 23.08 1.66
C GLY A 543 27.91 24.11 1.76
N PRO A 544 29.15 23.65 1.97
CA PRO A 544 30.28 24.58 2.09
C PRO A 544 30.57 25.27 0.77
N ALA A 545 30.27 26.56 0.70
CA ALA A 545 30.45 27.33 -0.53
C ALA A 545 30.88 28.73 -0.15
N ASN A 546 32.14 29.06 -0.40
CA ASN A 546 32.66 30.41 -0.23
C ASN A 546 32.84 30.99 -1.63
N TYR A 547 31.93 31.87 -2.03
CA TYR A 547 31.91 32.41 -3.38
C TYR A 547 32.90 33.55 -3.57
N SER A 548 33.51 34.04 -2.50
CA SER A 548 34.53 35.08 -2.60
C SER A 548 35.92 34.51 -2.91
N VAL A 549 36.08 33.19 -2.86
CA VAL A 549 37.35 32.54 -3.17
C VAL A 549 37.08 31.44 -4.19
N ASP A 550 38.15 30.97 -4.82
CA ASP A 550 38.06 29.93 -5.85
C ASP A 550 38.20 28.56 -5.17
N LEU A 551 37.12 27.79 -5.21
CA LEU A 551 37.10 26.45 -4.64
C LEU A 551 37.72 25.45 -5.61
N PRO A 552 38.26 24.33 -5.10
CA PRO A 552 38.73 23.28 -6.01
C PRO A 552 37.58 22.62 -6.78
N PHE A 553 37.89 22.22 -8.02
CA PHE A 553 36.88 21.58 -8.86
C PHE A 553 36.59 20.16 -8.41
N MET A 554 37.56 19.51 -7.76
CA MET A 554 37.35 18.15 -7.28
C MET A 554 36.39 18.12 -6.11
N TYR A 555 36.35 19.20 -5.31
CA TYR A 555 35.33 19.34 -4.28
C TYR A 555 33.93 19.42 -4.89
N CYS A 556 33.80 20.13 -6.02
CA CYS A 556 32.51 20.21 -6.71
C CYS A 556 32.09 18.86 -7.28
N ILE A 557 33.05 18.09 -7.83
CA ILE A 557 32.74 16.78 -8.39
C ILE A 557 32.32 15.80 -7.29
N THR A 558 33.10 15.72 -6.20
CA THR A 558 32.77 14.77 -5.15
C THR A 558 31.60 15.25 -4.30
N TYR A 559 31.30 16.56 -4.30
CA TYR A 559 30.10 17.01 -3.63
C TYR A 559 28.86 16.78 -4.46
N ALA A 560 28.98 16.82 -5.79
CA ALA A 560 27.88 16.38 -6.65
C ALA A 560 27.62 14.89 -6.48
N ALA A 561 28.68 14.10 -6.35
CA ALA A 561 28.53 12.66 -6.08
C ALA A 561 27.91 12.41 -4.71
N PHE A 562 28.32 13.17 -3.69
CA PHE A 562 27.74 13.05 -2.36
C PHE A 562 26.29 13.51 -2.33
N ALA A 563 25.95 14.50 -3.15
CA ALA A 563 24.58 15.01 -3.19
C ALA A 563 23.66 14.05 -3.93
N ILE A 564 24.15 13.42 -5.00
CA ILE A 564 23.34 12.44 -5.72
C ILE A 564 23.17 11.18 -4.89
N ILE A 565 24.26 10.70 -4.28
CA ILE A 565 24.20 9.41 -3.57
C ILE A 565 23.53 9.57 -2.21
N ALA A 566 24.07 10.42 -1.35
CA ALA A 566 23.63 10.47 0.05
C ALA A 566 22.43 11.38 0.27
N THR A 567 22.52 12.62 -0.23
CA THR A 567 21.45 13.60 -0.03
C THR A 567 20.18 13.23 -0.79
N LEU A 568 20.30 12.92 -2.07
CA LEU A 568 19.12 12.66 -2.89
C LEU A 568 18.55 11.27 -2.62
N LEU A 569 19.39 10.24 -2.67
CA LEU A 569 18.89 8.87 -2.68
C LEU A 569 18.71 8.29 -1.28
N MET A 570 19.79 8.27 -0.47
CA MET A 570 19.83 7.48 0.77
C MET A 570 18.82 7.94 1.81
N LEU A 571 18.68 9.26 2.00
CA LEU A 571 17.74 9.79 2.98
C LEU A 571 16.30 9.49 2.59
N ASN A 572 15.97 9.74 1.32
CA ASN A 572 14.61 9.48 0.86
C ASN A 572 14.34 8.00 0.65
N LEU A 573 15.38 7.18 0.42
CA LEU A 573 15.18 5.74 0.44
C LEU A 573 14.94 5.23 1.85
N PHE A 574 15.52 5.90 2.85
CA PHE A 574 15.22 5.56 4.24
C PHE A 574 13.79 5.94 4.60
N ILE A 575 13.30 7.05 4.04
CA ILE A 575 11.88 7.43 4.17
C ILE A 575 10.98 6.37 3.54
N ALA A 576 11.34 5.92 2.33
CA ALA A 576 10.54 4.92 1.61
C ALA A 576 10.58 3.56 2.31
N MET A 577 11.75 3.21 2.86
CA MET A 577 11.89 1.94 3.57
C MET A 577 11.14 1.95 4.89
N MET A 578 11.12 3.08 5.58
CA MET A 578 10.30 3.16 6.79
C MET A 578 8.81 3.21 6.50
N GLY A 579 8.41 3.76 5.33
CA GLY A 579 7.01 3.63 4.93
C GLY A 579 6.62 2.20 4.62
N ASP A 580 7.52 1.47 3.93
CA ASP A 580 7.29 0.06 3.62
C ASP A 580 7.29 -0.80 4.88
N THR A 581 8.08 -0.42 5.88
CA THR A 581 8.05 -1.12 7.16
C THR A 581 6.79 -0.75 7.95
N HIS A 582 6.37 0.51 7.86
CA HIS A 582 5.28 1.02 8.69
C HIS A 582 3.92 0.47 8.25
N TRP A 583 3.74 0.22 6.95
CA TRP A 583 2.45 -0.33 6.54
C TRP A 583 2.32 -1.81 6.89
N ARG A 584 3.43 -2.53 7.05
CA ARG A 584 3.38 -3.97 7.23
C ARG A 584 3.11 -4.41 8.66
N VAL A 585 3.76 -3.79 9.65
CA VAL A 585 3.72 -4.26 11.03
C VAL A 585 2.86 -3.37 11.92
N ALA A 586 1.85 -2.71 11.35
CA ALA A 586 0.97 -1.83 12.13
C ALA A 586 0.07 -2.64 13.07
N GLN A 587 -0.44 -3.78 12.60
CA GLN A 587 -1.26 -4.62 13.46
C GLN A 587 -0.41 -5.31 14.52
N GLU A 588 0.87 -5.55 14.22
CA GLU A 588 1.78 -6.14 15.19
C GLU A 588 2.06 -5.19 16.34
N ARG A 589 2.30 -3.92 16.05
CA ARG A 589 2.49 -2.95 17.12
C ARG A 589 1.17 -2.60 17.82
N ASP A 590 0.04 -2.78 17.13
CA ASP A 590 -1.26 -2.63 17.81
C ASP A 590 -1.47 -3.71 18.87
N GLU A 591 -1.23 -4.98 18.51
CA GLU A 591 -1.40 -6.05 19.49
C GLU A 591 -0.25 -6.06 20.50
N LEU A 592 0.91 -5.51 20.14
CA LEU A 592 2.01 -5.38 21.11
C LEU A 592 1.69 -4.31 22.15
N TRP A 593 1.04 -3.21 21.75
CA TRP A 593 0.57 -2.25 22.74
C TRP A 593 -0.56 -2.81 23.58
N ARG A 594 -1.41 -3.65 22.98
CA ARG A 594 -2.49 -4.30 23.72
C ARG A 594 -1.95 -5.26 24.77
N ALA A 595 -0.83 -5.93 24.49
CA ALA A 595 -0.14 -6.72 25.52
C ALA A 595 0.63 -5.85 26.50
N GLN A 596 1.09 -4.68 26.03
CA GLN A 596 1.90 -3.78 26.84
C GLN A 596 1.07 -3.13 27.94
N VAL A 597 -0.22 -2.89 27.68
CA VAL A 597 -1.15 -2.39 28.69
C VAL A 597 -1.33 -3.42 29.81
N VAL A 598 -1.42 -4.71 29.43
CA VAL A 598 -1.52 -5.79 30.41
C VAL A 598 -0.23 -5.93 31.21
N ALA A 599 0.91 -5.72 30.54
CA ALA A 599 2.20 -5.73 31.23
C ALA A 599 2.33 -4.58 32.23
N THR A 600 1.79 -3.42 31.87
CA THR A 600 1.74 -2.30 32.80
C THR A 600 0.80 -2.58 33.96
N THR A 601 -0.30 -3.29 33.69
CA THR A 601 -1.27 -3.62 34.73
C THR A 601 -0.70 -4.64 35.72
N VAL A 602 0.11 -5.58 35.22
CA VAL A 602 0.61 -6.63 36.09
C VAL A 602 1.96 -6.23 36.71
N MET A 603 2.63 -5.21 36.15
CA MET A 603 3.78 -4.60 36.81
C MET A 603 3.35 -3.89 38.09
N LEU A 604 2.24 -3.17 38.03
CA LEU A 604 1.57 -2.71 39.23
C LEU A 604 0.84 -3.88 39.88
N GLU A 605 0.48 -3.69 41.17
CA GLU A 605 -0.03 -4.59 42.22
C GLU A 605 0.95 -5.71 42.60
N ARG A 606 2.14 -5.72 41.99
CA ARG A 606 3.28 -6.48 42.45
C ARG A 606 4.28 -5.60 43.19
N LYS A 607 4.36 -4.33 42.82
CA LYS A 607 5.19 -3.33 43.49
C LYS A 607 4.41 -2.51 44.51
N MET A 608 3.20 -2.09 44.15
CA MET A 608 2.44 -1.19 44.99
C MET A 608 1.83 -1.96 46.18
N PRO A 609 1.52 -1.27 47.29
CA PRO A 609 0.88 -1.95 48.43
C PRO A 609 -0.54 -2.41 48.09
N ARG A 610 -0.97 -3.45 48.81
CA ARG A 610 -2.20 -4.15 48.48
C ARG A 610 -3.46 -3.37 48.83
N PHE A 611 -3.37 -2.31 49.63
CA PHE A 611 -4.56 -1.51 49.89
C PHE A 611 -4.83 -0.52 48.77
N LEU A 612 -3.87 -0.30 47.86
CA LEU A 612 -4.18 0.42 46.63
C LEU A 612 -4.92 -0.46 45.63
N TRP A 613 -4.65 -1.77 45.66
CA TRP A 613 -5.18 -2.71 44.67
C TRP A 613 -6.01 -3.77 45.38
N PRO A 614 -7.33 -3.58 45.48
CA PRO A 614 -8.19 -4.64 46.01
C PRO A 614 -8.30 -5.81 45.03
N ARG A 615 -8.69 -6.96 45.56
CA ARG A 615 -8.73 -8.18 44.77
C ARG A 615 -9.85 -8.13 43.74
N SER A 616 -9.48 -8.38 42.49
CA SER A 616 -10.41 -8.25 41.37
C SER A 616 -11.32 -9.46 41.30
N GLY A 617 -12.60 -9.19 41.04
CA GLY A 617 -13.59 -10.24 40.89
C GLY A 617 -14.68 -10.16 41.96
N ILE A 618 -15.59 -11.11 41.86
CA ILE A 618 -16.74 -11.19 42.77
C ILE A 618 -16.46 -12.32 43.75
N CYS A 619 -16.44 -11.98 45.05
CA CYS A 619 -16.09 -12.96 46.07
C CYS A 619 -17.21 -13.96 46.29
N GLY A 620 -16.87 -15.25 46.21
CA GLY A 620 -17.85 -16.31 46.33
C GLY A 620 -18.22 -16.69 47.75
N TYR A 621 -17.55 -16.10 48.76
CA TYR A 621 -17.90 -16.40 50.15
C TYR A 621 -19.19 -15.70 50.55
N GLU A 622 -19.51 -14.56 49.91
CA GLU A 622 -20.73 -13.84 50.26
C GLU A 622 -21.97 -14.54 49.74
N TYR A 623 -21.83 -15.37 48.71
CA TYR A 623 -22.97 -16.03 48.08
C TYR A 623 -22.92 -17.54 48.26
N GLY A 624 -22.05 -18.03 49.15
CA GLY A 624 -21.97 -19.46 49.43
C GLY A 624 -21.43 -20.31 48.31
N LEU A 625 -20.39 -19.83 47.61
CA LEU A 625 -19.79 -20.56 46.51
C LEU A 625 -18.41 -21.12 46.83
N GLY A 626 -17.85 -20.80 47.99
CA GLY A 626 -16.60 -21.41 48.40
C GLY A 626 -15.34 -20.68 47.97
N ASP A 627 -15.30 -19.37 48.33
CA ASP A 627 -14.22 -18.37 48.21
C ASP A 627 -13.29 -18.57 47.01
N ARG A 628 -13.90 -18.61 45.83
CA ARG A 628 -13.17 -18.84 44.59
C ARG A 628 -12.94 -17.59 43.76
N TRP A 629 -13.61 -16.47 44.06
CA TRP A 629 -13.40 -15.14 43.48
C TRP A 629 -13.62 -15.13 41.96
N PHE A 630 -14.89 -15.35 41.60
CA PHE A 630 -15.30 -15.49 40.21
C PHE A 630 -15.33 -14.13 39.50
N LEU A 631 -15.67 -14.18 38.21
CA LEU A 631 -15.90 -12.98 37.41
C LEU A 631 -17.03 -13.26 36.43
N ARG A 632 -18.02 -12.39 36.43
CA ARG A 632 -19.22 -12.55 35.60
C ARG A 632 -19.10 -11.71 34.35
N VAL A 633 -19.39 -12.31 33.20
CA VAL A 633 -19.56 -11.56 31.96
C VAL A 633 -20.96 -11.82 31.41
N GLU A 634 -21.43 -10.89 30.58
CA GLU A 634 -22.75 -10.96 29.98
C GLU A 634 -22.59 -10.61 28.50
N ASN A 635 -22.87 -11.58 27.63
CA ASN A 635 -22.59 -11.44 26.21
C ASN A 635 -23.85 -11.66 25.38
N HIS A 636 -23.94 -10.90 24.30
CA HIS A 636 -25.04 -10.98 23.35
C HIS A 636 -24.58 -11.81 22.16
N HIS A 637 -25.06 -13.06 22.10
CA HIS A 637 -24.59 -14.00 21.08
C HIS A 637 -25.48 -14.04 19.84
N ASP A 638 -26.75 -13.69 19.97
CA ASP A 638 -27.66 -13.71 18.82
C ASP A 638 -27.77 -12.32 18.19
N TRP B 29 14.40 -11.22 -41.19
CA TRP B 29 14.59 -11.38 -39.75
C TRP B 29 13.24 -11.65 -39.05
N GLU B 30 12.23 -10.84 -39.38
CA GLU B 30 10.84 -11.10 -39.04
C GLU B 30 9.89 -10.84 -40.19
N GLN B 31 10.19 -9.88 -41.06
CA GLN B 31 9.44 -9.65 -42.28
C GLN B 31 9.96 -10.48 -43.44
N TYR B 32 11.04 -11.25 -43.23
CA TYR B 32 11.46 -12.26 -44.18
C TYR B 32 10.71 -13.57 -43.98
N ARG B 33 10.41 -13.91 -42.73
CA ARG B 33 9.52 -15.03 -42.44
C ARG B 33 8.12 -14.78 -42.96
N ASP B 34 7.65 -13.53 -42.82
CA ASP B 34 6.35 -13.13 -43.37
C ASP B 34 6.35 -13.22 -44.89
N ARG B 35 7.43 -12.77 -45.53
CA ARG B 35 7.55 -12.81 -46.99
C ARG B 35 7.57 -14.24 -47.51
N VAL B 36 8.32 -15.12 -46.85
CA VAL B 36 8.39 -16.51 -47.30
C VAL B 36 7.09 -17.24 -46.96
N ASN B 37 6.32 -16.77 -45.97
CA ASN B 37 5.00 -17.34 -45.71
C ASN B 37 4.00 -16.97 -46.80
N MET B 38 4.01 -15.70 -47.25
CA MET B 38 3.13 -15.33 -48.37
C MET B 38 3.57 -15.98 -49.68
N LEU B 39 4.88 -16.17 -49.89
CA LEU B 39 5.33 -16.93 -51.06
C LEU B 39 4.91 -18.40 -50.97
N GLN B 40 4.93 -18.97 -49.77
CA GLN B 40 4.47 -20.35 -49.58
C GLN B 40 2.99 -20.49 -49.89
N GLN B 41 2.18 -19.55 -49.40
CA GLN B 41 0.74 -19.57 -49.68
C GLN B 41 0.45 -19.27 -51.15
N GLU B 42 1.26 -18.42 -51.78
CA GLU B 42 1.07 -18.08 -53.19
C GLU B 42 1.40 -19.25 -54.10
N ARG B 43 2.48 -19.97 -53.84
CA ARG B 43 2.78 -21.15 -54.64
C ARG B 43 1.93 -22.36 -54.25
N ILE B 44 1.28 -22.33 -53.09
CA ILE B 44 0.22 -23.31 -52.83
C ILE B 44 -1.00 -23.03 -53.71
N ARG B 45 -1.45 -21.76 -53.74
CA ARG B 45 -2.68 -21.46 -54.48
C ARG B 45 -2.49 -21.35 -55.99
N ASP B 46 -1.25 -21.15 -56.46
CA ASP B 46 -1.01 -21.13 -57.90
C ASP B 46 -1.04 -22.55 -58.48
N SER B 47 -0.46 -23.50 -57.76
CA SER B 47 -0.47 -24.89 -58.20
C SER B 47 -1.83 -25.52 -57.93
N PRO B 48 -2.46 -26.16 -58.91
CA PRO B 48 -3.71 -26.88 -58.64
C PRO B 48 -3.54 -28.09 -57.74
N LEU B 49 -2.39 -28.76 -57.82
CA LEU B 49 -2.12 -29.94 -56.99
C LEU B 49 -1.98 -29.56 -55.52
N LEU B 50 -1.22 -28.51 -55.23
CA LEU B 50 -0.99 -28.09 -53.84
C LEU B 50 -2.25 -27.48 -53.22
N GLN B 51 -2.98 -26.69 -53.99
CA GLN B 51 -4.20 -26.08 -53.48
C GLN B 51 -5.31 -27.12 -53.31
N ALA B 52 -5.32 -28.12 -54.20
CA ALA B 52 -6.30 -29.20 -54.08
C ALA B 52 -5.96 -30.13 -52.92
N ALA B 53 -4.66 -30.31 -52.63
CA ALA B 53 -4.27 -31.07 -51.45
C ALA B 53 -4.53 -30.27 -50.17
N LYS B 54 -4.52 -28.94 -50.26
CA LYS B 54 -4.89 -28.12 -49.12
C LYS B 54 -6.40 -28.19 -48.85
N GLU B 55 -7.22 -28.12 -49.91
CA GLU B 55 -8.67 -28.11 -49.73
C GLU B 55 -9.25 -29.47 -49.41
N ASN B 56 -8.48 -30.55 -49.63
CA ASN B 56 -8.90 -31.95 -49.45
C ASN B 56 -10.15 -32.29 -50.26
N ASP B 57 -10.19 -31.83 -51.51
CA ASP B 57 -11.22 -32.23 -52.47
C ASP B 57 -10.74 -33.41 -53.32
N LEU B 58 -11.29 -34.59 -53.03
CA LEU B 58 -10.67 -35.84 -53.48
C LEU B 58 -10.90 -36.11 -54.96
N ARG B 59 -12.04 -35.69 -55.49
CA ARG B 59 -12.38 -35.97 -56.88
C ARG B 59 -11.50 -35.18 -57.85
N LEU B 60 -11.20 -33.92 -57.49
CA LEU B 60 -10.35 -33.11 -58.35
C LEU B 60 -8.88 -33.56 -58.23
N LEU B 61 -8.51 -34.11 -57.07
CA LEU B 61 -7.23 -34.81 -56.94
C LEU B 61 -7.14 -36.02 -57.84
N LYS B 62 -8.20 -36.83 -57.92
CA LYS B 62 -8.16 -38.01 -58.79
C LYS B 62 -8.19 -37.60 -60.27
N ILE B 63 -8.84 -36.48 -60.59
CA ILE B 63 -8.87 -35.97 -61.96
C ILE B 63 -7.48 -35.51 -62.40
N LEU B 64 -6.80 -34.71 -61.57
CA LEU B 64 -5.47 -34.26 -61.97
C LEU B 64 -4.40 -35.31 -61.70
N LEU B 65 -4.71 -36.36 -60.95
CA LEU B 65 -3.69 -37.31 -60.53
C LEU B 65 -3.71 -38.58 -61.38
N LEU B 66 -4.86 -38.88 -61.99
CA LEU B 66 -4.93 -40.00 -62.92
C LEU B 66 -4.15 -39.70 -64.20
N ASN B 67 -4.18 -38.45 -64.64
CA ASN B 67 -3.41 -38.04 -65.81
C ASN B 67 -1.93 -37.95 -65.46
N GLN B 68 -1.08 -38.29 -66.43
CA GLN B 68 0.37 -38.28 -66.23
C GLN B 68 1.02 -36.95 -66.59
N SER B 69 0.22 -35.94 -66.97
CA SER B 69 0.79 -34.64 -67.32
C SER B 69 1.25 -33.87 -66.09
N CYS B 70 0.63 -34.12 -64.94
CA CYS B 70 1.02 -33.45 -63.70
C CYS B 70 2.33 -34.04 -63.16
N ASP B 71 3.05 -33.22 -62.40
CA ASP B 71 4.31 -33.60 -61.79
C ASP B 71 4.07 -33.93 -60.33
N PHE B 72 4.37 -35.17 -59.93
CA PHE B 72 4.22 -35.57 -58.54
C PHE B 72 5.30 -34.94 -57.67
N GLN B 73 6.53 -34.87 -58.18
CA GLN B 73 7.64 -34.23 -57.48
C GLN B 73 7.69 -32.74 -57.82
N GLN B 74 6.69 -32.02 -57.33
CA GLN B 74 6.56 -30.59 -57.58
C GLN B 74 6.84 -29.84 -56.29
N ARG B 75 7.72 -28.85 -56.36
CA ARG B 75 8.17 -28.14 -55.18
C ARG B 75 7.25 -26.97 -54.87
N GLY B 76 7.33 -26.50 -53.63
CA GLY B 76 6.68 -25.28 -53.21
C GLY B 76 7.65 -24.11 -53.25
N ALA B 77 7.30 -23.05 -52.53
CA ALA B 77 8.22 -21.93 -52.40
C ALA B 77 9.37 -22.26 -51.45
N VAL B 78 9.11 -23.07 -50.45
CA VAL B 78 10.15 -23.53 -49.53
C VAL B 78 10.69 -24.90 -49.93
N GLY B 79 10.36 -25.36 -51.14
CA GLY B 79 10.73 -26.69 -51.57
C GLY B 79 9.88 -27.80 -51.02
N GLU B 80 8.72 -27.47 -50.43
CA GLU B 80 7.86 -28.48 -49.85
C GLU B 80 7.11 -29.25 -50.92
N THR B 81 6.75 -30.49 -50.60
CA THR B 81 6.00 -31.36 -51.48
C THR B 81 4.51 -31.08 -51.25
N ALA B 82 3.64 -31.61 -52.12
CA ALA B 82 2.21 -31.58 -51.87
C ALA B 82 1.82 -32.47 -50.70
N LEU B 83 2.65 -33.47 -50.37
CA LEU B 83 2.47 -34.26 -49.16
C LEU B 83 2.67 -33.40 -47.90
N HIS B 84 3.59 -32.43 -47.97
CA HIS B 84 3.78 -31.50 -46.87
C HIS B 84 2.56 -30.60 -46.69
N VAL B 85 1.95 -30.19 -47.80
CA VAL B 85 0.73 -29.37 -47.76
C VAL B 85 -0.44 -30.19 -47.22
N ALA B 86 -0.51 -31.47 -47.59
CA ALA B 86 -1.57 -32.34 -47.08
C ALA B 86 -1.38 -32.64 -45.59
N ALA B 87 -0.13 -32.74 -45.14
CA ALA B 87 0.12 -32.94 -43.71
C ALA B 87 -0.03 -31.65 -42.92
N LEU B 88 0.03 -30.49 -43.60
CA LEU B 88 -0.05 -29.22 -42.89
C LEU B 88 -1.48 -28.90 -42.46
N TYR B 89 -2.47 -29.32 -43.24
CA TYR B 89 -3.86 -28.99 -42.98
C TYR B 89 -4.67 -30.20 -42.51
N ASP B 90 -3.99 -31.21 -41.95
CA ASP B 90 -4.58 -32.46 -41.43
C ASP B 90 -5.40 -33.20 -42.48
N ASN B 91 -4.91 -33.21 -43.72
CA ASN B 91 -5.60 -33.85 -44.83
C ASN B 91 -5.05 -35.26 -44.98
N LEU B 92 -5.68 -36.20 -44.27
CA LEU B 92 -5.23 -37.59 -44.29
C LEU B 92 -5.57 -38.26 -45.61
N GLU B 93 -6.73 -37.93 -46.18
CA GLU B 93 -7.17 -38.57 -47.43
C GLU B 93 -6.34 -38.09 -48.61
N ALA B 94 -6.05 -36.79 -48.67
CA ALA B 94 -5.19 -36.23 -49.72
C ALA B 94 -3.79 -36.81 -49.65
N ALA B 95 -3.26 -36.95 -48.42
CA ALA B 95 -1.93 -37.51 -48.24
C ALA B 95 -1.88 -39.00 -48.58
N THR B 96 -2.95 -39.75 -48.27
CA THR B 96 -2.90 -41.18 -48.56
C THR B 96 -3.12 -41.47 -50.04
N LEU B 97 -3.88 -40.65 -50.77
CA LEU B 97 -3.89 -40.81 -52.23
C LEU B 97 -2.62 -40.28 -52.89
N LEU B 98 -1.94 -39.30 -52.27
CA LEU B 98 -0.64 -38.90 -52.79
C LEU B 98 0.41 -40.00 -52.56
N MET B 99 0.32 -40.71 -51.45
CA MET B 99 1.24 -41.82 -51.21
C MET B 99 0.90 -43.04 -52.06
N GLU B 100 -0.39 -43.25 -52.34
CA GLU B 100 -0.78 -44.35 -53.21
C GLU B 100 -0.40 -44.07 -54.66
N ALA B 101 -0.46 -42.82 -55.08
CA ALA B 101 -0.03 -42.47 -56.44
C ALA B 101 1.48 -42.55 -56.59
N ALA B 102 2.21 -41.97 -55.63
CA ALA B 102 3.67 -42.01 -55.63
C ALA B 102 4.16 -42.39 -54.25
N PRO B 103 4.82 -43.54 -54.10
CA PRO B 103 5.23 -43.97 -52.75
C PRO B 103 6.48 -43.27 -52.25
N GLU B 104 7.24 -42.60 -53.12
CA GLU B 104 8.52 -42.02 -52.73
C GLU B 104 8.38 -40.66 -52.04
N LEU B 105 7.17 -40.09 -51.99
CA LEU B 105 6.97 -38.70 -51.57
C LEU B 105 7.25 -38.44 -50.10
N ALA B 106 7.36 -39.49 -49.28
CA ALA B 106 7.81 -39.31 -47.91
C ALA B 106 9.29 -38.93 -47.86
N LYS B 107 10.10 -39.48 -48.75
CA LYS B 107 11.55 -39.40 -48.62
C LYS B 107 12.13 -38.24 -49.42
N GLU B 108 11.53 -37.05 -49.27
CA GLU B 108 12.17 -35.78 -49.64
C GLU B 108 11.84 -34.73 -48.59
N PRO B 109 12.83 -33.98 -48.10
CA PRO B 109 12.54 -32.83 -47.25
C PRO B 109 12.42 -31.54 -48.06
N ALA B 110 11.96 -30.49 -47.38
CA ALA B 110 12.07 -29.15 -47.92
C ALA B 110 13.53 -28.75 -47.98
N LEU B 111 13.91 -27.98 -49.00
CA LEU B 111 15.33 -27.75 -49.28
C LEU B 111 15.67 -26.26 -49.40
N CYS B 112 14.86 -25.40 -48.81
CA CYS B 112 15.12 -23.96 -48.84
C CYS B 112 15.59 -23.48 -47.47
N GLU B 113 15.73 -22.16 -47.35
CA GLU B 113 16.36 -21.53 -46.19
C GLU B 113 15.64 -21.75 -44.84
N PRO B 114 14.29 -21.50 -44.66
CA PRO B 114 13.76 -21.68 -43.30
C PRO B 114 13.50 -23.13 -42.93
N PHE B 115 13.42 -24.02 -43.92
CA PHE B 115 13.23 -25.45 -43.70
C PHE B 115 14.27 -26.17 -44.56
N VAL B 116 15.46 -26.41 -43.99
CA VAL B 116 16.54 -27.06 -44.72
C VAL B 116 16.37 -28.57 -44.74
N GLY B 117 15.69 -29.14 -43.75
CA GLY B 117 15.50 -30.58 -43.71
C GLY B 117 14.16 -31.04 -43.21
N GLN B 118 13.14 -30.17 -43.26
CA GLN B 118 11.83 -30.53 -42.75
C GLN B 118 11.11 -31.46 -43.71
N THR B 119 10.72 -32.62 -43.20
CA THR B 119 9.97 -33.61 -43.97
C THR B 119 8.49 -33.50 -43.62
N ALA B 120 7.69 -34.35 -44.27
CA ALA B 120 6.28 -34.45 -43.92
C ALA B 120 6.07 -35.19 -42.61
N LEU B 121 7.06 -35.96 -42.17
CA LEU B 121 6.97 -36.66 -40.89
C LEU B 121 7.00 -35.67 -39.73
N HIS B 122 7.79 -34.60 -39.84
CA HIS B 122 7.85 -33.57 -38.81
C HIS B 122 6.52 -32.85 -38.66
N ILE B 123 5.86 -32.56 -39.79
CA ILE B 123 4.57 -31.89 -39.80
C ILE B 123 3.48 -32.81 -39.27
N ALA B 124 3.54 -34.10 -39.64
CA ALA B 124 2.55 -35.07 -39.17
C ALA B 124 2.67 -35.35 -37.68
N VAL B 125 3.91 -35.37 -37.16
CA VAL B 125 4.13 -35.53 -35.73
C VAL B 125 3.70 -34.28 -34.95
N MET B 126 4.01 -33.08 -35.47
CA MET B 126 3.65 -31.85 -34.78
C MET B 126 2.14 -31.62 -34.75
N ASN B 127 1.42 -32.06 -35.78
CA ASN B 127 -0.04 -31.94 -35.81
C ASN B 127 -0.75 -33.05 -35.05
N GLN B 128 -0.01 -34.03 -34.52
CA GLN B 128 -0.50 -35.14 -33.70
C GLN B 128 -1.55 -36.00 -34.41
N ASN B 129 -1.37 -36.21 -35.72
CA ASN B 129 -2.26 -37.06 -36.49
C ASN B 129 -1.66 -38.46 -36.50
N LEU B 130 -2.25 -39.34 -35.68
CA LEU B 130 -1.69 -40.68 -35.45
C LEU B 130 -1.85 -41.58 -36.68
N ASN B 131 -3.01 -41.48 -37.35
CA ASN B 131 -3.23 -42.28 -38.56
C ASN B 131 -2.34 -41.81 -39.70
N LEU B 132 -2.07 -40.51 -39.76
CA LEU B 132 -1.15 -39.99 -40.77
C LEU B 132 0.29 -40.40 -40.50
N VAL B 133 0.70 -40.45 -39.23
CA VAL B 133 2.03 -40.92 -38.87
C VAL B 133 2.18 -42.41 -39.19
N ARG B 134 1.13 -43.20 -38.93
CA ARG B 134 1.13 -44.63 -39.26
C ARG B 134 1.19 -44.87 -40.77
N ALA B 135 0.36 -44.15 -41.53
CA ALA B 135 0.32 -44.34 -42.97
C ALA B 135 1.54 -43.75 -43.67
N LEU B 136 2.22 -42.80 -43.01
CA LEU B 136 3.41 -42.19 -43.59
C LEU B 136 4.67 -42.97 -43.25
N LEU B 137 4.69 -43.63 -42.09
CA LEU B 137 5.79 -44.53 -41.76
C LEU B 137 5.58 -45.92 -42.37
N ALA B 138 4.39 -46.21 -42.89
CA ALA B 138 4.18 -47.46 -43.62
C ALA B 138 4.97 -47.49 -44.93
N ARG B 139 5.04 -46.36 -45.64
CA ARG B 139 5.77 -46.31 -46.89
C ARG B 139 7.28 -46.14 -46.70
N GLY B 140 7.74 -45.85 -45.48
CA GLY B 140 9.17 -45.78 -45.24
C GLY B 140 9.73 -44.39 -45.10
N ALA B 141 9.05 -43.53 -44.34
CA ALA B 141 9.60 -42.22 -44.02
C ALA B 141 10.77 -42.35 -43.05
N SER B 142 11.74 -41.44 -43.18
CA SER B 142 12.95 -41.51 -42.38
C SER B 142 12.69 -40.97 -40.99
N VAL B 143 12.87 -41.82 -39.97
CA VAL B 143 12.68 -41.39 -38.59
C VAL B 143 13.90 -40.65 -38.06
N SER B 144 15.05 -40.79 -38.71
CA SER B 144 16.25 -40.06 -38.34
C SER B 144 16.46 -38.81 -39.20
N ALA B 145 15.37 -38.22 -39.68
CA ALA B 145 15.47 -37.01 -40.49
C ALA B 145 15.84 -35.82 -39.61
N ARG B 146 16.84 -35.07 -40.06
CA ARG B 146 17.45 -34.01 -39.27
C ARG B 146 17.10 -32.68 -39.93
N ALA B 147 16.16 -31.95 -39.33
CA ALA B 147 15.62 -30.72 -39.93
C ALA B 147 16.41 -29.51 -39.42
N THR B 148 17.49 -29.20 -40.13
CA THR B 148 18.36 -28.10 -39.73
C THR B 148 17.93 -26.77 -40.35
N GLY B 149 16.66 -26.43 -40.22
CA GLY B 149 16.14 -25.18 -40.75
C GLY B 149 16.34 -24.05 -39.77
N ALA B 150 16.16 -22.82 -40.26
CA ALA B 150 16.25 -21.66 -39.39
C ALA B 150 15.04 -21.53 -38.48
N ALA B 151 13.90 -22.11 -38.85
CA ALA B 151 12.73 -22.09 -38.00
C ALA B 151 12.85 -23.08 -36.84
N PHE B 152 13.62 -24.15 -37.02
CA PHE B 152 13.83 -25.14 -35.96
C PHE B 152 15.16 -24.89 -35.26
N ARG B 153 15.26 -23.71 -34.63
CA ARG B 153 16.45 -23.33 -33.87
C ARG B 153 16.00 -22.69 -32.57
N ARG B 154 16.86 -22.75 -31.57
CA ARG B 154 16.61 -22.09 -30.29
C ARG B 154 16.96 -20.62 -30.45
N SER B 155 15.99 -19.85 -30.95
CA SER B 155 16.15 -18.44 -31.26
C SER B 155 14.98 -17.67 -30.68
N PRO B 156 15.17 -16.38 -30.36
CA PRO B 156 14.03 -15.55 -29.96
C PRO B 156 13.06 -15.24 -31.10
N HIS B 157 13.46 -15.43 -32.36
CA HIS B 157 12.55 -15.23 -33.48
C HIS B 157 11.47 -16.30 -33.51
N ASN B 158 11.82 -17.55 -33.19
CA ASN B 158 10.87 -18.64 -33.27
C ASN B 158 10.03 -18.72 -32.00
N LEU B 159 8.76 -19.09 -32.18
CA LEU B 159 7.85 -19.21 -31.05
C LEU B 159 8.10 -20.48 -30.25
N ILE B 160 8.44 -21.57 -30.91
CA ILE B 160 8.73 -22.83 -30.24
C ILE B 160 10.12 -23.30 -30.65
N TYR B 161 10.68 -24.22 -29.87
CA TYR B 161 11.93 -24.88 -30.20
C TYR B 161 11.74 -26.36 -29.84
N TYR B 162 11.34 -27.14 -30.86
CA TYR B 162 10.91 -28.51 -30.67
C TYR B 162 11.95 -29.53 -31.15
N GLY B 163 12.98 -29.09 -31.86
CA GLY B 163 14.09 -29.96 -32.21
C GLY B 163 14.36 -30.01 -33.70
N GLU B 164 15.13 -31.02 -34.09
CA GLU B 164 15.42 -31.31 -35.48
C GLU B 164 15.00 -32.73 -35.86
N HIS B 165 14.55 -33.53 -34.88
CA HIS B 165 14.17 -34.91 -35.08
C HIS B 165 12.67 -35.09 -34.84
N PRO B 166 12.03 -36.06 -35.49
CA PRO B 166 10.61 -36.32 -35.21
C PRO B 166 10.33 -36.84 -33.80
N LEU B 167 11.30 -37.50 -33.18
CA LEU B 167 11.09 -38.01 -31.83
C LEU B 167 11.15 -36.88 -30.80
N SER B 168 12.00 -35.89 -31.04
CA SER B 168 12.01 -34.68 -30.23
C SER B 168 10.71 -33.90 -30.40
N PHE B 169 10.17 -33.90 -31.63
CA PHE B 169 8.88 -33.26 -31.90
C PHE B 169 7.75 -33.96 -31.16
N ALA B 170 7.79 -35.30 -31.12
CA ALA B 170 6.75 -36.08 -30.44
C ALA B 170 6.87 -35.95 -28.93
N ALA B 171 8.09 -35.81 -28.41
CA ALA B 171 8.25 -35.59 -26.98
C ALA B 171 7.80 -34.19 -26.58
N CYS B 172 8.10 -33.18 -27.41
CA CYS B 172 7.71 -31.82 -27.06
C CYS B 172 6.23 -31.55 -27.28
N VAL B 173 5.58 -32.26 -28.21
CA VAL B 173 4.16 -31.99 -28.45
C VAL B 173 3.28 -32.68 -27.42
N GLY B 174 3.80 -33.70 -26.73
CA GLY B 174 3.05 -34.34 -25.67
C GLY B 174 2.16 -35.48 -26.09
N SER B 175 2.59 -36.32 -27.03
CA SER B 175 1.81 -37.46 -27.49
C SER B 175 2.57 -38.73 -27.10
N GLU B 176 1.88 -39.64 -26.42
CA GLU B 176 2.54 -40.80 -25.83
C GLU B 176 2.71 -41.90 -26.86
N GLU B 177 1.65 -42.19 -27.63
CA GLU B 177 1.63 -43.36 -28.49
C GLU B 177 2.44 -43.09 -29.76
N ILE B 178 2.55 -41.82 -30.16
CA ILE B 178 3.44 -41.44 -31.26
C ILE B 178 4.90 -41.67 -30.87
N VAL B 179 5.25 -41.38 -29.60
CA VAL B 179 6.59 -41.66 -29.08
C VAL B 179 6.86 -43.17 -29.08
N ARG B 180 5.88 -43.96 -28.62
CA ARG B 180 6.02 -45.43 -28.58
C ARG B 180 6.16 -46.02 -29.98
N LEU B 181 5.39 -45.50 -30.95
CA LEU B 181 5.45 -45.98 -32.32
C LEU B 181 6.73 -45.51 -33.02
N LEU B 182 7.30 -44.38 -32.59
CA LEU B 182 8.58 -43.95 -33.14
C LEU B 182 9.73 -44.79 -32.60
N ILE B 183 9.63 -45.23 -31.33
CA ILE B 183 10.60 -46.20 -30.80
C ILE B 183 10.45 -47.54 -31.52
N GLU B 184 9.22 -47.93 -31.85
CA GLU B 184 8.97 -49.19 -32.56
C GLU B 184 9.53 -49.19 -33.98
N HIS B 185 9.51 -48.05 -34.67
CA HIS B 185 10.09 -47.92 -36.00
C HIS B 185 11.37 -47.10 -35.91
N GLY B 186 12.47 -47.78 -35.56
CA GLY B 186 13.78 -47.14 -35.54
C GLY B 186 13.91 -46.08 -34.46
N ALA B 187 14.56 -44.96 -34.83
CA ALA B 187 14.60 -43.70 -34.07
C ALA B 187 15.22 -43.88 -32.68
N ASP B 188 16.54 -44.11 -32.68
CA ASP B 188 17.30 -44.19 -31.44
C ASP B 188 17.24 -42.85 -30.70
N ILE B 189 17.22 -42.95 -29.37
CA ILE B 189 16.97 -41.77 -28.54
C ILE B 189 18.22 -40.89 -28.47
N ARG B 190 19.41 -41.48 -28.49
CA ARG B 190 20.67 -40.73 -28.41
C ARG B 190 21.01 -40.04 -29.73
N ALA B 191 20.20 -39.06 -30.13
CA ALA B 191 20.42 -38.26 -31.32
C ALA B 191 20.52 -36.80 -30.91
N GLN B 192 21.65 -36.17 -31.21
CA GLN B 192 21.91 -34.79 -30.79
C GLN B 192 21.66 -33.86 -31.97
N ASP B 193 20.79 -32.88 -31.77
CA ASP B 193 20.57 -31.81 -32.74
C ASP B 193 21.54 -30.67 -32.45
N SER B 194 21.27 -29.49 -33.00
CA SER B 194 22.15 -28.34 -32.83
C SER B 194 22.16 -27.86 -31.38
N LEU B 195 23.31 -27.28 -30.99
CA LEU B 195 23.71 -26.90 -29.63
C LEU B 195 23.75 -28.09 -28.67
N GLY B 196 23.94 -29.30 -29.21
CA GLY B 196 24.21 -30.48 -28.42
C GLY B 196 23.05 -31.07 -27.66
N ASN B 197 21.83 -30.59 -27.88
CA ASN B 197 20.69 -31.06 -27.10
C ASN B 197 20.23 -32.42 -27.60
N THR B 198 20.02 -33.35 -26.67
CA THR B 198 19.29 -34.57 -26.99
C THR B 198 17.83 -34.33 -26.65
N VAL B 199 17.04 -35.40 -26.60
CA VAL B 199 15.59 -35.25 -26.43
C VAL B 199 15.26 -34.92 -24.98
N LEU B 200 16.10 -35.37 -24.05
CA LEU B 200 15.90 -35.06 -22.63
C LEU B 200 16.13 -33.58 -22.33
N HIS B 201 17.15 -33.00 -22.97
CA HIS B 201 17.45 -31.56 -22.84
C HIS B 201 16.28 -30.71 -23.34
N ILE B 202 15.72 -31.07 -24.48
CA ILE B 202 14.62 -30.30 -25.05
C ILE B 202 13.31 -30.60 -24.35
N LEU B 203 13.19 -31.76 -23.67
CA LEU B 203 12.04 -32.01 -22.83
C LEU B 203 12.08 -31.16 -21.58
N ILE B 204 13.27 -30.91 -21.04
CA ILE B 204 13.42 -29.97 -19.95
C ILE B 204 13.18 -28.53 -20.42
N LEU B 205 13.62 -28.19 -21.63
CA LEU B 205 13.50 -26.83 -22.15
C LEU B 205 12.06 -26.40 -22.49
N GLN B 206 11.09 -27.32 -22.52
CA GLN B 206 9.73 -26.89 -22.79
C GLN B 206 9.07 -26.29 -21.54
N PRO B 207 8.14 -25.37 -21.73
CA PRO B 207 7.20 -25.02 -20.65
C PRO B 207 6.04 -26.01 -20.65
N ASN B 208 5.07 -25.74 -19.76
CA ASN B 208 3.85 -26.54 -19.53
C ASN B 208 4.22 -27.99 -19.17
N LYS B 209 4.83 -28.11 -17.99
CA LYS B 209 5.47 -29.31 -17.44
C LYS B 209 4.49 -30.37 -16.92
N THR B 210 3.19 -30.32 -17.25
CA THR B 210 2.26 -31.35 -16.80
C THR B 210 2.56 -32.69 -17.47
N PHE B 211 2.89 -32.67 -18.75
CA PHE B 211 3.19 -33.88 -19.50
C PHE B 211 4.68 -34.08 -19.76
N ALA B 212 5.54 -33.18 -19.26
CA ALA B 212 6.96 -33.30 -19.52
C ALA B 212 7.60 -34.39 -18.66
N CYS B 213 7.14 -34.54 -17.42
CA CYS B 213 7.73 -35.51 -16.49
C CYS B 213 7.38 -36.93 -16.89
N GLN B 214 6.14 -37.17 -17.33
CA GLN B 214 5.73 -38.49 -17.77
C GLN B 214 6.43 -38.90 -19.07
N MET B 215 6.62 -37.93 -19.97
CA MET B 215 7.37 -38.17 -21.20
C MET B 215 8.84 -38.48 -20.91
N TYR B 216 9.43 -37.74 -19.96
CA TYR B 216 10.82 -37.97 -19.56
C TYR B 216 10.98 -39.33 -18.90
N ASN B 217 9.99 -39.74 -18.10
CA ASN B 217 10.04 -41.04 -17.43
C ASN B 217 9.87 -42.17 -18.45
N LEU B 218 9.05 -41.96 -19.49
CA LEU B 218 8.86 -43.01 -20.47
C LEU B 218 10.07 -43.15 -21.40
N LEU B 219 10.74 -42.04 -21.72
CA LEU B 219 12.01 -42.20 -22.46
C LEU B 219 13.15 -42.67 -21.57
N LEU B 220 13.06 -42.50 -20.24
CA LEU B 220 14.02 -43.18 -19.38
C LEU B 220 13.70 -44.67 -19.25
N SER B 221 12.45 -45.06 -19.50
CA SER B 221 12.10 -46.48 -19.50
C SER B 221 12.71 -47.22 -20.69
N TYR B 222 12.74 -46.58 -21.86
CA TYR B 222 13.34 -47.20 -23.05
C TYR B 222 14.85 -47.00 -23.12
N ASP B 223 15.45 -46.25 -22.20
CA ASP B 223 16.88 -45.99 -22.22
C ASP B 223 17.60 -47.18 -21.61
N GLU B 224 17.93 -48.16 -22.45
CA GLU B 224 18.74 -49.32 -22.05
C GLU B 224 19.90 -49.44 -23.03
N HIS B 225 20.97 -48.68 -22.77
CA HIS B 225 22.20 -48.60 -23.57
C HIS B 225 21.97 -48.32 -25.06
N GLN B 230 28.23 -45.04 -20.99
CA GLN B 230 27.64 -43.80 -20.49
C GLN B 230 26.14 -43.79 -20.72
N SER B 231 25.40 -43.34 -19.71
CA SER B 231 23.95 -43.28 -19.81
C SER B 231 23.50 -42.05 -20.60
N LEU B 232 22.19 -41.99 -20.87
CA LEU B 232 21.63 -40.89 -21.62
C LEU B 232 21.55 -39.61 -20.78
N GLU B 233 21.44 -39.76 -19.46
CA GLU B 233 21.42 -38.62 -18.55
C GLU B 233 22.74 -37.86 -18.47
N LEU B 234 23.85 -38.49 -18.86
CA LEU B 234 25.16 -37.86 -18.77
C LEU B 234 25.64 -37.30 -20.11
N VAL B 235 24.80 -37.31 -21.15
CA VAL B 235 25.18 -36.75 -22.44
C VAL B 235 25.06 -35.24 -22.37
N PRO B 236 26.13 -34.49 -22.61
CA PRO B 236 26.07 -33.03 -22.46
C PRO B 236 25.66 -32.30 -23.73
N ASN B 237 25.63 -30.97 -23.64
CA ASN B 237 25.41 -30.09 -24.78
C ASN B 237 26.72 -29.91 -25.55
N HIS B 238 26.67 -29.04 -26.56
CA HIS B 238 27.88 -28.42 -27.07
C HIS B 238 28.41 -27.34 -26.13
N GLN B 239 27.53 -26.80 -25.28
CA GLN B 239 27.91 -25.98 -24.15
C GLN B 239 28.47 -26.80 -23.00
N GLY B 240 28.20 -28.10 -22.98
CA GLY B 240 28.70 -28.98 -21.94
C GLY B 240 27.74 -29.24 -20.80
N LEU B 241 26.46 -28.92 -20.95
CA LEU B 241 25.51 -28.98 -19.86
C LEU B 241 24.83 -30.35 -19.81
N THR B 242 24.91 -30.99 -18.65
CA THR B 242 24.08 -32.14 -18.29
C THR B 242 22.62 -31.70 -18.24
N PRO B 243 21.67 -32.60 -18.56
CA PRO B 243 20.24 -32.27 -18.36
C PRO B 243 19.87 -31.90 -16.92
N PHE B 244 20.56 -32.48 -15.93
CA PHE B 244 20.47 -31.98 -14.57
C PHE B 244 20.96 -30.54 -14.47
N LYS B 245 22.12 -30.25 -15.09
CA LYS B 245 22.64 -28.89 -15.06
C LYS B 245 21.83 -27.95 -15.95
N LEU B 246 21.23 -28.46 -17.03
CA LEU B 246 20.37 -27.62 -17.86
C LEU B 246 19.06 -27.31 -17.14
N ALA B 247 18.55 -28.24 -16.35
CA ALA B 247 17.40 -27.95 -15.50
C ALA B 247 17.76 -26.96 -14.40
N GLY B 248 19.01 -27.01 -13.94
CA GLY B 248 19.47 -26.01 -12.98
C GLY B 248 19.58 -24.61 -13.58
N VAL B 249 20.08 -24.51 -14.81
CA VAL B 249 20.22 -23.22 -15.48
C VAL B 249 18.85 -22.65 -15.86
N GLU B 250 17.98 -23.49 -16.44
CA GLU B 250 16.71 -23.00 -16.97
C GLU B 250 15.69 -22.70 -15.88
N GLY B 251 15.91 -23.15 -14.65
CA GLY B 251 14.96 -22.89 -13.59
C GLY B 251 13.78 -23.80 -13.56
N ASN B 252 13.85 -24.96 -14.20
CA ASN B 252 12.76 -25.92 -14.24
C ASN B 252 12.74 -26.65 -12.90
N THR B 253 12.02 -26.06 -11.93
CA THR B 253 12.05 -26.57 -10.56
C THR B 253 11.20 -27.83 -10.41
N VAL B 254 10.10 -27.92 -11.17
CA VAL B 254 9.26 -29.12 -11.16
C VAL B 254 10.02 -30.30 -11.72
N MET B 255 10.76 -30.07 -12.81
CA MET B 255 11.62 -31.11 -13.35
C MET B 255 12.82 -31.39 -12.44
N PHE B 256 13.26 -30.38 -11.67
CA PHE B 256 14.37 -30.59 -10.74
C PHE B 256 13.97 -31.51 -9.59
N GLN B 257 12.78 -31.29 -9.02
CA GLN B 257 12.33 -32.19 -7.96
C GLN B 257 11.90 -33.54 -8.52
N HIS B 258 11.47 -33.60 -9.79
CA HIS B 258 11.23 -34.88 -10.44
C HIS B 258 12.53 -35.66 -10.64
N LEU B 259 13.63 -34.96 -10.94
CA LEU B 259 14.91 -35.62 -11.11
C LEU B 259 15.49 -36.06 -9.77
N MET B 260 15.28 -35.29 -8.71
CA MET B 260 15.79 -35.70 -7.40
C MET B 260 14.85 -36.67 -6.70
N GLN B 261 13.66 -36.93 -7.25
CA GLN B 261 12.91 -38.10 -6.81
C GLN B 261 13.64 -39.39 -7.15
N LYS B 262 14.29 -39.45 -8.31
CA LYS B 262 15.05 -40.63 -8.71
C LYS B 262 16.44 -40.68 -8.10
N ARG B 263 16.94 -39.57 -7.57
CA ARG B 263 18.29 -39.51 -7.01
C ARG B 263 18.29 -39.45 -5.49
N LYS B 264 17.27 -40.01 -4.85
CA LYS B 264 17.16 -39.97 -3.40
C LYS B 264 16.81 -41.36 -2.87
N HIS B 265 17.10 -41.57 -1.60
CA HIS B 265 16.78 -42.81 -0.91
C HIS B 265 16.19 -42.47 0.45
N VAL B 266 14.96 -42.89 0.69
CA VAL B 266 14.32 -42.71 1.99
C VAL B 266 14.94 -43.72 2.94
N GLN B 267 15.64 -43.22 3.96
CA GLN B 267 16.27 -44.11 4.93
C GLN B 267 15.22 -44.76 5.82
N TRP B 268 14.42 -43.95 6.52
CA TRP B 268 13.35 -44.51 7.34
C TRP B 268 12.24 -43.48 7.48
N THR B 269 11.10 -43.94 7.98
CA THR B 269 10.04 -43.07 8.46
C THR B 269 9.51 -43.65 9.77
N CYS B 270 9.26 -42.78 10.74
CA CYS B 270 8.79 -43.22 12.06
C CYS B 270 7.67 -42.28 12.49
N GLY B 271 6.44 -42.62 12.10
CA GLY B 271 5.29 -41.82 12.44
C GLY B 271 5.22 -40.56 11.61
N PRO B 272 5.26 -39.39 12.27
CA PRO B 272 5.04 -38.14 11.54
C PRO B 272 6.27 -37.65 10.79
N LEU B 273 7.46 -38.13 11.14
CA LEU B 273 8.69 -37.61 10.57
C LEU B 273 9.45 -38.72 9.85
N THR B 274 10.13 -38.33 8.77
CA THR B 274 10.92 -39.25 7.95
C THR B 274 12.33 -38.70 7.80
N SER B 275 13.26 -39.62 7.53
CA SER B 275 14.65 -39.27 7.23
C SER B 275 15.00 -39.88 5.88
N THR B 276 15.48 -39.04 4.97
CA THR B 276 15.82 -39.45 3.62
C THR B 276 17.20 -38.94 3.24
N LEU B 277 17.77 -39.52 2.20
CA LEU B 277 19.19 -39.40 1.87
C LEU B 277 19.35 -39.02 0.41
N TYR B 278 19.55 -37.73 0.16
CA TYR B 278 19.76 -37.24 -1.20
C TYR B 278 21.22 -37.44 -1.63
N ASP B 279 21.42 -37.48 -2.94
CA ASP B 279 22.72 -37.72 -3.54
C ASP B 279 23.26 -36.41 -4.08
N LEU B 280 24.49 -36.07 -3.72
CA LEU B 280 25.13 -34.82 -4.12
C LEU B 280 26.17 -35.04 -5.22
N THR B 281 26.00 -36.07 -6.05
CA THR B 281 26.96 -36.30 -7.13
C THR B 281 26.82 -35.26 -8.23
N GLU B 282 25.59 -34.95 -8.62
CA GLU B 282 25.33 -33.98 -9.67
C GLU B 282 25.04 -32.58 -9.14
N ILE B 283 24.99 -32.40 -7.82
CA ILE B 283 24.74 -31.08 -7.22
C ILE B 283 26.04 -30.44 -6.73
N ASP B 284 26.79 -31.17 -5.89
CA ASP B 284 28.08 -30.65 -5.44
C ASP B 284 29.10 -30.68 -6.56
N SER B 285 29.23 -31.83 -7.25
CA SER B 285 30.00 -32.04 -8.49
C SER B 285 31.48 -31.68 -8.31
N TRP B 286 32.14 -32.52 -7.49
CA TRP B 286 33.51 -32.34 -7.03
C TRP B 286 34.54 -32.29 -8.14
N GLY B 287 34.54 -33.29 -9.03
CA GLY B 287 35.59 -33.42 -10.01
C GLY B 287 35.48 -32.50 -11.22
N GLU B 288 34.30 -31.94 -11.47
CA GLU B 288 34.11 -31.11 -12.65
C GLU B 288 34.65 -29.70 -12.41
N GLU B 289 35.22 -29.11 -13.47
CA GLU B 289 35.74 -27.75 -13.38
C GLU B 289 34.61 -26.74 -13.26
N LEU B 290 33.59 -26.86 -14.10
CA LEU B 290 32.37 -26.06 -13.96
C LEU B 290 31.41 -26.85 -13.09
N SER B 291 31.01 -26.27 -11.96
CA SER B 291 30.14 -26.99 -11.05
C SER B 291 28.69 -26.63 -11.33
N PHE B 292 27.78 -27.39 -10.70
CA PHE B 292 26.35 -27.18 -10.90
C PHE B 292 25.89 -25.85 -10.33
N LEU B 293 26.43 -25.46 -9.17
CA LEU B 293 25.94 -24.27 -8.48
C LEU B 293 26.38 -22.99 -9.17
N GLU B 294 27.57 -22.99 -9.79
CA GLU B 294 28.02 -21.82 -10.55
C GLU B 294 27.18 -21.60 -11.80
N LEU B 295 26.73 -22.68 -12.44
CA LEU B 295 25.83 -22.53 -13.58
C LEU B 295 24.43 -22.14 -13.12
N VAL B 296 24.05 -22.51 -11.90
CA VAL B 296 22.74 -22.15 -11.39
C VAL B 296 22.68 -20.66 -11.04
N VAL B 297 23.66 -20.16 -10.25
CA VAL B 297 23.44 -18.86 -9.62
C VAL B 297 23.86 -17.74 -10.56
N SER B 298 24.64 -18.04 -11.59
CA SER B 298 25.13 -17.06 -12.54
C SER B 298 24.43 -17.19 -13.89
N SER B 299 23.14 -17.49 -13.87
CA SER B 299 22.33 -17.61 -15.06
C SER B 299 21.54 -16.33 -15.27
N LYS B 300 21.22 -16.05 -16.54
CA LYS B 300 20.58 -14.79 -16.89
C LYS B 300 19.07 -14.84 -16.75
N LYS B 301 18.50 -15.98 -16.36
CA LYS B 301 17.06 -16.11 -16.25
C LYS B 301 16.55 -15.41 -15.00
N ARG B 302 15.29 -14.95 -15.06
CA ARG B 302 14.65 -14.40 -13.86
C ARG B 302 14.37 -15.48 -12.85
N GLU B 303 14.12 -16.70 -13.31
CA GLU B 303 14.07 -17.88 -12.46
C GLU B 303 15.48 -18.43 -12.26
N ALA B 304 15.57 -19.67 -11.78
CA ALA B 304 16.74 -20.45 -11.35
C ALA B 304 17.43 -19.88 -10.11
N ARG B 305 16.86 -18.87 -9.46
CA ARG B 305 17.18 -18.54 -8.08
C ARG B 305 16.13 -19.09 -7.11
N GLN B 306 15.00 -19.55 -7.63
CA GLN B 306 14.03 -20.30 -6.86
C GLN B 306 14.31 -21.79 -6.87
N ILE B 307 15.30 -22.23 -7.67
CA ILE B 307 15.78 -23.61 -7.61
C ILE B 307 16.83 -23.78 -6.51
N LEU B 308 17.30 -22.68 -5.92
CA LEU B 308 18.15 -22.74 -4.74
C LEU B 308 17.37 -22.94 -3.45
N GLU B 309 16.04 -22.92 -3.52
CA GLU B 309 15.19 -23.19 -2.38
C GLU B 309 14.62 -24.60 -2.40
N GLN B 310 15.15 -25.48 -3.25
CA GLN B 310 14.65 -26.84 -3.36
C GLN B 310 15.17 -27.71 -2.21
N THR B 311 14.75 -28.97 -2.24
CA THR B 311 14.88 -29.85 -1.07
C THR B 311 16.31 -30.31 -0.75
N PRO B 312 17.20 -30.64 -1.71
CA PRO B 312 18.61 -30.82 -1.29
C PRO B 312 19.40 -29.52 -1.22
N VAL B 313 19.13 -28.59 -2.15
CA VAL B 313 20.06 -27.50 -2.44
C VAL B 313 20.04 -26.45 -1.33
N LYS B 314 18.85 -26.17 -0.76
CA LYS B 314 18.71 -25.13 0.25
C LYS B 314 19.43 -25.49 1.54
N GLU B 315 19.26 -26.72 2.01
CA GLU B 315 19.97 -27.16 3.20
C GLU B 315 21.45 -27.44 2.92
N LEU B 316 21.80 -27.79 1.68
CA LEU B 316 23.22 -27.94 1.34
C LEU B 316 23.96 -26.60 1.41
N VAL B 317 23.40 -25.56 0.77
CA VAL B 317 24.07 -24.27 0.82
C VAL B 317 23.85 -23.59 2.17
N SER B 318 22.83 -24.01 2.93
CA SER B 318 22.66 -23.51 4.28
C SER B 318 23.74 -24.05 5.21
N PHE B 319 24.04 -25.35 5.11
CA PHE B 319 25.14 -25.94 5.88
C PHE B 319 26.48 -25.38 5.43
N LYS B 320 26.63 -25.16 4.12
CA LYS B 320 27.87 -24.61 3.58
C LYS B 320 28.08 -23.16 3.98
N TRP B 321 26.99 -22.42 4.22
CA TRP B 321 27.11 -21.01 4.60
C TRP B 321 27.25 -20.84 6.11
N LYS B 322 26.54 -21.64 6.90
CA LYS B 322 26.67 -21.54 8.36
C LYS B 322 28.00 -22.12 8.84
N LYS B 323 28.42 -23.25 8.26
CA LYS B 323 29.59 -23.94 8.77
C LYS B 323 30.89 -23.24 8.38
N TYR B 324 30.99 -22.79 7.13
CA TYR B 324 32.22 -22.18 6.64
C TYR B 324 32.01 -20.84 5.95
N GLY B 325 30.82 -20.54 5.45
CA GLY B 325 30.65 -19.37 4.59
C GLY B 325 30.68 -18.06 5.36
N ARG B 326 29.80 -17.91 6.35
CA ARG B 326 29.70 -16.69 7.14
C ARG B 326 30.94 -16.37 8.01
N PRO B 327 31.61 -17.31 8.73
CA PRO B 327 32.85 -16.90 9.42
C PRO B 327 33.99 -16.48 8.50
N TYR B 328 34.14 -17.13 7.35
CA TYR B 328 35.18 -16.73 6.41
C TYR B 328 34.85 -15.41 5.74
N PHE B 329 33.57 -15.16 5.45
CA PHE B 329 33.15 -13.88 4.89
C PHE B 329 33.31 -12.75 5.91
N CYS B 330 33.10 -13.06 7.20
CA CYS B 330 33.36 -12.07 8.24
C CYS B 330 34.86 -11.82 8.43
N VAL B 331 35.70 -12.84 8.21
CA VAL B 331 37.15 -12.66 8.29
C VAL B 331 37.65 -11.76 7.17
N LEU B 332 37.22 -12.04 5.92
CA LEU B 332 37.60 -11.16 4.80
C LEU B 332 36.97 -9.77 4.91
N ALA B 333 35.78 -9.65 5.51
CA ALA B 333 35.19 -8.34 5.77
C ALA B 333 36.00 -7.55 6.80
N SER B 334 36.49 -8.24 7.85
CA SER B 334 37.27 -7.57 8.90
C SER B 334 38.64 -7.13 8.38
N LEU B 335 39.33 -8.00 7.63
CA LEU B 335 40.61 -7.60 7.07
C LEU B 335 40.46 -6.57 5.94
N TYR B 336 39.32 -6.56 5.24
CA TYR B 336 39.12 -5.50 4.24
C TYR B 336 38.80 -4.16 4.91
N ILE B 337 38.09 -4.19 6.04
CA ILE B 337 37.83 -2.97 6.80
C ILE B 337 39.12 -2.42 7.40
N LEU B 338 39.98 -3.32 7.90
CA LEU B 338 41.28 -2.92 8.43
C LEU B 338 42.21 -2.40 7.33
N TYR B 339 42.11 -3.00 6.12
CA TYR B 339 42.87 -2.51 4.97
C TYR B 339 42.37 -1.13 4.53
N MET B 340 41.06 -0.89 4.64
CA MET B 340 40.51 0.42 4.32
C MET B 340 40.90 1.47 5.35
N ILE B 341 41.00 1.07 6.63
CA ILE B 341 41.48 1.96 7.67
C ILE B 341 42.95 2.32 7.45
N CYS B 342 43.75 1.33 7.03
CA CYS B 342 45.17 1.58 6.71
C CYS B 342 45.32 2.48 5.49
N PHE B 343 44.50 2.27 4.45
CA PHE B 343 44.54 3.11 3.26
C PHE B 343 44.07 4.54 3.56
N THR B 344 43.04 4.68 4.40
CA THR B 344 42.55 5.99 4.80
C THR B 344 43.58 6.73 5.64
N THR B 345 44.25 6.02 6.56
CA THR B 345 45.28 6.63 7.40
C THR B 345 46.50 7.03 6.58
N CYS B 346 46.85 6.25 5.56
CA CYS B 346 47.91 6.65 4.64
C CYS B 346 47.46 7.75 3.68
N CYS B 347 46.16 7.95 3.51
CA CYS B 347 45.67 9.10 2.77
C CYS B 347 45.66 10.39 3.59
N ILE B 348 45.34 10.32 4.89
CA ILE B 348 45.25 11.52 5.72
C ILE B 348 46.63 12.15 5.92
N TYR B 349 47.61 11.34 6.30
CA TYR B 349 48.99 11.76 6.39
C TYR B 349 49.57 11.71 4.99
N ARG B 350 49.96 12.85 4.45
CA ARG B 350 50.46 12.98 3.10
C ARG B 350 51.75 13.80 3.08
N PRO B 351 52.61 13.59 2.08
CA PRO B 351 53.79 14.46 1.96
C PRO B 351 53.43 15.85 1.46
N LEU B 352 52.96 16.71 2.36
CA LEU B 352 52.55 18.06 2.02
C LEU B 352 53.42 19.08 2.76
N LYS B 353 53.91 20.07 2.02
CA LYS B 353 54.75 21.12 2.55
C LYS B 353 54.15 22.47 2.15
N LEU B 354 54.74 23.55 2.67
CA LEU B 354 54.32 24.88 2.32
C LEU B 354 54.73 25.21 0.89
N ARG B 355 53.90 26.01 0.22
CA ARG B 355 54.15 26.34 -1.19
C ARG B 355 55.31 27.31 -1.32
N ASP B 356 55.98 27.26 -2.48
CA ASP B 356 57.17 28.07 -2.68
C ASP B 356 56.83 29.45 -3.24
N ASP B 357 55.84 29.51 -4.14
CA ASP B 357 55.45 30.78 -4.75
C ASP B 357 54.37 31.45 -3.92
N ASN B 358 54.53 32.74 -3.68
CA ASN B 358 53.52 33.50 -2.96
C ASN B 358 52.30 33.76 -3.84
N ARG B 359 51.14 33.89 -3.21
CA ARG B 359 49.89 34.11 -3.92
C ARG B 359 49.66 35.61 -4.06
N THR B 360 49.99 36.14 -5.24
CA THR B 360 49.70 37.53 -5.58
C THR B 360 48.33 37.69 -6.23
N ASP B 361 47.60 36.59 -6.40
CA ASP B 361 46.28 36.59 -7.01
C ASP B 361 45.23 36.45 -5.93
N PRO B 362 44.23 37.33 -5.86
CA PRO B 362 43.09 37.10 -4.96
C PRO B 362 42.23 35.94 -5.45
N ARG B 363 41.38 35.46 -4.52
CA ARG B 363 40.49 34.30 -4.55
C ARG B 363 41.23 32.96 -4.52
N ASP B 364 42.56 32.96 -4.41
CA ASP B 364 43.34 31.74 -4.36
C ASP B 364 43.65 31.42 -2.90
N ILE B 365 43.25 30.23 -2.45
CA ILE B 365 43.39 29.83 -1.06
C ILE B 365 44.33 28.66 -0.87
N THR B 366 45.04 28.24 -1.91
CA THR B 366 45.99 27.13 -1.80
C THR B 366 47.22 27.58 -1.03
N ILE B 367 47.46 26.98 0.13
CA ILE B 367 48.59 27.34 0.97
C ILE B 367 49.62 26.22 1.07
N LEU B 368 49.27 25.00 0.67
CA LEU B 368 50.17 23.86 0.75
C LEU B 368 50.25 23.21 -0.62
N GLN B 369 51.37 22.55 -0.86
CA GLN B 369 51.55 21.75 -2.07
C GLN B 369 52.23 20.44 -1.69
N GLN B 370 52.01 19.42 -2.51
CA GLN B 370 52.64 18.13 -2.25
C GLN B 370 54.12 18.19 -2.63
N LYS B 371 54.97 17.62 -1.78
CA LYS B 371 56.41 17.74 -1.97
C LYS B 371 56.92 16.61 -2.86
N LEU B 372 58.19 16.75 -3.26
CA LEU B 372 58.80 15.81 -4.18
C LEU B 372 59.12 14.49 -3.47
N LEU B 373 59.40 13.47 -4.29
CA LEU B 373 59.60 12.11 -3.78
C LEU B 373 60.90 11.99 -3.00
N GLN B 374 61.93 12.76 -3.38
CA GLN B 374 63.22 12.68 -2.71
C GLN B 374 63.18 13.28 -1.31
N GLU B 375 62.27 14.22 -1.07
CA GLU B 375 62.07 14.80 0.25
C GLU B 375 60.81 14.29 0.94
N ALA B 376 60.11 13.31 0.34
CA ALA B 376 58.86 12.83 0.92
C ALA B 376 59.10 11.95 2.14
N TYR B 377 60.13 11.10 2.09
CA TYR B 377 60.37 10.13 3.16
C TYR B 377 61.76 10.35 3.74
N VAL B 378 61.88 11.36 4.62
CA VAL B 378 62.93 11.35 5.65
C VAL B 378 62.36 11.81 7.00
N THR B 379 61.77 10.84 7.72
CA THR B 379 61.11 10.95 9.03
C THR B 379 60.79 9.51 9.39
N HIS B 380 60.80 9.14 10.69
CA HIS B 380 60.26 7.85 11.11
C HIS B 380 58.78 7.73 10.80
N GLN B 381 58.02 8.83 10.97
CA GLN B 381 56.60 8.82 10.66
C GLN B 381 56.35 8.68 9.15
N ASP B 382 57.26 9.21 8.33
CA ASP B 382 57.13 9.00 6.89
C ASP B 382 57.47 7.56 6.52
N ASN B 383 58.32 6.89 7.30
CA ASN B 383 58.55 5.47 7.07
C ASN B 383 57.35 4.62 7.48
N ILE B 384 56.67 5.03 8.56
CA ILE B 384 55.43 4.39 8.99
C ILE B 384 54.34 4.59 7.93
N ARG B 385 54.32 5.76 7.29
CA ARG B 385 53.43 5.97 6.14
C ARG B 385 53.86 5.12 4.94
N LEU B 386 55.17 4.96 4.72
CA LEU B 386 55.68 4.26 3.54
C LEU B 386 55.38 2.77 3.59
N VAL B 387 55.48 2.16 4.78
CA VAL B 387 55.18 0.73 4.89
C VAL B 387 53.68 0.48 4.72
N GLY B 388 52.84 1.42 5.15
CA GLY B 388 51.41 1.29 4.90
C GLY B 388 51.04 1.55 3.45
N GLU B 389 51.82 2.40 2.77
CA GLU B 389 51.66 2.56 1.33
C GLU B 389 52.05 1.28 0.58
N LEU B 390 53.07 0.59 1.07
CA LEU B 390 53.42 -0.72 0.52
C LEU B 390 52.32 -1.75 0.78
N VAL B 391 51.68 -1.66 1.96
CA VAL B 391 50.54 -2.52 2.28
C VAL B 391 49.36 -2.27 1.34
N THR B 392 49.03 -1.01 1.07
CA THR B 392 47.88 -0.76 0.20
C THR B 392 48.20 -1.01 -1.28
N VAL B 393 49.46 -0.88 -1.69
CA VAL B 393 49.85 -1.26 -3.04
C VAL B 393 49.79 -2.78 -3.21
N THR B 394 50.23 -3.53 -2.18
CA THR B 394 50.12 -4.98 -2.18
C THR B 394 48.66 -5.43 -2.17
N GLY B 395 47.81 -4.72 -1.44
CA GLY B 395 46.39 -5.03 -1.44
C GLY B 395 45.72 -4.77 -2.78
N ALA B 396 46.12 -3.69 -3.45
CA ALA B 396 45.58 -3.40 -4.78
C ALA B 396 46.02 -4.43 -5.82
N VAL B 397 47.29 -4.88 -5.75
CA VAL B 397 47.73 -5.84 -6.76
C VAL B 397 47.21 -7.24 -6.47
N ILE B 398 46.93 -7.58 -5.20
CA ILE B 398 46.29 -8.88 -4.97
C ILE B 398 44.80 -8.81 -5.28
N ILE B 399 44.18 -7.62 -5.19
CA ILE B 399 42.82 -7.44 -5.67
C ILE B 399 42.75 -7.65 -7.19
N LEU B 400 43.73 -7.11 -7.92
CA LEU B 400 43.78 -7.32 -9.36
C LEU B 400 44.07 -8.79 -9.71
N LEU B 401 44.98 -9.44 -8.97
CA LEU B 401 45.28 -10.84 -9.22
C LEU B 401 44.12 -11.77 -8.85
N LEU B 402 43.24 -11.33 -7.96
CA LEU B 402 42.04 -12.10 -7.68
C LEU B 402 40.90 -11.81 -8.65
N GLU B 403 40.86 -10.62 -9.25
CA GLU B 403 39.66 -10.23 -9.99
C GLU B 403 39.80 -10.27 -11.51
N ILE B 404 40.97 -9.93 -12.08
CA ILE B 404 41.15 -10.05 -13.54
C ILE B 404 41.04 -11.47 -14.09
N PRO B 405 41.56 -12.54 -13.43
CA PRO B 405 41.19 -13.89 -13.90
C PRO B 405 39.72 -14.26 -13.81
N ASP B 406 38.93 -13.59 -12.98
CA ASP B 406 37.48 -13.78 -13.03
C ASP B 406 36.87 -13.15 -14.27
N ILE B 407 37.42 -12.02 -14.71
CA ILE B 407 36.99 -11.39 -15.96
C ILE B 407 37.41 -12.26 -17.15
N PHE B 408 38.57 -12.91 -17.04
CA PHE B 408 39.01 -13.83 -18.10
C PHE B 408 38.32 -15.18 -18.02
N ARG B 409 37.66 -15.51 -16.90
CA ARG B 409 37.04 -16.83 -16.75
C ARG B 409 35.60 -16.83 -17.25
N VAL B 410 34.74 -16.02 -16.62
CA VAL B 410 33.37 -15.83 -17.06
C VAL B 410 33.34 -14.52 -17.83
N GLY B 411 32.42 -14.41 -18.80
CA GLY B 411 32.41 -13.26 -19.69
C GLY B 411 32.04 -11.97 -18.96
N ALA B 412 32.58 -10.85 -19.47
CA ALA B 412 32.59 -9.60 -18.73
C ALA B 412 31.21 -8.97 -18.63
N SER B 413 30.33 -9.21 -19.61
CA SER B 413 28.96 -8.74 -19.51
C SER B 413 28.20 -9.46 -18.41
N ARG B 414 28.36 -10.78 -18.32
CA ARG B 414 27.78 -11.55 -17.23
C ARG B 414 28.45 -11.26 -15.89
N TYR B 415 29.77 -10.98 -15.91
CA TYR B 415 30.49 -10.70 -14.67
C TYR B 415 30.12 -9.34 -14.08
N PHE B 416 29.98 -8.32 -14.93
CA PHE B 416 29.69 -6.98 -14.44
C PHE B 416 28.20 -6.65 -14.42
N GLY B 417 27.37 -7.43 -15.09
CA GLY B 417 25.96 -7.11 -15.17
C GLY B 417 25.10 -7.82 -14.15
N GLN B 418 25.66 -8.83 -13.49
CA GLN B 418 24.93 -9.59 -12.48
C GLN B 418 25.00 -8.89 -11.13
N THR B 419 23.85 -8.52 -10.59
CA THR B 419 23.80 -7.99 -9.24
C THR B 419 23.83 -9.10 -8.20
N ILE B 420 23.62 -10.34 -8.63
CA ILE B 420 23.77 -11.49 -7.74
C ILE B 420 25.25 -11.71 -7.40
N LEU B 421 26.12 -11.62 -8.40
CA LEU B 421 27.54 -11.84 -8.22
C LEU B 421 28.31 -10.59 -7.79
N GLY B 422 27.60 -9.49 -7.56
CA GLY B 422 28.24 -8.25 -7.15
C GLY B 422 29.04 -7.57 -8.24
N GLY B 423 28.45 -7.49 -9.44
CA GLY B 423 29.06 -6.88 -10.60
C GLY B 423 29.43 -5.41 -10.52
N PRO B 424 28.53 -4.54 -10.02
CA PRO B 424 28.95 -3.16 -9.70
C PRO B 424 30.07 -3.06 -8.68
N PHE B 425 30.09 -3.96 -7.68
CA PHE B 425 31.19 -3.98 -6.73
C PHE B 425 32.48 -4.45 -7.39
N HIS B 426 32.37 -5.35 -8.38
CA HIS B 426 33.53 -5.79 -9.13
C HIS B 426 34.10 -4.66 -9.98
N VAL B 427 33.25 -3.88 -10.66
CA VAL B 427 33.79 -2.84 -11.52
C VAL B 427 34.33 -1.66 -10.69
N ILE B 428 33.74 -1.40 -9.51
CA ILE B 428 34.33 -0.35 -8.70
C ILE B 428 35.58 -0.84 -7.96
N ILE B 429 35.76 -2.15 -7.75
CA ILE B 429 36.99 -2.56 -7.09
C ILE B 429 38.14 -2.64 -8.12
N ILE B 430 37.83 -2.93 -9.39
CA ILE B 430 38.83 -2.75 -10.47
C ILE B 430 39.19 -1.28 -10.63
N THR B 431 38.19 -0.39 -10.55
CA THR B 431 38.46 1.05 -10.67
C THR B 431 39.28 1.57 -9.49
N TYR B 432 39.01 1.06 -8.28
CA TYR B 432 39.77 1.44 -7.11
C TYR B 432 41.23 0.97 -7.18
N ALA B 433 41.44 -0.28 -7.63
CA ALA B 433 42.80 -0.81 -7.73
C ALA B 433 43.59 -0.10 -8.82
N SER B 434 42.94 0.23 -9.94
CA SER B 434 43.61 0.97 -11.01
C SER B 434 43.91 2.40 -10.59
N LEU B 435 43.05 3.00 -9.76
CA LEU B 435 43.31 4.34 -9.25
C LEU B 435 44.44 4.35 -8.23
N VAL B 436 44.57 3.28 -7.42
CA VAL B 436 45.67 3.18 -6.47
C VAL B 436 47.01 3.00 -7.19
N LEU B 437 47.03 2.16 -8.24
CA LEU B 437 48.27 2.02 -9.01
C LEU B 437 48.58 3.27 -9.84
N LEU B 438 47.55 4.00 -10.29
CA LEU B 438 47.77 5.29 -10.94
C LEU B 438 48.35 6.31 -9.96
N THR B 439 47.88 6.29 -8.71
CA THR B 439 48.43 7.12 -7.65
C THR B 439 49.89 6.76 -7.36
N MET B 440 50.21 5.47 -7.41
CA MET B 440 51.59 5.02 -7.20
C MET B 440 52.51 5.46 -8.34
N VAL B 441 52.01 5.41 -9.59
CA VAL B 441 52.77 5.91 -10.73
C VAL B 441 52.97 7.43 -10.65
N MET B 442 51.94 8.17 -10.25
CA MET B 442 52.08 9.61 -10.08
C MET B 442 52.96 9.99 -8.90
N ARG B 443 53.04 9.11 -7.89
CA ARG B 443 53.90 9.37 -6.75
C ARG B 443 55.37 9.15 -7.11
N LEU B 444 55.66 8.08 -7.86
CA LEU B 444 57.05 7.86 -8.28
C LEU B 444 57.47 8.81 -9.39
N THR B 445 56.52 9.26 -10.22
CA THR B 445 56.82 10.13 -11.35
C THR B 445 56.80 11.61 -10.93
N ASN B 446 56.32 11.88 -9.71
CA ASN B 446 56.12 13.23 -9.14
C ASN B 446 55.21 14.10 -10.01
N MET B 447 54.14 13.52 -10.53
CA MET B 447 53.11 14.32 -11.20
C MET B 447 52.27 15.06 -10.16
N ASN B 448 51.84 16.27 -10.52
CA ASN B 448 50.94 17.03 -9.67
C ASN B 448 49.50 16.55 -9.86
N GLY B 449 48.68 16.83 -8.85
CA GLY B 449 47.27 16.45 -8.91
C GLY B 449 46.97 15.06 -8.42
N GLU B 450 47.55 14.66 -7.29
CA GLU B 450 47.30 13.34 -6.72
C GLU B 450 46.00 13.29 -5.93
N VAL B 451 45.44 14.46 -5.61
CA VAL B 451 44.24 14.54 -4.77
C VAL B 451 43.01 14.02 -5.51
N VAL B 452 42.97 14.15 -6.83
CA VAL B 452 41.86 13.65 -7.65
C VAL B 452 41.83 12.11 -7.70
N PRO B 453 42.91 11.37 -8.04
CA PRO B 453 42.79 9.89 -7.91
C PRO B 453 42.76 9.41 -6.49
N LEU B 454 43.31 10.16 -5.53
CA LEU B 454 43.20 9.74 -4.12
C LEU B 454 41.77 9.86 -3.61
N SER B 455 41.06 10.91 -4.00
CA SER B 455 39.68 11.09 -3.56
C SER B 455 38.72 10.13 -4.25
N PHE B 456 38.92 9.90 -5.57
CA PHE B 456 38.16 8.82 -6.23
C PHE B 456 38.45 7.45 -5.63
N ALA B 457 39.71 7.19 -5.27
CA ALA B 457 40.09 5.91 -4.66
C ALA B 457 39.47 5.74 -3.28
N LEU B 458 39.42 6.83 -2.48
CA LEU B 458 38.81 6.76 -1.16
C LEU B 458 37.30 6.52 -1.23
N VAL B 459 36.61 7.23 -2.14
CA VAL B 459 35.16 7.08 -2.29
C VAL B 459 34.81 5.68 -2.80
N LEU B 460 35.49 5.22 -3.86
CA LEU B 460 35.15 3.92 -4.44
C LEU B 460 35.61 2.76 -3.55
N GLY B 461 36.76 2.89 -2.90
CA GLY B 461 37.23 1.82 -2.03
C GLY B 461 36.42 1.70 -0.76
N TRP B 462 35.94 2.82 -0.21
CA TRP B 462 35.07 2.71 0.96
C TRP B 462 33.67 2.28 0.57
N CYS B 463 33.22 2.61 -0.66
CA CYS B 463 31.94 2.10 -1.11
C CYS B 463 32.01 0.63 -1.49
N SER B 464 33.21 0.08 -1.70
CA SER B 464 33.37 -1.35 -1.91
C SER B 464 33.25 -2.17 -0.63
N VAL B 465 33.17 -1.53 0.55
CA VAL B 465 32.86 -2.23 1.80
C VAL B 465 31.41 -2.73 1.81
N MET B 466 30.55 -2.12 0.99
CA MET B 466 29.15 -2.54 0.83
C MET B 466 28.99 -3.92 0.21
N TYR B 467 30.04 -4.46 -0.42
CA TYR B 467 30.02 -5.82 -0.94
C TYR B 467 29.85 -6.84 0.18
N PHE B 468 30.43 -6.57 1.34
CA PHE B 468 30.37 -7.48 2.48
C PHE B 468 29.09 -7.36 3.28
N ALA B 469 28.17 -6.49 2.88
CA ALA B 469 26.86 -6.38 3.51
C ALA B 469 25.93 -7.51 3.12
N ARG B 470 26.26 -8.28 2.07
CA ARG B 470 25.40 -9.37 1.62
C ARG B 470 25.43 -10.58 2.55
N GLY B 471 26.40 -10.66 3.46
CA GLY B 471 26.48 -11.76 4.39
C GLY B 471 25.58 -11.66 5.59
N PHE B 472 24.84 -10.56 5.72
CA PHE B 472 23.97 -10.31 6.86
C PHE B 472 22.55 -10.06 6.36
N GLN B 473 21.57 -10.54 7.12
CA GLN B 473 20.17 -10.34 6.75
C GLN B 473 19.75 -8.90 6.97
N MET B 474 20.41 -8.21 7.90
CA MET B 474 20.03 -6.84 8.23
C MET B 474 20.46 -5.86 7.14
N LEU B 475 21.58 -6.11 6.46
CA LEU B 475 22.16 -5.16 5.53
C LEU B 475 22.09 -5.56 4.07
N GLY B 476 21.90 -6.84 3.76
CA GLY B 476 21.93 -7.35 2.40
C GLY B 476 20.83 -6.89 1.45
N PRO B 477 19.56 -7.19 1.79
CA PRO B 477 18.44 -6.67 0.97
C PRO B 477 18.36 -5.15 0.91
N PHE B 478 18.78 -4.45 1.96
CA PHE B 478 18.88 -3.00 1.93
C PHE B 478 19.91 -2.54 0.90
N THR B 479 21.06 -3.22 0.84
CA THR B 479 22.13 -2.83 -0.09
C THR B 479 21.74 -3.09 -1.54
N ILE B 480 21.12 -4.24 -1.81
CA ILE B 480 20.69 -4.44 -3.19
C ILE B 480 19.42 -3.67 -3.53
N MET B 481 18.66 -3.21 -2.52
CA MET B 481 17.61 -2.24 -2.78
C MET B 481 18.21 -0.89 -3.19
N ILE B 482 19.34 -0.53 -2.59
CA ILE B 482 20.06 0.69 -2.97
C ILE B 482 20.55 0.61 -4.41
N GLN B 483 21.13 -0.53 -4.79
CA GLN B 483 21.56 -0.69 -6.19
C GLN B 483 20.39 -0.78 -7.16
N LYS B 484 19.25 -1.34 -6.72
CA LYS B 484 18.04 -1.35 -7.53
C LYS B 484 17.52 0.06 -7.79
N MET B 485 17.52 0.93 -6.76
CA MET B 485 17.09 2.30 -6.98
C MET B 485 18.10 3.11 -7.78
N ILE B 486 19.40 2.79 -7.64
CA ILE B 486 20.46 3.43 -8.43
C ILE B 486 20.26 3.14 -9.91
N PHE B 487 19.96 1.88 -10.26
CA PHE B 487 19.75 1.54 -11.66
C PHE B 487 18.40 2.03 -12.17
N GLY B 488 17.34 1.86 -11.39
CA GLY B 488 16.01 2.22 -11.84
C GLY B 488 15.57 3.66 -11.68
N ASP B 489 15.47 4.14 -10.43
CA ASP B 489 14.78 5.39 -10.18
C ASP B 489 15.72 6.59 -10.20
N LEU B 490 16.99 6.37 -9.85
CA LEU B 490 17.96 7.46 -9.79
C LEU B 490 18.25 8.02 -11.18
N MET B 491 18.39 7.15 -12.18
CA MET B 491 18.66 7.61 -13.54
C MET B 491 17.44 8.31 -14.15
N ARG B 492 16.24 7.75 -13.92
CA ARG B 492 15.03 8.34 -14.47
C ARG B 492 14.64 9.62 -13.73
N PHE B 493 15.16 9.83 -12.53
CA PHE B 493 15.01 11.13 -11.91
C PHE B 493 16.10 12.10 -12.34
N CYS B 494 17.32 11.61 -12.58
CA CYS B 494 18.45 12.48 -12.88
C CYS B 494 18.42 13.04 -14.29
N TRP B 495 17.83 12.33 -15.27
CA TRP B 495 17.64 12.93 -16.59
C TRP B 495 16.69 14.13 -16.55
N LEU B 496 15.51 13.93 -15.93
CA LEU B 496 14.52 14.99 -15.81
C LEU B 496 15.04 16.13 -14.92
N MET B 497 15.78 15.76 -13.87
CA MET B 497 16.40 16.71 -12.96
C MET B 497 17.46 17.54 -13.67
N ALA B 498 18.26 16.92 -14.54
CA ALA B 498 19.29 17.65 -15.28
C ALA B 498 18.67 18.59 -16.31
N VAL B 499 17.52 18.21 -16.87
CA VAL B 499 16.74 19.11 -17.73
C VAL B 499 16.28 20.35 -16.97
N VAL B 500 15.71 20.16 -15.77
CA VAL B 500 15.23 21.28 -14.96
C VAL B 500 16.39 22.16 -14.48
N ILE B 501 17.52 21.53 -14.10
CA ILE B 501 18.72 22.25 -13.68
C ILE B 501 19.31 23.08 -14.83
N LEU B 502 19.32 22.52 -16.05
CA LEU B 502 19.84 23.26 -17.21
C LEU B 502 18.98 24.47 -17.53
N GLY B 503 17.65 24.32 -17.51
CA GLY B 503 16.77 25.44 -17.82
C GLY B 503 16.79 26.53 -16.76
N PHE B 504 16.66 26.14 -15.49
CA PHE B 504 16.64 27.14 -14.44
C PHE B 504 18.02 27.71 -14.16
N ALA B 505 19.09 26.96 -14.45
CA ALA B 505 20.44 27.50 -14.33
C ALA B 505 20.72 28.52 -15.42
N SER B 506 20.20 28.28 -16.62
CA SER B 506 20.29 29.28 -17.69
C SER B 506 19.51 30.55 -17.33
N ALA B 507 18.32 30.39 -16.71
CA ALA B 507 17.57 31.58 -16.28
C ALA B 507 18.25 32.31 -15.13
N PHE B 508 18.81 31.56 -14.17
CA PHE B 508 19.49 32.16 -13.02
C PHE B 508 20.76 32.88 -13.42
N HIS B 509 21.51 32.31 -14.37
CA HIS B 509 22.69 33.01 -14.87
C HIS B 509 22.30 34.20 -15.72
N ILE B 510 21.29 34.05 -16.60
CA ILE B 510 20.73 35.23 -17.23
C ILE B 510 19.53 35.65 -16.39
N THR B 511 19.82 36.11 -15.18
CA THR B 511 19.06 37.13 -14.49
C THR B 511 20.04 38.03 -13.74
N PHE B 512 21.29 37.58 -13.57
CA PHE B 512 22.27 38.25 -12.72
C PHE B 512 23.54 38.64 -13.48
N GLN B 513 23.53 38.60 -14.82
CA GLN B 513 24.70 39.05 -15.58
C GLN B 513 24.86 40.56 -15.51
N THR B 514 23.76 41.28 -15.36
CA THR B 514 23.80 42.72 -15.19
C THR B 514 24.13 43.15 -13.77
N GLU B 515 24.09 42.23 -12.81
CA GLU B 515 24.23 42.58 -11.41
C GLU B 515 25.66 42.37 -10.92
N ASP B 516 25.92 42.83 -9.71
CA ASP B 516 27.25 42.76 -9.11
C ASP B 516 27.51 41.34 -8.59
N PRO B 517 28.60 40.68 -9.00
CA PRO B 517 28.91 39.35 -8.45
C PRO B 517 29.41 39.39 -7.01
N ASN B 518 29.79 40.55 -6.48
CA ASN B 518 30.30 40.62 -5.11
C ASN B 518 29.22 40.54 -4.06
N ASN B 519 27.94 40.66 -4.45
CA ASN B 519 26.82 40.55 -3.53
C ASN B 519 26.17 39.17 -3.56
N LEU B 520 26.00 38.59 -4.75
CA LEU B 520 25.58 37.20 -4.91
C LEU B 520 26.62 36.51 -5.79
N GLY B 521 27.55 35.79 -5.16
CA GLY B 521 28.61 35.15 -5.92
C GLY B 521 28.14 33.92 -6.67
N GLU B 522 27.03 33.34 -6.26
CA GLU B 522 26.41 32.30 -7.04
C GLU B 522 25.76 32.91 -8.29
N PHE B 523 25.63 32.08 -9.32
CA PHE B 523 25.25 32.45 -10.69
C PHE B 523 26.14 33.55 -11.26
N SER B 524 27.45 33.45 -11.01
CA SER B 524 28.39 34.42 -11.57
C SER B 524 28.69 34.10 -13.04
N ASP B 525 29.25 32.93 -13.29
CA ASP B 525 29.32 32.37 -14.62
C ASP B 525 28.56 31.04 -14.66
N TYR B 526 28.56 30.41 -15.83
CA TYR B 526 27.64 29.29 -16.07
C TYR B 526 27.98 27.98 -15.34
N PRO B 527 29.25 27.56 -15.13
CA PRO B 527 29.47 26.38 -14.27
C PRO B 527 29.03 26.55 -12.82
N THR B 528 29.29 27.70 -12.19
CA THR B 528 28.84 27.86 -10.81
C THR B 528 27.35 28.14 -10.74
N ALA B 529 26.74 28.63 -11.84
CA ALA B 529 25.29 28.74 -11.90
C ALA B 529 24.64 27.36 -11.99
N LEU B 530 25.23 26.48 -12.79
CA LEU B 530 24.74 25.11 -12.93
C LEU B 530 24.90 24.33 -11.62
N PHE B 531 26.04 24.52 -10.95
CA PHE B 531 26.28 23.84 -9.67
C PHE B 531 25.40 24.40 -8.55
N SER B 532 25.18 25.72 -8.54
CA SER B 532 24.32 26.33 -7.53
C SER B 532 22.86 25.95 -7.73
N THR B 533 22.42 25.83 -9.00
CA THR B 533 21.06 25.37 -9.28
C THR B 533 20.90 23.89 -8.92
N PHE B 534 21.96 23.09 -9.10
CA PHE B 534 21.96 21.70 -8.68
C PHE B 534 21.84 21.58 -7.16
N GLU B 535 22.52 22.46 -6.43
CA GLU B 535 22.41 22.48 -4.97
C GLU B 535 21.06 23.01 -4.51
N LEU B 536 20.47 23.95 -5.25
CA LEU B 536 19.17 24.51 -4.86
C LEU B 536 18.02 23.56 -5.21
N PHE B 537 18.27 22.62 -6.15
CA PHE B 537 17.31 21.57 -6.44
C PHE B 537 17.11 20.67 -5.22
N LEU B 538 18.19 20.36 -4.52
CA LEU B 538 18.20 19.34 -3.48
C LEU B 538 17.98 19.90 -2.09
N THR B 539 17.70 21.21 -1.99
CA THR B 539 17.57 21.98 -0.74
C THR B 539 18.78 21.80 0.17
N ILE B 540 19.96 21.94 -0.43
CA ILE B 540 21.21 21.75 0.28
C ILE B 540 21.67 23.09 0.83
N ILE B 541 21.78 24.08 -0.04
CA ILE B 541 22.16 25.42 0.37
C ILE B 541 20.91 26.28 0.44
N ASP B 542 21.05 27.41 1.14
CA ASP B 542 19.95 28.35 1.28
C ASP B 542 19.69 29.07 -0.04
N GLY B 543 18.47 29.57 -0.19
CA GLY B 543 18.11 30.42 -1.30
C GLY B 543 18.92 31.69 -1.29
N PRO B 544 19.41 32.10 -2.46
CA PRO B 544 20.19 33.35 -2.55
C PRO B 544 19.34 34.57 -2.28
N ALA B 545 19.56 35.19 -1.13
CA ALA B 545 18.78 36.35 -0.74
C ALA B 545 19.68 37.31 0.03
N ASN B 546 20.05 38.42 -0.61
CA ASN B 546 20.78 39.50 0.03
C ASN B 546 19.78 40.62 0.30
N TYR B 547 19.36 40.76 1.55
CA TYR B 547 18.33 41.71 1.93
C TYR B 547 18.86 43.13 2.07
N SER B 548 20.18 43.31 2.05
CA SER B 548 20.77 44.65 2.12
C SER B 548 20.83 45.33 0.76
N VAL B 549 20.54 44.61 -0.32
CA VAL B 549 20.51 45.16 -1.67
C VAL B 549 19.18 44.80 -2.32
N ASP B 550 18.87 45.49 -3.41
CA ASP B 550 17.63 45.28 -4.14
C ASP B 550 17.85 44.22 -5.22
N LEU B 551 17.19 43.08 -5.07
CA LEU B 551 17.29 41.99 -6.03
C LEU B 551 16.36 42.23 -7.20
N PRO B 552 16.66 41.64 -8.37
CA PRO B 552 15.72 41.71 -9.49
C PRO B 552 14.42 40.95 -9.21
N PHE B 553 13.31 41.47 -9.75
CA PHE B 553 12.02 40.83 -9.55
C PHE B 553 11.88 39.55 -10.38
N MET B 554 12.60 39.48 -11.50
CA MET B 554 12.54 38.29 -12.34
C MET B 554 13.22 37.11 -11.66
N TYR B 555 14.23 37.37 -10.83
CA TYR B 555 14.82 36.33 -9.99
C TYR B 555 13.80 35.78 -9.01
N CYS B 556 12.96 36.65 -8.43
CA CYS B 556 11.92 36.19 -7.51
C CYS B 556 10.86 35.38 -8.22
N ILE B 557 10.49 35.77 -9.46
CA ILE B 557 9.49 35.03 -10.23
C ILE B 557 10.01 33.65 -10.63
N THR B 558 11.23 33.60 -11.17
CA THR B 558 11.74 32.30 -11.62
C THR B 558 12.22 31.45 -10.44
N TYR B 559 12.50 32.06 -9.28
CA TYR B 559 12.81 31.25 -8.11
C TYR B 559 11.55 30.70 -7.47
N ALA B 560 10.42 31.43 -7.56
CA ALA B 560 9.14 30.87 -7.17
C ALA B 560 8.75 29.71 -8.07
N ALA B 561 9.02 29.85 -9.37
CA ALA B 561 8.76 28.74 -10.31
C ALA B 561 9.66 27.55 -10.04
N PHE B 562 10.94 27.79 -9.72
CA PHE B 562 11.87 26.72 -9.38
C PHE B 562 11.51 26.07 -8.05
N ALA B 563 10.96 26.85 -7.12
CA ALA B 563 10.57 26.30 -5.83
C ALA B 563 9.31 25.46 -5.92
N ILE B 564 8.34 25.90 -6.75
CA ILE B 564 7.12 25.13 -6.94
C ILE B 564 7.40 23.85 -7.72
N ILE B 565 8.17 23.95 -8.81
CA ILE B 565 8.37 22.79 -9.68
C ILE B 565 9.37 21.81 -9.08
N ALA B 566 10.58 22.27 -8.79
CA ALA B 566 11.67 21.37 -8.42
C ALA B 566 11.72 21.06 -6.92
N THR B 567 11.68 22.11 -6.10
CA THR B 567 11.80 21.94 -4.65
C THR B 567 10.55 21.29 -4.05
N LEU B 568 9.37 21.78 -4.41
CA LEU B 568 8.15 21.26 -3.81
C LEU B 568 7.76 19.92 -4.40
N LEU B 569 7.60 19.84 -5.72
CA LEU B 569 7.01 18.66 -6.33
C LEU B 569 8.05 17.56 -6.57
N MET B 570 9.12 17.87 -7.33
CA MET B 570 9.95 16.86 -7.97
C MET B 570 10.72 16.01 -6.96
N LEU B 571 11.25 16.63 -5.91
CA LEU B 571 11.97 15.90 -4.86
C LEU B 571 11.03 14.98 -4.09
N ASN B 572 9.88 15.50 -3.70
CA ASN B 572 8.92 14.68 -2.97
C ASN B 572 8.19 13.70 -3.87
N LEU B 573 8.09 14.00 -5.18
CA LEU B 573 7.59 12.98 -6.11
C LEU B 573 8.61 11.88 -6.30
N PHE B 574 9.91 12.18 -6.17
CA PHE B 574 10.92 11.13 -6.18
C PHE B 574 10.83 10.27 -4.92
N ILE B 575 10.50 10.90 -3.79
CA ILE B 575 10.22 10.15 -2.55
C ILE B 575 9.03 9.22 -2.72
N ALA B 576 7.96 9.73 -3.34
CA ALA B 576 6.73 8.95 -3.55
C ALA B 576 6.96 7.83 -4.56
N MET B 577 7.77 8.10 -5.58
CA MET B 577 8.06 7.09 -6.60
C MET B 577 8.96 5.99 -6.04
N MET B 578 9.90 6.34 -5.18
CA MET B 578 10.69 5.29 -4.55
C MET B 578 9.91 4.53 -3.49
N GLY B 579 8.91 5.15 -2.85
CA GLY B 579 8.01 4.38 -2.00
C GLY B 579 7.15 3.40 -2.78
N ASP B 580 6.65 3.84 -3.95
CA ASP B 580 5.86 2.99 -4.82
C ASP B 580 6.70 1.87 -5.42
N THR B 581 7.99 2.14 -5.67
CA THR B 581 8.90 1.09 -6.12
C THR B 581 9.25 0.14 -4.98
N HIS B 582 9.40 0.68 -3.76
CA HIS B 582 9.89 -0.09 -2.63
C HIS B 582 8.87 -1.08 -2.12
N TRP B 583 7.57 -0.74 -2.19
CA TRP B 583 6.59 -1.72 -1.73
C TRP B 583 6.38 -2.86 -2.71
N ARG B 584 6.71 -2.67 -3.99
CA ARG B 584 6.39 -3.68 -5.00
C ARG B 584 7.42 -4.78 -5.11
N VAL B 585 8.72 -4.45 -5.09
CA VAL B 585 9.76 -5.42 -5.38
C VAL B 585 10.54 -5.82 -4.13
N ALA B 586 9.91 -5.76 -2.95
CA ALA B 586 10.57 -6.16 -1.71
C ALA B 586 10.81 -7.67 -1.65
N GLN B 587 9.84 -8.44 -2.14
CA GLN B 587 9.99 -9.90 -2.22
C GLN B 587 11.08 -10.27 -3.23
N GLU B 588 11.20 -9.48 -4.30
CA GLU B 588 12.22 -9.73 -5.31
C GLU B 588 13.62 -9.52 -4.76
N ARG B 589 13.84 -8.45 -3.98
CA ARG B 589 15.17 -8.28 -3.39
C ARG B 589 15.40 -9.22 -2.22
N ASP B 590 14.34 -9.72 -1.59
CA ASP B 590 14.50 -10.76 -0.57
C ASP B 590 15.01 -12.06 -1.18
N GLU B 591 14.39 -12.52 -2.28
CA GLU B 591 14.88 -13.74 -2.92
C GLU B 591 16.18 -13.49 -3.69
N LEU B 592 16.44 -12.25 -4.09
CA LEU B 592 17.72 -11.93 -4.71
C LEU B 592 18.87 -11.98 -3.69
N TRP B 593 18.61 -11.54 -2.45
CA TRP B 593 19.61 -11.70 -1.39
C TRP B 593 19.76 -13.17 -1.01
N ARG B 594 18.67 -13.94 -1.06
CA ARG B 594 18.73 -15.37 -0.78
C ARG B 594 19.57 -16.11 -1.82
N ALA B 595 19.52 -15.67 -3.08
CA ALA B 595 20.43 -16.21 -4.09
C ALA B 595 21.84 -15.63 -3.95
N GLN B 596 21.95 -14.41 -3.43
CA GLN B 596 23.23 -13.73 -3.30
C GLN B 596 24.11 -14.37 -2.23
N VAL B 597 23.47 -14.91 -1.19
CA VAL B 597 24.19 -15.68 -0.17
C VAL B 597 24.80 -16.95 -0.76
N VAL B 598 24.04 -17.62 -1.65
CA VAL B 598 24.55 -18.80 -2.34
C VAL B 598 25.67 -18.42 -3.31
N ALA B 599 25.56 -17.26 -3.96
CA ALA B 599 26.64 -16.77 -4.83
C ALA B 599 27.90 -16.46 -4.04
N THR B 600 27.74 -15.92 -2.82
CA THR B 600 28.88 -15.71 -1.93
C THR B 600 29.49 -17.04 -1.49
N THR B 601 28.64 -18.03 -1.26
CA THR B 601 29.11 -19.35 -0.82
C THR B 601 29.87 -20.07 -1.92
N VAL B 602 29.45 -19.89 -3.18
CA VAL B 602 30.09 -20.61 -4.27
C VAL B 602 31.23 -19.79 -4.87
N MET B 603 31.28 -18.48 -4.58
CA MET B 603 32.46 -17.68 -4.90
C MET B 603 33.65 -18.13 -4.06
N LEU B 604 33.41 -18.37 -2.78
CA LEU B 604 34.37 -19.08 -1.95
C LEU B 604 34.33 -20.57 -2.29
N GLU B 605 35.39 -21.28 -1.88
CA GLU B 605 35.87 -22.66 -2.16
C GLU B 605 36.21 -22.89 -3.64
N ARG B 606 36.09 -21.85 -4.47
CA ARG B 606 36.68 -21.80 -5.79
C ARG B 606 37.96 -20.98 -5.81
N LYS B 607 38.06 -19.99 -4.92
CA LYS B 607 39.24 -19.17 -4.74
C LYS B 607 40.11 -19.63 -3.57
N MET B 608 39.49 -19.98 -2.45
CA MET B 608 40.23 -20.32 -1.25
C MET B 608 40.83 -21.73 -1.38
N PRO B 609 41.91 -22.02 -0.64
CA PRO B 609 42.47 -23.37 -0.65
C PRO B 609 41.51 -24.41 -0.05
N ARG B 610 41.69 -25.66 -0.47
CA ARG B 610 40.73 -26.71 -0.17
C ARG B 610 40.82 -27.21 1.27
N PHE B 611 41.89 -26.88 2.00
CA PHE B 611 41.92 -27.26 3.41
C PHE B 611 41.14 -26.30 4.29
N LEU B 612 40.74 -25.13 3.77
CA LEU B 612 39.77 -24.30 4.47
C LEU B 612 38.35 -24.84 4.29
N TRP B 613 38.07 -25.48 3.15
CA TRP B 613 36.73 -25.93 2.79
C TRP B 613 36.73 -27.44 2.61
N PRO B 614 36.41 -28.22 3.65
CA PRO B 614 36.23 -29.66 3.47
C PRO B 614 34.99 -29.97 2.65
N ARG B 615 34.97 -31.18 2.08
CA ARG B 615 33.89 -31.58 1.19
C ARG B 615 32.60 -31.77 1.96
N SER B 616 31.56 -31.07 1.51
CA SER B 616 30.27 -31.07 2.19
C SER B 616 29.51 -32.35 1.88
N GLY B 617 28.90 -32.93 2.91
CA GLY B 617 28.10 -34.13 2.77
C GLY B 617 28.63 -35.28 3.61
N ILE B 618 27.94 -36.41 3.47
CA ILE B 618 28.23 -37.60 4.25
C ILE B 618 28.93 -38.60 3.33
N CYS B 619 30.16 -38.96 3.68
CA CYS B 619 30.97 -39.82 2.81
C CYS B 619 30.47 -41.26 2.84
N GLY B 620 30.15 -41.80 1.66
CA GLY B 620 29.59 -43.13 1.56
C GLY B 620 30.58 -44.27 1.57
N TYR B 621 31.88 -43.97 1.57
CA TYR B 621 32.88 -45.03 1.63
C TYR B 621 32.95 -45.63 3.04
N GLU B 622 32.64 -44.84 4.06
CA GLU B 622 32.69 -45.32 5.44
C GLU B 622 31.54 -46.28 5.75
N TYR B 623 30.44 -46.19 5.01
CA TYR B 623 29.26 -47.01 5.26
C TYR B 623 28.99 -47.98 4.11
N GLY B 624 29.94 -48.16 3.21
CA GLY B 624 29.79 -49.10 2.11
C GLY B 624 28.74 -48.74 1.08
N LEU B 625 28.68 -47.47 0.70
CA LEU B 625 27.70 -47.02 -0.29
C LEU B 625 28.31 -46.62 -1.62
N GLY B 626 29.63 -46.61 -1.75
CA GLY B 626 30.26 -46.40 -3.04
C GLY B 626 30.56 -44.95 -3.36
N ASP B 627 31.27 -44.28 -2.43
CA ASP B 627 31.86 -42.92 -2.45
C ASP B 627 31.08 -41.89 -3.27
N ARG B 628 29.80 -41.76 -2.92
CA ARG B 628 28.91 -40.86 -3.62
C ARG B 628 28.63 -39.54 -2.90
N TRP B 629 29.00 -39.43 -1.62
CA TRP B 629 28.96 -38.21 -0.80
C TRP B 629 27.53 -37.64 -0.68
N PHE B 630 26.71 -38.41 0.02
CA PHE B 630 25.29 -38.12 0.17
C PHE B 630 25.07 -36.98 1.17
N LEU B 631 23.79 -36.61 1.35
CA LEU B 631 23.39 -35.65 2.36
C LEU B 631 22.03 -36.08 2.90
N ARG B 632 21.92 -36.18 4.23
CA ARG B 632 20.71 -36.65 4.88
C ARG B 632 19.90 -35.48 5.38
N VAL B 633 18.59 -35.48 5.10
CA VAL B 633 17.67 -34.54 5.72
C VAL B 633 16.60 -35.34 6.47
N GLU B 634 15.97 -34.68 7.43
CA GLU B 634 14.93 -35.26 8.27
C GLU B 634 13.80 -34.26 8.38
N ASN B 635 12.63 -34.63 7.84
CA ASN B 635 11.53 -33.70 7.72
C ASN B 635 10.28 -34.24 8.40
N HIS B 636 9.52 -33.33 8.99
CA HIS B 636 8.25 -33.62 9.65
C HIS B 636 7.12 -33.30 8.68
N HIS B 637 6.51 -34.33 8.10
CA HIS B 637 5.49 -34.13 7.08
C HIS B 637 4.07 -34.14 7.62
N ASP B 638 3.83 -34.80 8.75
CA ASP B 638 2.48 -34.84 9.32
C ASP B 638 2.30 -33.77 10.40
N TRP C 29 -22.85 0.22 38.82
CA TRP C 29 -22.77 0.73 37.45
C TRP C 29 -22.49 -0.41 36.46
N GLU C 30 -21.52 -1.25 36.76
CA GLU C 30 -21.31 -2.53 36.10
C GLU C 30 -21.03 -3.67 37.07
N GLN C 31 -20.40 -3.39 38.20
CA GLN C 31 -20.22 -4.38 39.26
C GLN C 31 -21.38 -4.38 40.24
N TYR C 32 -22.34 -3.47 40.07
CA TYR C 32 -23.61 -3.55 40.79
C TYR C 32 -24.58 -4.50 40.11
N ARG C 33 -24.57 -4.54 38.77
CA ARG C 33 -25.32 -5.54 38.02
C ARG C 33 -24.80 -6.94 38.31
N ASP C 34 -23.47 -7.07 38.41
CA ASP C 34 -22.85 -8.34 38.78
C ASP C 34 -23.23 -8.76 40.19
N ARG C 35 -23.23 -7.80 41.13
CA ARG C 35 -23.60 -8.07 42.52
C ARG C 35 -25.06 -8.50 42.65
N VAL C 36 -25.97 -7.83 41.93
CA VAL C 36 -27.37 -8.20 42.01
C VAL C 36 -27.63 -9.50 41.24
N ASN C 37 -26.77 -9.85 40.27
CA ASN C 37 -26.90 -11.15 39.61
C ASN C 37 -26.48 -12.29 40.54
N MET C 38 -25.40 -12.13 41.30
CA MET C 38 -25.03 -13.16 42.27
C MET C 38 -26.01 -13.23 43.44
N LEU C 39 -26.60 -12.09 43.83
CA LEU C 39 -27.66 -12.13 44.84
C LEU C 39 -28.91 -12.82 44.31
N GLN C 40 -29.23 -12.63 43.02
CA GLN C 40 -30.37 -13.30 42.41
C GLN C 40 -30.17 -14.81 42.35
N GLN C 41 -28.97 -15.24 41.96
CA GLN C 41 -28.66 -16.67 41.92
C GLN C 41 -28.58 -17.27 43.33
N GLU C 42 -28.12 -16.48 44.31
CA GLU C 42 -28.05 -16.94 45.69
C GLU C 42 -29.43 -17.11 46.30
N ARG C 43 -30.36 -16.18 46.02
CA ARG C 43 -31.73 -16.35 46.51
C ARG C 43 -32.49 -17.39 45.72
N ILE C 44 -32.06 -17.71 44.49
CA ILE C 44 -32.62 -18.85 43.78
C ILE C 44 -32.19 -20.16 44.45
N ARG C 45 -30.90 -20.29 44.75
CA ARG C 45 -30.42 -21.56 45.31
C ARG C 45 -30.71 -21.71 46.80
N ASP C 46 -30.98 -20.61 47.52
CA ASP C 46 -31.35 -20.74 48.93
C ASP C 46 -32.79 -21.23 49.07
N SER C 47 -33.69 -20.70 48.27
CA SER C 47 -35.09 -21.14 48.31
C SER C 47 -35.23 -22.48 47.62
N PRO C 48 -35.88 -23.47 48.24
CA PRO C 48 -36.09 -24.76 47.55
C PRO C 48 -37.07 -24.68 46.39
N LEU C 49 -38.08 -23.81 46.48
CA LEU C 49 -39.07 -23.69 45.41
C LEU C 49 -38.47 -23.02 44.17
N LEU C 50 -37.63 -22.01 44.37
CA LEU C 50 -37.00 -21.33 43.23
C LEU C 50 -35.98 -22.21 42.53
N GLN C 51 -35.17 -22.95 43.30
CA GLN C 51 -34.20 -23.86 42.70
C GLN C 51 -34.89 -25.07 42.07
N ALA C 52 -36.05 -25.47 42.62
CA ALA C 52 -36.83 -26.55 42.02
C ALA C 52 -37.49 -26.10 40.73
N ALA C 53 -37.90 -24.83 40.66
CA ALA C 53 -38.43 -24.30 39.42
C ALA C 53 -37.33 -24.08 38.38
N LYS C 54 -36.10 -23.82 38.84
CA LYS C 54 -34.98 -23.70 37.92
C LYS C 54 -34.57 -25.06 37.36
N GLU C 55 -34.47 -26.08 38.21
CA GLU C 55 -34.01 -27.39 37.76
C GLU C 55 -35.08 -28.19 37.03
N ASN C 56 -36.36 -27.78 37.15
CA ASN C 56 -37.53 -28.44 36.55
C ASN C 56 -37.66 -29.91 36.95
N ASP C 57 -37.44 -30.20 38.23
CA ASP C 57 -37.74 -31.52 38.79
C ASP C 57 -39.18 -31.50 39.28
N LEU C 58 -40.04 -32.30 38.65
CA LEU C 58 -41.48 -32.15 38.83
C LEU C 58 -41.95 -32.73 40.16
N ARG C 59 -41.36 -33.85 40.58
CA ARG C 59 -41.86 -34.56 41.77
C ARG C 59 -41.54 -33.81 43.05
N LEU C 60 -40.38 -33.15 43.12
CA LEU C 60 -40.03 -32.37 44.29
C LEU C 60 -40.87 -31.09 44.36
N LEU C 61 -41.23 -30.54 43.19
CA LEU C 61 -42.21 -29.47 43.11
C LEU C 61 -43.57 -29.89 43.63
N LYS C 62 -44.01 -31.11 43.27
CA LYS C 62 -45.30 -31.61 43.78
C LYS C 62 -45.25 -31.86 45.28
N ILE C 63 -44.10 -32.32 45.78
CA ILE C 63 -43.95 -32.62 47.21
C ILE C 63 -43.99 -31.33 48.04
N LEU C 64 -43.23 -30.31 47.65
CA LEU C 64 -43.26 -29.09 48.45
C LEU C 64 -44.35 -28.11 47.99
N LEU C 65 -45.14 -28.48 46.98
CA LEU C 65 -46.20 -27.59 46.53
C LEU C 65 -47.57 -28.10 46.99
N LEU C 66 -47.68 -29.40 47.27
CA LEU C 66 -48.92 -29.93 47.83
C LEU C 66 -49.12 -29.45 49.26
N ASN C 67 -48.04 -29.33 50.03
CA ASN C 67 -48.13 -28.83 51.39
C ASN C 67 -48.38 -27.32 51.39
N GLN C 68 -49.15 -26.86 52.37
CA GLN C 68 -49.51 -25.46 52.48
C GLN C 68 -48.53 -24.65 53.33
N SER C 69 -47.44 -25.27 53.80
CA SER C 69 -46.47 -24.55 54.63
C SER C 69 -45.60 -23.62 53.78
N CYS C 70 -45.40 -23.95 52.51
CA CYS C 70 -44.61 -23.10 51.63
C CYS C 70 -45.39 -21.85 51.22
N ASP C 71 -44.66 -20.80 50.90
CA ASP C 71 -45.24 -19.53 50.47
C ASP C 71 -45.10 -19.42 48.96
N PHE C 72 -46.24 -19.33 48.26
CA PHE C 72 -46.21 -19.17 46.82
C PHE C 72 -45.78 -17.77 46.42
N GLN C 73 -46.28 -16.76 47.14
CA GLN C 73 -45.96 -15.36 46.86
C GLN C 73 -44.71 -14.93 47.63
N GLN C 74 -43.58 -15.49 47.21
CA GLN C 74 -42.28 -15.15 47.80
C GLN C 74 -41.41 -14.49 46.74
N ARG C 75 -40.47 -13.68 47.20
CA ARG C 75 -39.65 -12.87 46.30
C ARG C 75 -38.22 -13.41 46.24
N GLY C 76 -37.52 -13.03 45.18
CA GLY C 76 -36.10 -13.25 45.06
C GLY C 76 -35.32 -12.05 45.56
N ALA C 77 -34.09 -11.92 45.06
CA ALA C 77 -33.31 -10.73 45.37
C ALA C 77 -33.80 -9.52 44.60
N VAL C 78 -34.34 -9.73 43.39
CA VAL C 78 -34.88 -8.66 42.58
C VAL C 78 -36.41 -8.58 42.73
N GLY C 79 -36.97 -9.30 43.69
CA GLY C 79 -38.41 -9.34 43.84
C GLY C 79 -39.11 -10.26 42.87
N GLU C 80 -38.39 -11.14 42.19
CA GLU C 80 -38.99 -12.00 41.19
C GLU C 80 -39.76 -13.15 41.83
N THR C 81 -40.77 -13.62 41.12
CA THR C 81 -41.61 -14.74 41.52
C THR C 81 -40.91 -16.02 41.05
N ALA C 82 -41.31 -17.18 41.59
CA ALA C 82 -40.83 -18.46 41.07
C ALA C 82 -41.31 -18.73 39.64
N LEU C 83 -42.40 -18.08 39.22
CA LEU C 83 -42.82 -18.11 37.83
C LEU C 83 -41.80 -17.41 36.92
N HIS C 84 -41.16 -16.34 37.42
CA HIS C 84 -40.09 -15.69 36.67
C HIS C 84 -38.89 -16.62 36.51
N VAL C 85 -38.57 -17.39 37.55
CA VAL C 85 -37.47 -18.35 37.49
C VAL C 85 -37.82 -19.49 36.54
N ALA C 86 -39.09 -19.91 36.52
CA ALA C 86 -39.51 -20.97 35.60
C ALA C 86 -39.51 -20.48 34.15
N ALA C 87 -39.85 -19.21 33.94
CA ALA C 87 -39.81 -18.66 32.59
C ALA C 87 -38.39 -18.30 32.16
N LEU C 88 -37.47 -18.17 33.11
CA LEU C 88 -36.10 -17.79 32.77
C LEU C 88 -35.32 -18.95 32.17
N TYR C 89 -35.61 -20.17 32.59
CA TYR C 89 -34.87 -21.35 32.14
C TYR C 89 -35.69 -22.25 31.23
N ASP C 90 -36.73 -21.68 30.59
CA ASP C 90 -37.63 -22.36 29.63
C ASP C 90 -38.32 -23.58 30.27
N ASN C 91 -38.74 -23.43 31.53
CA ASN C 91 -39.37 -24.52 32.27
C ASN C 91 -40.88 -24.35 32.18
N LEU C 92 -41.45 -24.97 31.14
CA LEU C 92 -42.89 -24.86 30.91
C LEU C 92 -43.68 -25.68 31.92
N GLU C 93 -43.15 -26.85 32.31
CA GLU C 93 -43.84 -27.72 33.23
C GLU C 93 -43.86 -27.15 34.65
N ALA C 94 -42.73 -26.58 35.09
CA ALA C 94 -42.67 -25.93 36.39
C ALA C 94 -43.58 -24.73 36.45
N ALA C 95 -43.65 -23.96 35.35
CA ALA C 95 -44.55 -22.82 35.27
C ALA C 95 -46.01 -23.24 35.30
N THR C 96 -46.37 -24.32 34.59
CA THR C 96 -47.78 -24.68 34.54
C THR C 96 -48.25 -25.35 35.83
N LEU C 97 -47.38 -26.05 36.56
CA LEU C 97 -47.79 -26.50 37.90
C LEU C 97 -47.77 -25.36 38.92
N LEU C 98 -46.95 -24.33 38.72
CA LEU C 98 -47.02 -23.16 39.60
C LEU C 98 -48.32 -22.38 39.41
N MET C 99 -48.80 -22.28 38.17
CA MET C 99 -50.07 -21.58 37.96
C MET C 99 -51.28 -22.50 38.18
N GLU C 100 -51.08 -23.81 38.15
CA GLU C 100 -52.15 -24.71 38.62
C GLU C 100 -52.26 -24.67 40.13
N ALA C 101 -51.15 -24.39 40.83
CA ALA C 101 -51.22 -24.20 42.27
C ALA C 101 -51.82 -22.84 42.62
N ALA C 102 -51.21 -21.76 42.14
CA ALA C 102 -51.67 -20.40 42.41
C ALA C 102 -51.86 -19.66 41.09
N PRO C 103 -53.10 -19.32 40.72
CA PRO C 103 -53.32 -18.72 39.39
C PRO C 103 -52.95 -17.24 39.31
N GLU C 104 -52.70 -16.58 40.44
CA GLU C 104 -52.42 -15.15 40.45
C GLU C 104 -50.96 -14.82 40.16
N LEU C 105 -50.09 -15.84 40.01
CA LEU C 105 -48.65 -15.63 39.93
C LEU C 105 -48.19 -14.94 38.65
N ALA C 106 -49.05 -14.85 37.64
CA ALA C 106 -48.73 -14.04 36.47
C ALA C 106 -48.80 -12.55 36.80
N LYS C 107 -49.72 -12.14 37.66
CA LYS C 107 -50.02 -10.71 37.83
C LYS C 107 -49.25 -10.10 39.00
N GLU C 108 -47.93 -10.36 39.04
CA GLU C 108 -46.99 -9.59 39.86
C GLU C 108 -45.69 -9.36 39.10
N PRO C 109 -45.19 -8.14 39.04
CA PRO C 109 -43.85 -7.90 38.49
C PRO C 109 -42.77 -7.94 39.56
N ALA C 110 -41.52 -7.94 39.11
CA ALA C 110 -40.40 -7.69 39.99
C ALA C 110 -40.46 -6.23 40.45
N LEU C 111 -40.03 -5.99 41.70
CA LEU C 111 -40.27 -4.68 42.32
C LEU C 111 -38.99 -4.07 42.90
N CYS C 112 -37.83 -4.48 42.40
CA CYS C 112 -36.57 -3.92 42.85
C CYS C 112 -35.98 -3.00 41.78
N GLU C 113 -34.74 -2.55 42.04
CA GLU C 113 -34.10 -1.51 41.24
C GLU C 113 -33.84 -1.87 39.77
N PRO C 114 -33.19 -3.04 39.39
CA PRO C 114 -32.93 -3.21 37.94
C PRO C 114 -34.15 -3.68 37.16
N PHE C 115 -35.16 -4.22 37.85
CA PHE C 115 -36.42 -4.65 37.23
C PHE C 115 -37.56 -4.07 38.07
N VAL C 116 -38.00 -2.86 37.70
CA VAL C 116 -39.06 -2.18 38.44
C VAL C 116 -40.44 -2.68 38.02
N GLY C 117 -40.58 -3.17 36.79
CA GLY C 117 -41.87 -3.65 36.34
C GLY C 117 -41.82 -4.90 35.47
N GLN C 118 -40.73 -5.65 35.55
CA GLN C 118 -40.58 -6.84 34.72
C GLN C 118 -41.45 -7.97 35.23
N THR C 119 -42.35 -8.45 34.38
CA THR C 119 -43.21 -9.59 34.69
C THR C 119 -42.61 -10.86 34.11
N ALA C 120 -43.32 -11.97 34.31
CA ALA C 120 -42.93 -13.22 33.66
C ALA C 120 -43.28 -13.21 32.18
N LEU C 121 -44.20 -12.33 31.76
CA LEU C 121 -44.56 -12.20 30.36
C LEU C 121 -43.40 -11.68 29.53
N HIS C 122 -42.64 -10.72 30.06
CA HIS C 122 -41.47 -10.18 29.38
C HIS C 122 -40.39 -11.25 29.18
N ILE C 123 -40.20 -12.08 30.20
CA ILE C 123 -39.20 -13.14 30.14
C ILE C 123 -39.62 -14.24 29.17
N ALA C 124 -40.91 -14.60 29.18
CA ALA C 124 -41.41 -15.65 28.30
C ALA C 124 -41.45 -15.21 26.85
N VAL C 125 -41.75 -13.92 26.61
CA VAL C 125 -41.71 -13.37 25.26
C VAL C 125 -40.26 -13.26 24.75
N MET C 126 -39.33 -12.85 25.63
CA MET C 126 -37.93 -12.75 25.21
C MET C 126 -37.30 -14.11 24.94
N ASN C 127 -37.74 -15.15 25.65
CA ASN C 127 -37.24 -16.50 25.43
C ASN C 127 -37.93 -17.23 24.28
N GLN C 128 -38.96 -16.60 23.67
CA GLN C 128 -39.71 -17.11 22.50
C GLN C 128 -40.36 -18.46 22.76
N ASN C 129 -40.90 -18.64 23.97
CA ASN C 129 -41.62 -19.88 24.31
C ASN C 129 -43.10 -19.62 24.08
N LEU C 130 -43.61 -20.10 22.94
CA LEU C 130 -44.96 -19.79 22.50
C LEU C 130 -46.01 -20.49 23.36
N ASN C 131 -45.74 -21.73 23.77
CA ASN C 131 -46.69 -22.46 24.62
C ASN C 131 -46.75 -21.87 26.03
N LEU C 132 -45.61 -21.36 26.52
CA LEU C 132 -45.61 -20.73 27.84
C LEU C 132 -46.28 -19.37 27.79
N VAL C 133 -46.16 -18.64 26.69
CA VAL C 133 -46.89 -17.38 26.51
C VAL C 133 -48.39 -17.65 26.39
N ARG C 134 -48.78 -18.76 25.74
CA ARG C 134 -50.18 -19.16 25.66
C ARG C 134 -50.76 -19.53 27.03
N ALA C 135 -50.00 -20.31 27.81
CA ALA C 135 -50.48 -20.72 29.14
C ALA C 135 -50.42 -19.56 30.13
N LEU C 136 -49.56 -18.58 29.88
CA LEU C 136 -49.41 -17.40 30.72
C LEU C 136 -50.46 -16.34 30.44
N LEU C 137 -50.88 -16.20 29.17
CA LEU C 137 -51.96 -15.29 28.84
C LEU C 137 -53.33 -15.95 28.95
N ALA C 138 -53.37 -17.27 29.15
CA ALA C 138 -54.64 -17.93 29.44
C ALA C 138 -55.16 -17.54 30.82
N ARG C 139 -54.26 -17.38 31.78
CA ARG C 139 -54.67 -17.03 33.14
C ARG C 139 -54.92 -15.54 33.33
N GLY C 140 -54.53 -14.70 32.37
CA GLY C 140 -54.81 -13.29 32.46
C GLY C 140 -53.63 -12.41 32.84
N ALA C 141 -52.47 -12.66 32.23
CA ALA C 141 -51.32 -11.78 32.43
C ALA C 141 -51.55 -10.45 31.71
N SER C 142 -50.99 -9.39 32.28
CA SER C 142 -51.19 -8.04 31.76
C SER C 142 -50.32 -7.83 30.53
N VAL C 143 -50.97 -7.57 29.39
CA VAL C 143 -50.24 -7.32 28.16
C VAL C 143 -49.73 -5.89 28.07
N SER C 144 -50.30 -4.98 28.87
CA SER C 144 -49.84 -3.60 28.96
C SER C 144 -48.86 -3.38 30.11
N ALA C 145 -48.12 -4.42 30.49
CA ALA C 145 -47.16 -4.30 31.59
C ALA C 145 -45.97 -3.46 31.15
N ARG C 146 -45.61 -2.48 31.98
CA ARG C 146 -44.63 -1.46 31.64
C ARG C 146 -43.42 -1.65 32.54
N ALA C 147 -42.36 -2.25 31.98
CA ALA C 147 -41.17 -2.61 32.75
C ALA C 147 -40.18 -1.45 32.75
N THR C 148 -40.35 -0.56 33.73
CA THR C 148 -39.50 0.63 33.85
C THR C 148 -38.27 0.37 34.69
N GLY C 149 -37.54 -0.71 34.39
CA GLY C 149 -36.33 -1.05 35.11
C GLY C 149 -35.12 -0.39 34.50
N ALA C 150 -34.01 -0.41 35.25
CA ALA C 150 -32.77 0.14 34.73
C ALA C 150 -32.14 -0.74 33.66
N ALA C 151 -32.47 -2.03 33.64
CA ALA C 151 -31.97 -2.92 32.59
C ALA C 151 -32.68 -2.70 31.27
N PHE C 152 -33.95 -2.26 31.31
CA PHE C 152 -34.71 -2.02 30.09
C PHE C 152 -34.71 -0.51 29.76
N ARG C 153 -33.51 0.00 29.51
CA ARG C 153 -33.32 1.40 29.13
C ARG C 153 -32.34 1.46 27.98
N ARG C 154 -32.43 2.53 27.20
CA ARG C 154 -31.48 2.77 26.11
C ARG C 154 -30.23 3.37 26.72
N SER C 155 -29.36 2.51 27.21
CA SER C 155 -28.14 2.88 27.91
C SER C 155 -26.97 2.12 27.34
N PRO C 156 -25.75 2.67 27.42
CA PRO C 156 -24.57 1.89 27.03
C PRO C 156 -24.23 0.76 27.99
N HIS C 157 -24.78 0.76 29.21
CA HIS C 157 -24.56 -0.34 30.13
C HIS C 157 -25.28 -1.60 29.67
N ASN C 158 -26.48 -1.46 29.12
CA ASN C 158 -27.26 -2.61 28.70
C ASN C 158 -26.85 -3.06 27.30
N LEU C 159 -26.88 -4.39 27.10
CA LEU C 159 -26.51 -4.96 25.82
C LEU C 159 -27.59 -4.75 24.77
N ILE C 160 -28.86 -4.81 25.15
CA ILE C 160 -29.97 -4.67 24.23
C ILE C 160 -30.91 -3.58 24.75
N TYR C 161 -31.72 -3.04 23.85
CA TYR C 161 -32.81 -2.14 24.21
C TYR C 161 -34.05 -2.65 23.46
N TYR C 162 -34.81 -3.52 24.12
CA TYR C 162 -35.97 -4.14 23.50
C TYR C 162 -37.27 -3.43 23.85
N GLY C 163 -37.21 -2.36 24.62
CA GLY C 163 -38.38 -1.61 25.02
C GLY C 163 -38.80 -1.86 26.44
N GLU C 164 -40.07 -1.57 26.72
CA GLU C 164 -40.66 -1.80 28.04
C GLU C 164 -41.98 -2.55 27.98
N HIS C 165 -42.34 -3.10 26.81
CA HIS C 165 -43.62 -3.75 26.62
C HIS C 165 -43.44 -5.15 26.06
N PRO C 166 -44.36 -6.08 26.35
CA PRO C 166 -44.28 -7.42 25.75
C PRO C 166 -44.47 -7.45 24.25
N LEU C 167 -45.31 -6.56 23.71
CA LEU C 167 -45.41 -6.42 22.25
C LEU C 167 -44.13 -5.85 21.67
N SER C 168 -43.52 -4.89 22.38
CA SER C 168 -42.22 -4.35 22.00
C SER C 168 -41.14 -5.42 22.04
N PHE C 169 -41.18 -6.27 23.07
CA PHE C 169 -40.21 -7.36 23.20
C PHE C 169 -40.38 -8.40 22.09
N ALA C 170 -41.64 -8.69 21.73
CA ALA C 170 -41.93 -9.65 20.68
C ALA C 170 -41.56 -9.12 19.30
N ALA C 171 -41.70 -7.82 19.09
CA ALA C 171 -41.25 -7.22 17.83
C ALA C 171 -39.74 -7.20 17.75
N CYS C 172 -39.05 -6.90 18.86
CA CYS C 172 -37.60 -6.82 18.83
C CYS C 172 -36.93 -8.18 18.79
N VAL C 173 -37.59 -9.24 19.29
CA VAL C 173 -36.93 -10.55 19.27
C VAL C 173 -37.12 -11.22 17.90
N GLY C 174 -38.14 -10.81 17.14
CA GLY C 174 -38.35 -11.36 15.82
C GLY C 174 -39.27 -12.57 15.75
N SER C 175 -40.35 -12.57 16.52
CA SER C 175 -41.28 -13.71 16.55
C SER C 175 -42.62 -13.25 15.97
N GLU C 176 -43.11 -14.01 14.99
CA GLU C 176 -44.31 -13.61 14.27
C GLU C 176 -45.57 -13.94 15.06
N GLU C 177 -45.66 -15.18 15.54
CA GLU C 177 -46.90 -15.70 16.11
C GLU C 177 -47.13 -15.15 17.51
N ILE C 178 -46.06 -14.83 18.24
CA ILE C 178 -46.18 -14.16 19.53
C ILE C 178 -46.78 -12.76 19.36
N VAL C 179 -46.37 -12.06 18.30
CA VAL C 179 -46.94 -10.75 17.96
C VAL C 179 -48.42 -10.87 17.61
N ARG C 180 -48.76 -11.87 16.78
CA ARG C 180 -50.15 -12.06 16.37
C ARG C 180 -51.04 -12.45 17.55
N LEU C 181 -50.52 -13.27 18.47
CA LEU C 181 -51.28 -13.66 19.65
C LEU C 181 -51.35 -12.53 20.68
N LEU C 182 -50.37 -11.62 20.69
CA LEU C 182 -50.45 -10.48 21.59
C LEU C 182 -51.45 -9.44 21.09
N ILE C 183 -51.52 -9.24 19.77
CA ILE C 183 -52.55 -8.36 19.21
C ILE C 183 -53.94 -9.00 19.39
N GLU C 184 -54.02 -10.33 19.32
CA GLU C 184 -55.27 -11.02 19.58
C GLU C 184 -55.74 -10.90 21.03
N HIS C 185 -54.82 -10.69 21.97
CA HIS C 185 -55.16 -10.49 23.37
C HIS C 185 -54.69 -9.10 23.81
N GLY C 186 -55.50 -8.09 23.53
CA GLY C 186 -55.19 -6.72 23.93
C GLY C 186 -53.97 -6.16 23.22
N ALA C 187 -53.14 -5.46 24.00
CA ALA C 187 -51.80 -4.99 23.62
C ALA C 187 -51.82 -4.07 22.40
N ASP C 188 -52.40 -2.88 22.62
CA ASP C 188 -52.45 -1.86 21.58
C ASP C 188 -51.05 -1.40 21.18
N ILE C 189 -50.90 -1.07 19.91
CA ILE C 189 -49.57 -0.80 19.37
C ILE C 189 -49.10 0.60 19.75
N ARG C 190 -50.02 1.55 19.89
CA ARG C 190 -49.69 2.92 20.26
C ARG C 190 -49.41 3.07 21.75
N ALA C 191 -48.39 2.38 22.25
CA ALA C 191 -47.96 2.49 23.64
C ALA C 191 -46.51 2.98 23.65
N GLN C 192 -46.28 4.15 24.24
CA GLN C 192 -44.97 4.78 24.24
C GLN C 192 -44.32 4.56 25.59
N ASP C 193 -43.11 3.99 25.58
CA ASP C 193 -42.32 3.82 26.79
C ASP C 193 -41.47 5.07 27.04
N SER C 194 -40.44 4.93 27.88
CA SER C 194 -39.51 6.01 28.15
C SER C 194 -38.73 6.40 26.91
N LEU C 195 -38.33 7.68 26.87
CA LEU C 195 -37.74 8.43 25.75
C LEU C 195 -38.69 8.51 24.56
N GLY C 196 -39.99 8.34 24.79
CA GLY C 196 -41.03 8.59 23.81
C GLY C 196 -41.13 7.60 22.67
N ASN C 197 -40.40 6.49 22.72
CA ASN C 197 -40.39 5.55 21.62
C ASN C 197 -41.63 4.67 21.66
N THR C 198 -42.24 4.44 20.49
CA THR C 198 -43.24 3.40 20.36
C THR C 198 -42.52 2.13 19.89
N VAL C 199 -43.30 1.15 19.41
CA VAL C 199 -42.74 -0.12 18.98
C VAL C 199 -41.96 0.06 17.67
N LEU C 200 -42.44 0.95 16.80
CA LEU C 200 -41.80 1.20 15.50
C LEU C 200 -40.43 1.85 15.65
N HIS C 201 -40.29 2.76 16.62
CA HIS C 201 -39.03 3.45 16.87
C HIS C 201 -37.93 2.49 17.31
N ILE C 202 -38.24 1.61 18.24
CA ILE C 202 -37.24 0.65 18.70
C ILE C 202 -37.08 -0.51 17.72
N LEU C 203 -38.07 -0.76 16.87
CA LEU C 203 -37.88 -1.71 15.76
C LEU C 203 -36.89 -1.17 14.74
N ILE C 204 -36.91 0.14 14.50
CA ILE C 204 -35.88 0.76 13.69
C ILE C 204 -34.54 0.76 14.42
N LEU C 205 -34.56 0.93 15.75
CA LEU C 205 -33.33 0.94 16.56
C LEU C 205 -32.64 -0.42 16.66
N GLN C 206 -33.28 -1.53 16.25
CA GLN C 206 -32.59 -2.81 16.34
C GLN C 206 -31.56 -2.96 15.22
N PRO C 207 -30.49 -3.71 15.49
CA PRO C 207 -29.65 -4.24 14.41
C PRO C 207 -30.26 -5.54 13.88
N ASN C 208 -29.54 -6.14 12.92
CA ASN C 208 -29.90 -7.39 12.23
C ASN C 208 -31.28 -7.26 11.56
N LYS C 209 -31.31 -6.40 10.55
CA LYS C 209 -32.49 -5.91 9.82
C LYS C 209 -33.05 -6.93 8.82
N THR C 210 -32.69 -8.22 8.88
CA THR C 210 -33.25 -9.21 7.97
C THR C 210 -34.74 -9.43 8.22
N PHE C 211 -35.15 -9.43 9.49
CA PHE C 211 -36.54 -9.66 9.83
C PHE C 211 -37.28 -8.39 10.24
N ALA C 212 -36.58 -7.26 10.40
CA ALA C 212 -37.18 -6.09 11.03
C ALA C 212 -38.16 -5.38 10.10
N CYS C 213 -37.89 -5.42 8.78
CA CYS C 213 -38.77 -4.79 7.81
C CYS C 213 -40.10 -5.52 7.70
N GLN C 214 -40.08 -6.85 7.78
CA GLN C 214 -41.31 -7.64 7.77
C GLN C 214 -42.13 -7.41 9.03
N MET C 215 -41.46 -7.24 10.17
CA MET C 215 -42.15 -6.95 11.43
C MET C 215 -42.78 -5.57 11.41
N TYR C 216 -42.06 -4.59 10.84
CA TYR C 216 -42.58 -3.23 10.69
C TYR C 216 -43.79 -3.21 9.76
N ASN C 217 -43.73 -3.99 8.68
CA ASN C 217 -44.83 -4.07 7.73
C ASN C 217 -46.05 -4.75 8.36
N LEU C 218 -45.82 -5.77 9.21
CA LEU C 218 -46.94 -6.48 9.81
C LEU C 218 -47.59 -5.65 10.92
N LEU C 219 -46.81 -4.89 11.70
CA LEU C 219 -47.47 -4.01 12.65
C LEU C 219 -48.03 -2.75 11.98
N LEU C 220 -47.58 -2.43 10.76
CA LEU C 220 -48.27 -1.41 9.99
C LEU C 220 -49.57 -1.96 9.39
N SER C 221 -49.68 -3.27 9.25
CA SER C 221 -50.91 -3.88 8.74
C SER C 221 -52.05 -3.80 9.76
N TYR C 222 -51.75 -3.98 11.05
CA TYR C 222 -52.77 -3.84 12.08
C TYR C 222 -53.03 -2.40 12.49
N ASP C 223 -52.26 -1.44 11.97
CA ASP C 223 -52.42 -0.03 12.31
C ASP C 223 -53.62 0.51 11.56
N GLU C 224 -54.80 0.39 12.18
CA GLU C 224 -56.04 0.97 11.65
C GLU C 224 -56.67 1.78 12.79
N HIS C 225 -56.20 3.02 12.94
CA HIS C 225 -56.62 3.99 13.98
C HIS C 225 -56.59 3.45 15.41
N GLN C 230 -54.33 11.13 13.74
CA GLN C 230 -52.90 10.95 13.46
C GLN C 230 -52.54 9.47 13.41
N SER C 231 -51.72 9.10 12.43
CA SER C 231 -51.31 7.73 12.26
C SER C 231 -50.21 7.35 13.25
N LEU C 232 -49.91 6.05 13.30
CA LEU C 232 -48.85 5.54 14.16
C LEU C 232 -47.47 5.96 13.66
N GLU C 233 -47.32 6.12 12.35
CA GLU C 233 -46.05 6.50 11.73
C GLU C 233 -45.63 7.94 12.06
N LEU C 234 -46.55 8.79 12.49
CA LEU C 234 -46.24 10.18 12.80
C LEU C 234 -46.12 10.46 14.29
N VAL C 235 -46.17 9.45 15.13
CA VAL C 235 -46.02 9.62 16.57
C VAL C 235 -44.55 9.87 16.90
N PRO C 236 -44.19 10.98 17.54
CA PRO C 236 -42.78 11.28 17.78
C PRO C 236 -42.24 10.73 19.09
N ASN C 237 -40.98 11.01 19.36
CA ASN C 237 -40.33 10.70 20.64
C ASN C 237 -40.67 11.79 21.67
N HIS C 238 -40.04 11.70 22.82
CA HIS C 238 -39.90 12.85 23.70
C HIS C 238 -38.83 13.81 23.19
N GLN C 239 -37.91 13.32 22.36
CA GLN C 239 -37.03 14.14 21.56
C GLN C 239 -37.71 14.77 20.36
N GLY C 240 -38.89 14.26 19.96
CA GLY C 240 -39.63 14.79 18.85
C GLY C 240 -39.39 14.12 17.53
N LEU C 241 -38.77 12.95 17.51
CA LEU C 241 -38.35 12.30 16.27
C LEU C 241 -39.43 11.36 15.75
N THR C 242 -39.83 11.58 14.50
CA THR C 242 -40.61 10.64 13.69
C THR C 242 -39.75 9.39 13.46
N PRO C 243 -40.37 8.20 13.30
CA PRO C 243 -39.57 7.01 12.92
C PRO C 243 -38.85 7.13 11.58
N PHE C 244 -39.39 7.92 10.65
CA PHE C 244 -38.64 8.34 9.47
C PHE C 244 -37.40 9.14 9.87
N LYS C 245 -37.57 10.12 10.77
CA LYS C 245 -36.43 10.91 11.21
C LYS C 245 -35.50 10.13 12.12
N LEU C 246 -36.04 9.18 12.89
CA LEU C 246 -35.18 8.33 13.71
C LEU C 246 -34.36 7.36 12.86
N ALA C 247 -34.94 6.89 11.75
CA ALA C 247 -34.18 6.09 10.80
C ALA C 247 -33.13 6.94 10.09
N GLY C 248 -33.42 8.23 9.90
CA GLY C 248 -32.43 9.13 9.36
C GLY C 248 -31.27 9.39 10.31
N VAL C 249 -31.57 9.56 11.60
CA VAL C 249 -30.52 9.79 12.59
C VAL C 249 -29.69 8.54 12.84
N GLU C 250 -30.35 7.39 12.99
CA GLU C 250 -29.64 6.16 13.36
C GLU C 250 -28.85 5.55 12.20
N GLY C 251 -29.11 5.98 10.97
CA GLY C 251 -28.40 5.43 9.84
C GLY C 251 -28.92 4.11 9.33
N ASN C 252 -30.16 3.77 9.64
CA ASN C 252 -30.77 2.51 9.21
C ASN C 252 -31.17 2.67 7.75
N THR C 253 -30.22 2.39 6.84
CA THR C 253 -30.43 2.67 5.43
C THR C 253 -31.34 1.64 4.77
N VAL C 254 -31.27 0.38 5.24
CA VAL C 254 -32.15 -0.67 4.74
C VAL C 254 -33.60 -0.37 5.12
N MET C 255 -33.81 0.09 6.36
CA MET C 255 -35.14 0.51 6.76
C MET C 255 -35.55 1.81 6.08
N PHE C 256 -34.58 2.66 5.72
CA PHE C 256 -34.90 3.90 5.01
C PHE C 256 -35.41 3.63 3.60
N GLN C 257 -34.75 2.71 2.88
CA GLN C 257 -35.25 2.37 1.54
C GLN C 257 -36.52 1.52 1.62
N HIS C 258 -36.71 0.77 2.71
CA HIS C 258 -37.99 0.10 2.93
C HIS C 258 -39.11 1.09 3.19
N LEU C 259 -38.81 2.19 3.87
CA LEU C 259 -39.83 3.21 4.13
C LEU C 259 -40.13 4.02 2.87
N MET C 260 -39.12 4.26 2.03
CA MET C 260 -39.39 4.98 0.79
C MET C 260 -39.90 4.08 -0.32
N GLN C 261 -39.93 2.77 -0.10
CA GLN C 261 -40.74 1.92 -0.98
C GLN C 261 -42.23 2.24 -0.85
N LYS C 262 -42.69 2.55 0.37
CA LYS C 262 -44.09 2.90 0.58
C LYS C 262 -44.39 4.36 0.29
N ARG C 263 -43.37 5.21 0.17
CA ARG C 263 -43.55 6.64 -0.08
C ARG C 263 -43.20 7.04 -1.50
N LYS C 264 -43.33 6.12 -2.45
CA LYS C 264 -42.97 6.39 -3.84
C LYS C 264 -44.07 5.89 -4.76
N HIS C 265 -44.10 6.45 -5.96
CA HIS C 265 -45.04 6.04 -6.99
C HIS C 265 -44.29 5.93 -8.30
N VAL C 266 -44.29 4.74 -8.89
CA VAL C 266 -43.68 4.53 -10.20
C VAL C 266 -44.60 5.12 -11.24
N GLN C 267 -44.13 6.17 -11.92
CA GLN C 267 -44.94 6.82 -12.95
C GLN C 267 -45.08 5.92 -14.17
N TRP C 268 -43.95 5.53 -14.78
CA TRP C 268 -44.01 4.62 -15.90
C TRP C 268 -42.71 3.84 -16.01
N THR C 269 -42.74 2.80 -16.83
CA THR C 269 -41.53 2.12 -17.27
C THR C 269 -41.66 1.85 -18.76
N CYS C 270 -40.58 2.05 -19.50
CA CYS C 270 -40.60 1.86 -20.96
C CYS C 270 -39.33 1.13 -21.35
N GLY C 271 -39.39 -0.19 -21.32
CA GLY C 271 -38.25 -1.01 -21.66
C GLY C 271 -37.21 -1.03 -20.56
N PRO C 272 -36.00 -0.57 -20.86
CA PRO C 272 -34.91 -0.68 -19.89
C PRO C 272 -34.94 0.37 -18.79
N LEU C 273 -35.63 1.49 -19.02
CA LEU C 273 -35.60 2.61 -18.09
C LEU C 273 -37.00 2.89 -17.55
N THR C 274 -37.04 3.33 -16.30
CA THR C 274 -38.28 3.65 -15.62
C THR C 274 -38.19 5.07 -15.05
N SER C 275 -39.36 5.67 -14.82
CA SER C 275 -39.48 6.96 -14.18
C SER C 275 -40.42 6.81 -12.99
N THR C 276 -39.94 7.19 -11.80
CA THR C 276 -40.70 7.07 -10.58
C THR C 276 -40.67 8.39 -9.82
N LEU C 277 -41.59 8.51 -8.86
CA LEU C 277 -41.95 9.79 -8.25
C LEU C 277 -41.92 9.64 -6.73
N TYR C 278 -40.82 10.05 -6.10
CA TYR C 278 -40.70 10.00 -4.66
C TYR C 278 -41.40 11.20 -4.02
N ASP C 279 -41.76 11.03 -2.75
CA ASP C 279 -42.47 12.05 -1.99
C ASP C 279 -41.48 12.71 -1.02
N LEU C 280 -41.43 14.03 -1.05
CA LEU C 280 -40.54 14.81 -0.21
C LEU C 280 -41.24 15.44 0.98
N THR C 281 -42.32 14.84 1.47
CA THR C 281 -43.01 15.40 2.62
C THR C 281 -42.20 15.23 3.89
N GLU C 282 -41.65 14.04 4.10
CA GLU C 282 -40.88 13.74 5.29
C GLU C 282 -39.37 13.91 5.11
N ILE C 283 -38.92 14.24 3.90
CA ILE C 283 -37.50 14.47 3.64
C ILE C 283 -37.17 15.96 3.61
N ASP C 284 -37.90 16.73 2.78
CA ASP C 284 -37.69 18.17 2.74
C ASP C 284 -38.23 18.83 4.01
N SER C 285 -39.47 18.51 4.38
CA SER C 285 -40.13 18.85 5.65
C SER C 285 -40.18 20.38 5.87
N TRP C 286 -40.98 21.02 5.02
CA TRP C 286 -41.10 22.47 4.90
C TRP C 286 -41.56 23.16 6.17
N GLY C 287 -42.67 22.70 6.76
CA GLY C 287 -43.28 23.41 7.87
C GLY C 287 -42.64 23.20 9.21
N GLU C 288 -41.84 22.14 9.36
CA GLU C 288 -41.24 21.85 10.65
C GLU C 288 -40.01 22.72 10.91
N GLU C 289 -39.83 23.10 12.17
CA GLU C 289 -38.68 23.91 12.56
C GLU C 289 -37.38 23.11 12.48
N LEU C 290 -37.39 21.89 13.03
CA LEU C 290 -36.27 20.98 12.87
C LEU C 290 -36.57 20.12 11.64
N SER C 291 -35.69 20.16 10.65
CA SER C 291 -35.93 19.42 9.44
C SER C 291 -35.27 18.05 9.50
N PHE C 292 -35.59 17.21 8.52
CA PHE C 292 -35.03 15.86 8.46
C PHE C 292 -33.54 15.88 8.20
N LEU C 293 -33.10 16.78 7.31
CA LEU C 293 -31.72 16.77 6.86
C LEU C 293 -30.76 17.28 7.93
N GLU C 294 -31.22 18.23 8.77
CA GLU C 294 -30.39 18.72 9.87
C GLU C 294 -30.19 17.65 10.93
N LEU C 295 -31.22 16.83 11.17
CA LEU C 295 -31.06 15.72 12.10
C LEU C 295 -30.21 14.61 11.49
N VAL C 296 -30.21 14.49 10.17
CA VAL C 296 -29.39 13.47 9.52
C VAL C 296 -27.91 13.84 9.57
N VAL C 297 -27.57 15.06 9.15
CA VAL C 297 -26.16 15.32 8.86
C VAL C 297 -25.41 15.71 10.13
N SER C 298 -26.12 16.11 11.17
CA SER C 298 -25.52 16.53 12.44
C SER C 298 -25.74 15.49 13.53
N SER C 299 -25.66 14.21 13.16
CA SER C 299 -25.78 13.11 14.09
C SER C 299 -24.40 12.60 14.47
N LYS C 300 -24.30 12.03 15.67
CA LYS C 300 -23.01 11.61 16.21
C LYS C 300 -22.61 10.22 15.76
N LYS C 301 -23.45 9.54 14.98
CA LYS C 301 -23.13 8.19 14.55
C LYS C 301 -22.09 8.19 13.44
N ARG C 302 -21.32 7.10 13.36
CA ARG C 302 -20.38 6.93 12.27
C ARG C 302 -21.11 6.70 10.95
N GLU C 303 -22.27 6.06 11.02
CA GLU C 303 -23.19 5.97 9.90
C GLU C 303 -24.06 7.23 9.86
N ALA C 304 -25.16 7.17 9.09
CA ALA C 304 -26.13 8.21 8.73
C ALA C 304 -25.55 9.31 7.85
N ARG C 305 -24.31 9.16 7.38
CA ARG C 305 -23.81 9.90 6.22
C ARG C 305 -23.85 9.05 4.96
N GLN C 306 -24.06 7.74 5.10
CA GLN C 306 -24.34 6.86 3.98
C GLN C 306 -25.83 6.79 3.66
N ILE C 307 -26.67 7.41 4.49
CA ILE C 307 -28.08 7.57 4.17
C ILE C 307 -28.31 8.79 3.29
N LEU C 308 -27.30 9.64 3.10
CA LEU C 308 -27.33 10.74 2.15
C LEU C 308 -27.06 10.29 0.73
N GLU C 309 -26.66 9.02 0.53
CA GLU C 309 -26.45 8.45 -0.78
C GLU C 309 -27.62 7.59 -1.24
N GLN C 310 -28.75 7.66 -0.55
CA GLN C 310 -29.93 6.92 -0.94
C GLN C 310 -30.62 7.57 -2.14
N THR C 311 -31.61 6.87 -2.70
CA THR C 311 -32.21 7.26 -3.98
C THR C 311 -32.95 8.60 -3.99
N PRO C 312 -33.79 8.99 -3.01
CA PRO C 312 -34.34 10.34 -3.09
C PRO C 312 -33.39 11.42 -2.60
N VAL C 313 -32.62 11.12 -1.54
CA VAL C 313 -31.90 12.15 -0.80
C VAL C 313 -30.69 12.66 -1.59
N LYS C 314 -29.98 11.75 -2.26
CA LYS C 314 -28.78 12.13 -3.02
C LYS C 314 -29.16 13.00 -4.22
N GLU C 315 -30.23 12.63 -4.92
CA GLU C 315 -30.72 13.45 -6.03
C GLU C 315 -31.28 14.79 -5.56
N LEU C 316 -31.95 14.81 -4.40
CA LEU C 316 -32.50 16.06 -3.86
C LEU C 316 -31.40 17.03 -3.45
N VAL C 317 -30.40 16.56 -2.70
CA VAL C 317 -29.34 17.46 -2.28
C VAL C 317 -28.37 17.75 -3.42
N SER C 318 -28.32 16.89 -4.46
CA SER C 318 -27.53 17.18 -5.63
C SER C 318 -28.14 18.31 -6.44
N PHE C 319 -29.47 18.27 -6.63
CA PHE C 319 -30.16 19.38 -7.29
C PHE C 319 -30.10 20.65 -6.46
N LYS C 320 -30.18 20.52 -5.13
CA LYS C 320 -30.12 21.67 -4.24
C LYS C 320 -28.73 22.29 -4.19
N TRP C 321 -27.69 21.48 -4.42
CA TRP C 321 -26.33 22.00 -4.39
C TRP C 321 -25.90 22.57 -5.74
N LYS C 322 -26.30 21.92 -6.84
CA LYS C 322 -25.95 22.46 -8.16
C LYS C 322 -26.76 23.70 -8.50
N LYS C 323 -28.05 23.70 -8.15
CA LYS C 323 -28.92 24.79 -8.58
C LYS C 323 -28.70 26.05 -7.76
N TYR C 324 -28.59 25.92 -6.44
CA TYR C 324 -28.45 27.10 -5.58
C TYR C 324 -27.29 27.03 -4.60
N GLY C 325 -26.76 25.84 -4.31
CA GLY C 325 -25.78 25.72 -3.23
C GLY C 325 -24.41 26.25 -3.60
N ARG C 326 -23.83 25.72 -4.68
CA ARG C 326 -22.50 26.12 -5.13
C ARG C 326 -22.36 27.58 -5.61
N PRO C 327 -23.29 28.18 -6.41
CA PRO C 327 -23.12 29.62 -6.71
C PRO C 327 -23.22 30.54 -5.50
N TYR C 328 -24.12 30.25 -4.56
CA TYR C 328 -24.23 31.06 -3.35
C TYR C 328 -23.03 30.88 -2.44
N PHE C 329 -22.50 29.65 -2.38
CA PHE C 329 -21.29 29.40 -1.60
C PHE C 329 -20.07 30.06 -2.23
N CYS C 330 -20.02 30.13 -3.56
CA CYS C 330 -18.91 30.82 -4.22
C CYS C 330 -19.02 32.33 -4.07
N VAL C 331 -20.24 32.87 -4.06
CA VAL C 331 -20.46 34.28 -3.80
C VAL C 331 -20.04 34.64 -2.37
N LEU C 332 -20.41 33.80 -1.41
CA LEU C 332 -20.02 34.02 -0.02
C LEU C 332 -18.51 33.86 0.18
N ALA C 333 -17.89 32.92 -0.55
CA ALA C 333 -16.44 32.73 -0.48
C ALA C 333 -15.69 33.92 -1.06
N SER C 334 -16.15 34.44 -2.20
CA SER C 334 -15.52 35.62 -2.81
C SER C 334 -15.71 36.86 -1.95
N LEU C 335 -16.89 37.00 -1.33
CA LEU C 335 -17.15 38.12 -0.45
C LEU C 335 -16.30 38.07 0.82
N TYR C 336 -16.11 36.87 1.38
CA TYR C 336 -15.26 36.73 2.55
C TYR C 336 -13.79 36.91 2.21
N ILE C 337 -13.37 36.50 1.01
CA ILE C 337 -12.00 36.71 0.56
C ILE C 337 -11.72 38.20 0.35
N LEU C 338 -12.68 38.93 -0.24
CA LEU C 338 -12.53 40.37 -0.40
C LEU C 338 -12.55 41.11 0.94
N TYR C 339 -13.38 40.64 1.88
CA TYR C 339 -13.41 41.19 3.23
C TYR C 339 -12.09 40.96 3.96
N MET C 340 -11.49 39.79 3.79
CA MET C 340 -10.24 39.51 4.48
C MET C 340 -9.05 40.19 3.79
N ILE C 341 -9.16 40.44 2.48
CA ILE C 341 -8.19 41.30 1.79
C ILE C 341 -8.27 42.73 2.31
N CYS C 342 -9.50 43.20 2.58
CA CYS C 342 -9.69 44.52 3.20
C CYS C 342 -9.13 44.57 4.62
N PHE C 343 -9.31 43.49 5.40
CA PHE C 343 -8.73 43.41 6.73
C PHE C 343 -7.21 43.35 6.70
N THR C 344 -6.64 42.65 5.70
CA THR C 344 -5.19 42.58 5.56
C THR C 344 -4.62 43.94 5.17
N THR C 345 -5.29 44.65 4.27
CA THR C 345 -4.85 45.98 3.85
C THR C 345 -4.98 47.00 4.99
N CYS C 346 -6.01 46.86 5.82
CA CYS C 346 -6.11 47.70 7.02
C CYS C 346 -5.13 47.28 8.10
N CYS C 347 -4.60 46.06 8.07
CA CYS C 347 -3.52 45.66 8.95
C CYS C 347 -2.15 46.15 8.51
N ILE C 348 -1.87 46.17 7.19
CA ILE C 348 -0.56 46.58 6.70
C ILE C 348 -0.31 48.06 6.95
N TYR C 349 -1.27 48.90 6.58
CA TYR C 349 -1.22 50.32 6.90
C TYR C 349 -1.73 50.48 8.32
N ARG C 350 -0.86 50.96 9.21
CA ARG C 350 -1.17 51.08 10.63
C ARG C 350 -0.76 52.46 11.11
N PRO C 351 -1.40 52.97 12.19
CA PRO C 351 -0.94 54.23 12.78
C PRO C 351 0.37 54.06 13.54
N LEU C 352 1.49 54.04 12.83
CA LEU C 352 2.81 53.88 13.43
C LEU C 352 3.66 55.12 13.18
N LYS C 353 4.31 55.60 14.24
CA LYS C 353 5.17 56.76 14.20
C LYS C 353 6.51 56.41 14.80
N LEU C 354 7.46 57.33 14.71
CA LEU C 354 8.77 57.14 15.30
C LEU C 354 8.67 57.20 16.82
N ARG C 355 9.52 56.43 17.50
CA ARG C 355 9.49 56.36 18.95
C ARG C 355 10.06 57.63 19.57
N ASP C 356 9.62 57.94 20.79
CA ASP C 356 10.01 59.19 21.44
C ASP C 356 11.30 59.01 22.25
N ASP C 357 11.44 57.87 22.91
CA ASP C 357 12.61 57.61 23.74
C ASP C 357 13.71 56.95 22.91
N ASN C 358 14.93 57.46 23.04
CA ASN C 358 16.07 56.87 22.34
C ASN C 358 16.46 55.55 23.00
N ARG C 359 17.02 54.65 22.20
CA ARG C 359 17.42 53.34 22.67
C ARG C 359 18.87 53.40 23.16
N THR C 360 19.04 53.55 24.47
CA THR C 360 20.36 53.49 25.10
C THR C 360 20.76 52.07 25.47
N ASP C 361 19.89 51.10 25.23
CA ASP C 361 20.13 49.69 25.54
C ASP C 361 20.51 48.97 24.26
N PRO C 362 21.62 48.25 24.23
CA PRO C 362 21.90 47.36 23.09
C PRO C 362 20.95 46.17 23.07
N ARG C 363 20.91 45.51 21.91
CA ARG C 363 20.05 44.40 21.45
C ARG C 363 18.61 44.83 21.22
N ASP C 364 18.26 46.10 21.40
CA ASP C 364 16.90 46.58 21.18
C ASP C 364 16.81 47.19 19.79
N ILE C 365 15.90 46.66 18.97
CA ILE C 365 15.78 47.07 17.58
C ILE C 365 14.44 47.74 17.28
N THR C 366 13.64 48.04 18.31
CA THR C 366 12.37 48.72 18.08
C THR C 366 12.61 50.18 17.73
N ILE C 367 12.21 50.57 16.52
CA ILE C 367 12.39 51.94 16.05
C ILE C 367 11.09 52.67 15.87
N LEU C 368 9.95 51.97 15.86
CA LEU C 368 8.65 52.58 15.67
C LEU C 368 7.74 52.17 16.81
N GLN C 369 6.75 53.01 17.10
CA GLN C 369 5.71 52.67 18.06
C GLN C 369 4.37 53.12 17.49
N GLN C 370 3.31 52.47 17.95
CA GLN C 370 1.98 52.86 17.49
C GLN C 370 1.55 54.15 18.17
N LYS C 371 0.95 55.04 17.39
CA LYS C 371 0.61 56.36 17.88
C LYS C 371 -0.77 56.36 18.54
N LEU C 372 -1.08 57.48 19.19
CA LEU C 372 -2.32 57.60 19.94
C LEU C 372 -3.51 57.79 19.00
N LEU C 373 -4.71 57.64 19.56
CA LEU C 373 -5.93 57.66 18.77
C LEU C 373 -6.25 59.07 18.26
N GLN C 374 -5.88 60.09 19.04
CA GLN C 374 -6.18 61.46 18.65
C GLN C 374 -5.31 61.93 17.48
N GLU C 375 -4.14 61.34 17.31
CA GLU C 375 -3.27 61.64 16.18
C GLU C 375 -3.25 60.53 15.13
N ALA C 376 -4.09 59.50 15.30
CA ALA C 376 -4.08 58.37 14.37
C ALA C 376 -4.72 58.74 13.03
N TYR C 377 -5.84 59.45 13.06
CA TYR C 377 -6.60 59.76 11.84
C TYR C 377 -6.64 61.26 11.63
N VAL C 378 -5.56 61.82 11.09
CA VAL C 378 -5.64 63.07 10.33
C VAL C 378 -4.78 62.98 9.06
N THR C 379 -5.38 62.42 8.00
CA THR C 379 -4.83 62.16 6.68
C THR C 379 -6.02 61.64 5.88
N HIS C 380 -6.10 61.90 4.57
CA HIS C 380 -7.08 61.24 3.72
C HIS C 380 -6.86 59.74 3.67
N GLN C 381 -5.59 59.31 3.65
CA GLN C 381 -5.27 57.88 3.66
C GLN C 381 -5.63 57.23 4.98
N ASP C 382 -5.54 57.97 6.09
CA ASP C 382 -5.99 57.44 7.37
C ASP C 382 -7.52 57.34 7.42
N ASN C 383 -8.22 58.20 6.66
CA ASN C 383 -9.67 58.06 6.55
C ASN C 383 -10.06 56.86 5.69
N ILE C 384 -9.27 56.58 4.65
CA ILE C 384 -9.45 55.37 3.84
C ILE C 384 -9.17 54.12 4.67
N ARG C 385 -8.20 54.19 5.58
CA ARG C 385 -7.99 53.11 6.54
C ARG C 385 -9.14 53.01 7.54
N LEU C 386 -9.70 54.15 7.97
CA LEU C 386 -10.74 54.18 9.00
C LEU C 386 -12.05 53.59 8.49
N VAL C 387 -12.41 53.86 7.24
CA VAL C 387 -13.65 53.29 6.69
C VAL C 387 -13.51 51.78 6.49
N GLY C 388 -12.30 51.31 6.16
CA GLY C 388 -12.09 49.87 6.08
C GLY C 388 -12.04 49.20 7.44
N GLU C 389 -11.60 49.93 8.46
CA GLU C 389 -11.71 49.45 9.84
C GLU C 389 -13.15 49.34 10.27
N LEU C 390 -13.99 50.30 9.84
CA LEU C 390 -15.43 50.21 10.11
C LEU C 390 -16.06 49.03 9.37
N VAL C 391 -15.59 48.76 8.15
CA VAL C 391 -16.05 47.60 7.37
C VAL C 391 -15.69 46.29 8.08
N THR C 392 -14.47 46.17 8.59
CA THR C 392 -14.11 44.90 9.23
C THR C 392 -14.70 44.77 10.64
N VAL C 393 -14.99 45.89 11.32
CA VAL C 393 -15.73 45.81 12.58
C VAL C 393 -17.17 45.37 12.33
N THR C 394 -17.79 45.89 11.25
CA THR C 394 -19.13 45.46 10.84
C THR C 394 -19.13 43.99 10.43
N GLY C 395 -18.07 43.54 9.75
CA GLY C 395 -17.97 42.14 9.39
C GLY C 395 -17.79 41.21 10.58
N ALA C 396 -17.02 41.64 11.58
CA ALA C 396 -16.85 40.85 12.80
C ALA C 396 -18.14 40.76 13.60
N VAL C 397 -18.90 41.86 13.68
CA VAL C 397 -20.13 41.80 14.48
C VAL C 397 -21.24 41.05 13.74
N ILE C 398 -21.23 41.06 12.40
CA ILE C 398 -22.22 40.21 11.72
C ILE C 398 -21.79 38.75 11.71
N ILE C 399 -20.49 38.47 11.81
CA ILE C 399 -20.03 37.10 12.04
C ILE C 399 -20.49 36.59 13.40
N LEU C 400 -20.40 37.44 14.43
CA LEU C 400 -20.91 37.06 15.76
C LEU C 400 -22.43 36.91 15.76
N LEU C 401 -23.16 37.80 15.08
CA LEU C 401 -24.60 37.70 15.02
C LEU C 401 -25.08 36.50 14.19
N LEU C 402 -24.24 36.02 13.27
CA LEU C 402 -24.58 34.79 12.56
C LEU C 402 -24.18 33.53 13.32
N GLU C 403 -23.17 33.62 14.20
CA GLU C 403 -22.62 32.37 14.74
C GLU C 403 -22.99 32.09 16.19
N ILE C 404 -23.12 33.10 17.06
CA ILE C 404 -23.57 32.87 18.44
C ILE C 404 -24.99 32.30 18.56
N PRO C 405 -26.00 32.72 17.77
CA PRO C 405 -27.27 31.97 17.79
C PRO C 405 -27.20 30.51 17.30
N ASP C 406 -26.18 30.14 16.53
CA ASP C 406 -25.97 28.73 16.24
C ASP C 406 -25.46 27.97 17.45
N ILE C 407 -24.64 28.63 18.28
CA ILE C 407 -24.18 28.02 19.54
C ILE C 407 -25.36 27.92 20.51
N PHE C 408 -26.26 28.90 20.48
CA PHE C 408 -27.45 28.83 21.32
C PHE C 408 -28.53 27.91 20.75
N ARG C 409 -28.44 27.51 19.49
CA ARG C 409 -29.46 26.67 18.88
C ARG C 409 -29.16 25.19 19.04
N VAL C 410 -28.04 24.73 18.50
CA VAL C 410 -27.58 23.36 18.68
C VAL C 410 -26.48 23.42 19.74
N GLY C 411 -26.32 22.34 20.50
CA GLY C 411 -25.40 22.36 21.64
C GLY C 411 -23.96 22.48 21.22
N ALA C 412 -23.16 23.09 22.10
CA ALA C 412 -21.82 23.56 21.73
C ALA C 412 -20.83 22.44 21.52
N SER C 413 -21.03 21.30 22.21
CA SER C 413 -20.18 20.14 21.96
C SER C 413 -20.42 19.55 20.58
N ARG C 414 -21.69 19.43 20.17
CA ARG C 414 -22.03 19.00 18.83
C ARG C 414 -21.68 20.06 17.78
N TYR C 415 -21.78 21.34 18.13
CA TYR C 415 -21.47 22.41 17.19
C TYR C 415 -19.98 22.51 16.91
N PHE C 416 -19.15 22.38 17.94
CA PHE C 416 -17.70 22.54 17.77
C PHE C 416 -16.99 21.22 17.53
N GLY C 417 -17.62 20.08 17.80
CA GLY C 417 -16.94 18.81 17.68
C GLY C 417 -17.17 18.12 16.36
N GLN C 418 -18.13 18.60 15.57
CA GLN C 418 -18.44 18.00 14.29
C GLN C 418 -17.54 18.58 13.21
N THR C 419 -16.76 17.71 12.57
CA THR C 419 -15.96 18.14 11.42
C THR C 419 -16.81 18.20 10.15
N ILE C 420 -18.01 17.62 10.19
CA ILE C 420 -18.94 17.74 9.08
C ILE C 420 -19.49 19.16 8.99
N LEU C 421 -19.85 19.74 10.13
CA LEU C 421 -20.42 21.08 10.20
C LEU C 421 -19.37 22.18 10.28
N GLY C 422 -18.09 21.84 10.21
CA GLY C 422 -17.02 22.82 10.28
C GLY C 422 -16.83 23.42 11.65
N GLY C 423 -16.85 22.58 12.68
CA GLY C 423 -16.68 22.97 14.07
C GLY C 423 -15.38 23.68 14.45
N PRO C 424 -14.22 23.14 14.03
CA PRO C 424 -12.97 23.93 14.17
C PRO C 424 -12.99 25.26 13.45
N PHE C 425 -13.62 25.34 12.28
CA PHE C 425 -13.77 26.61 11.60
C PHE C 425 -14.71 27.55 12.35
N HIS C 426 -15.71 26.99 13.03
CA HIS C 426 -16.60 27.80 13.86
C HIS C 426 -15.86 28.37 15.07
N VAL C 427 -15.03 27.56 15.73
CA VAL C 427 -14.37 28.09 16.93
C VAL C 427 -13.26 29.07 16.55
N ILE C 428 -12.61 28.88 15.39
CA ILE C 428 -11.62 29.88 15.01
C ILE C 428 -12.28 31.13 14.42
N ILE C 429 -13.53 31.06 13.92
CA ILE C 429 -14.14 32.30 13.45
C ILE C 429 -14.73 33.10 14.62
N ILE C 430 -15.17 32.41 15.70
CA ILE C 430 -15.47 33.10 16.96
C ILE C 430 -14.23 33.74 17.56
N THR C 431 -13.10 33.02 17.52
CA THR C 431 -11.85 33.55 18.05
C THR C 431 -11.35 34.75 17.24
N TYR C 432 -11.52 34.70 15.91
CA TYR C 432 -11.12 35.81 15.04
C TYR C 432 -11.99 37.05 15.29
N ALA C 433 -13.31 36.85 15.42
CA ALA C 433 -14.21 37.98 15.66
C ALA C 433 -13.99 38.60 17.04
N SER C 434 -13.72 37.76 18.04
CA SER C 434 -13.42 38.27 19.38
C SER C 434 -12.07 38.99 19.42
N LEU C 435 -11.10 38.54 18.62
CA LEU C 435 -9.81 39.21 18.56
C LEU C 435 -9.89 40.53 17.82
N VAL C 436 -10.75 40.61 16.80
CA VAL C 436 -10.96 41.89 16.09
C VAL C 436 -11.67 42.89 17.00
N LEU C 437 -12.66 42.43 17.77
CA LEU C 437 -13.33 43.33 18.72
C LEU C 437 -12.42 43.73 19.87
N LEU C 438 -11.54 42.83 20.32
CA LEU C 438 -10.54 43.17 21.33
C LEU C 438 -9.52 44.19 20.78
N THR C 439 -9.17 44.07 19.49
CA THR C 439 -8.31 45.04 18.83
C THR C 439 -8.99 46.41 18.74
N MET C 440 -10.30 46.42 18.49
CA MET C 440 -11.06 47.67 18.46
C MET C 440 -11.13 48.33 19.83
N VAL C 441 -11.29 47.51 20.88
CA VAL C 441 -11.28 48.02 22.26
C VAL C 441 -9.91 48.58 22.63
N MET C 442 -8.84 47.89 22.25
CA MET C 442 -7.48 48.38 22.52
C MET C 442 -7.14 49.60 21.67
N ARG C 443 -7.77 49.75 20.50
CA ARG C 443 -7.54 50.92 19.67
C ARG C 443 -8.23 52.15 20.24
N LEU C 444 -9.46 51.98 20.74
CA LEU C 444 -10.13 53.12 21.35
C LEU C 444 -9.58 53.45 22.74
N THR C 445 -9.07 52.44 23.44
CA THR C 445 -8.57 52.60 24.80
C THR C 445 -7.09 53.02 24.81
N ASN C 446 -6.44 52.94 23.62
CA ASN C 446 -5.01 53.20 23.40
C ASN C 446 -4.11 52.33 24.28
N MET C 447 -4.45 51.06 24.40
CA MET C 447 -3.54 50.09 25.03
C MET C 447 -2.41 49.74 24.07
N ASN C 448 -1.23 49.50 24.64
CA ASN C 448 -0.10 49.05 23.85
C ASN C 448 -0.18 47.54 23.61
N GLY C 449 0.51 47.09 22.57
CA GLY C 449 0.53 45.68 22.23
C GLY C 449 -0.61 45.22 21.35
N GLU C 450 -0.92 45.99 20.29
CA GLU C 450 -1.98 45.61 19.37
C GLU C 450 -1.50 44.58 18.35
N VAL C 451 -0.18 44.40 18.23
CA VAL C 451 0.39 43.51 17.23
C VAL C 451 0.10 42.04 17.55
N VAL C 452 -0.03 41.69 18.83
CA VAL C 452 -0.36 40.32 19.25
C VAL C 452 -1.80 39.94 18.88
N PRO C 453 -2.87 40.70 19.21
CA PRO C 453 -4.19 40.29 18.69
C PRO C 453 -4.34 40.51 17.20
N LEU C 454 -3.60 41.46 16.60
CA LEU C 454 -3.67 41.63 15.15
C LEU C 454 -3.07 40.44 14.41
N SER C 455 -1.96 39.90 14.92
CA SER C 455 -1.32 38.77 14.27
C SER C 455 -2.09 37.46 14.50
N PHE C 456 -2.63 37.26 15.71
CA PHE C 456 -3.56 36.14 15.90
C PHE C 456 -4.82 36.26 15.04
N ALA C 457 -5.34 37.48 14.89
CA ALA C 457 -6.52 37.71 14.06
C ALA C 457 -6.23 37.44 12.59
N LEU C 458 -5.05 37.84 12.10
CA LEU C 458 -4.68 37.59 10.71
C LEU C 458 -4.50 36.10 10.43
N VAL C 459 -3.81 35.38 11.33
CA VAL C 459 -3.57 33.94 11.14
C VAL C 459 -4.88 33.16 11.20
N LEU C 460 -5.70 33.42 12.22
CA LEU C 460 -6.94 32.65 12.40
C LEU C 460 -7.99 33.03 11.37
N GLY C 461 -8.06 34.31 10.98
CA GLY C 461 -9.04 34.72 9.99
C GLY C 461 -8.67 34.27 8.59
N TRP C 462 -7.38 34.22 8.27
CA TRP C 462 -7.00 33.68 6.97
C TRP C 462 -7.12 32.17 6.95
N CYS C 463 -6.93 31.51 8.10
CA CYS C 463 -7.20 30.08 8.16
C CYS C 463 -8.69 29.77 8.15
N SER C 464 -9.54 30.76 8.44
CA SER C 464 -10.99 30.60 8.29
C SER C 464 -11.45 30.64 6.83
N VAL C 465 -10.57 31.01 5.88
CA VAL C 465 -10.89 30.91 4.45
C VAL C 465 -10.94 29.45 4.01
N MET C 466 -10.29 28.56 4.76
CA MET C 466 -10.30 27.12 4.50
C MET C 466 -11.67 26.47 4.68
N TYR C 467 -12.61 27.16 5.33
CA TYR C 467 -13.99 26.68 5.45
C TYR C 467 -14.66 26.57 4.10
N PHE C 468 -14.34 27.48 3.18
CA PHE C 468 -14.95 27.53 1.86
C PHE C 468 -14.32 26.57 0.86
N ALA C 469 -13.33 25.79 1.29
CA ALA C 469 -12.75 24.76 0.43
C ALA C 469 -13.64 23.53 0.30
N ARG C 470 -14.66 23.39 1.16
CA ARG C 470 -15.54 22.23 1.13
C ARG C 470 -16.50 22.24 -0.06
N GLY C 471 -16.65 23.37 -0.75
CA GLY C 471 -17.52 23.44 -1.91
C GLY C 471 -16.92 22.93 -3.19
N PHE C 472 -15.66 22.51 -3.17
CA PHE C 472 -14.95 22.04 -4.35
C PHE C 472 -14.42 20.64 -4.09
N GLN C 473 -14.45 19.80 -5.13
CA GLN C 473 -13.94 18.44 -5.01
C GLN C 473 -12.41 18.43 -4.91
N MET C 474 -11.76 19.44 -5.47
CA MET C 474 -10.30 19.48 -5.50
C MET C 474 -9.72 19.82 -4.14
N LEU C 475 -10.40 20.67 -3.36
CA LEU C 475 -9.84 21.17 -2.11
C LEU C 475 -10.50 20.64 -0.84
N GLY C 476 -11.71 20.11 -0.92
CA GLY C 476 -12.48 19.67 0.23
C GLY C 476 -11.95 18.48 1.02
N PRO C 477 -11.81 17.31 0.35
CA PRO C 477 -11.22 16.14 1.03
C PRO C 477 -9.79 16.35 1.52
N PHE C 478 -9.00 17.17 0.82
CA PHE C 478 -7.67 17.52 1.31
C PHE C 478 -7.74 18.37 2.57
N THR C 479 -8.72 19.28 2.65
CA THR C 479 -8.86 20.14 3.83
C THR C 479 -9.29 19.35 5.05
N ILE C 480 -10.25 18.44 4.89
CA ILE C 480 -10.59 17.62 6.05
C ILE C 480 -9.56 16.52 6.31
N MET C 481 -8.72 16.19 5.32
CA MET C 481 -7.55 15.36 5.60
C MET C 481 -6.54 16.12 6.46
N ILE C 482 -6.41 17.43 6.24
CA ILE C 482 -5.55 18.28 7.06
C ILE C 482 -6.04 18.33 8.50
N GLN C 483 -7.37 18.50 8.69
CA GLN C 483 -7.91 18.47 10.05
C GLN C 483 -7.83 17.09 10.68
N LYS C 484 -7.92 16.02 9.87
CA LYS C 484 -7.74 14.66 10.37
C LYS C 484 -6.32 14.44 10.87
N MET C 485 -5.31 14.92 10.13
CA MET C 485 -3.94 14.78 10.61
C MET C 485 -3.65 15.67 11.81
N ILE C 486 -4.28 16.86 11.87
CA ILE C 486 -4.14 17.78 13.00
C ILE C 486 -4.66 17.12 14.28
N PHE C 487 -5.83 16.48 14.20
CA PHE C 487 -6.38 15.82 15.39
C PHE C 487 -5.64 14.52 15.71
N GLY C 488 -5.36 13.69 14.71
CA GLY C 488 -4.76 12.40 14.97
C GLY C 488 -3.24 12.35 15.11
N ASP C 489 -2.52 12.70 14.06
CA ASP C 489 -1.10 12.38 14.01
C ASP C 489 -0.23 13.52 14.52
N LEU C 490 -0.71 14.76 14.37
CA LEU C 490 0.07 15.92 14.79
C LEU C 490 0.23 15.97 16.30
N MET C 491 -0.83 15.65 17.05
CA MET C 491 -0.73 15.66 18.51
C MET C 491 0.13 14.52 19.03
N ARG C 492 -0.01 13.33 18.44
CA ARG C 492 0.78 12.18 18.88
C ARG C 492 2.23 12.30 18.45
N PHE C 493 2.52 13.13 17.45
CA PHE C 493 3.91 13.47 17.18
C PHE C 493 4.41 14.59 18.07
N CYS C 494 3.55 15.56 18.42
CA CYS C 494 4.00 16.73 19.16
C CYS C 494 4.26 16.45 20.64
N TRP C 495 3.55 15.48 21.25
CA TRP C 495 3.89 15.08 22.62
C TRP C 495 5.28 14.46 22.71
N LEU C 496 5.56 13.49 21.83
CA LEU C 496 6.85 12.80 21.81
C LEU C 496 7.96 13.77 21.37
N MET C 497 7.62 14.66 20.44
CA MET C 497 8.54 15.69 19.98
C MET C 497 8.89 16.67 21.09
N ALA C 498 7.90 17.06 21.90
CA ALA C 498 8.14 17.98 23.01
C ALA C 498 8.98 17.33 24.10
N VAL C 499 8.82 16.02 24.28
CA VAL C 499 9.72 15.25 25.17
C VAL C 499 11.17 15.31 24.68
N VAL C 500 11.38 15.05 23.38
CA VAL C 500 12.74 15.05 22.83
C VAL C 500 13.34 16.47 22.82
N ILE C 501 12.51 17.47 22.53
CA ILE C 501 12.94 18.88 22.56
C ILE C 501 13.32 19.31 23.97
N LEU C 502 12.56 18.88 24.99
CA LEU C 502 12.88 19.22 26.38
C LEU C 502 14.20 18.60 26.82
N GLY C 503 14.42 17.32 26.48
CA GLY C 503 15.66 16.67 26.87
C GLY C 503 16.90 17.21 26.17
N PHE C 504 16.81 17.34 24.84
CA PHE C 504 17.96 17.84 24.10
C PHE C 504 18.16 19.34 24.27
N ALA C 505 17.10 20.10 24.57
CA ALA C 505 17.25 21.52 24.87
C ALA C 505 17.92 21.72 26.23
N SER C 506 17.60 20.85 27.19
CA SER C 506 18.30 20.88 28.47
C SER C 506 19.77 20.53 28.31
N ALA C 507 20.09 19.55 27.45
CA ALA C 507 21.49 19.20 27.20
C ALA C 507 22.23 20.31 26.43
N PHE C 508 21.56 20.93 25.44
CA PHE C 508 22.17 21.99 24.65
C PHE C 508 22.41 23.24 25.48
N HIS C 509 21.47 23.58 26.38
CA HIS C 509 21.70 24.71 27.27
C HIS C 509 22.77 24.38 28.30
N ILE C 510 22.72 23.18 28.88
CA ILE C 510 23.87 22.74 29.66
C ILE C 510 24.77 21.93 28.75
N THR C 511 25.35 22.61 27.78
CA THR C 511 26.66 22.32 27.24
C THR C 511 27.38 23.64 26.98
N PHE C 512 26.66 24.76 26.96
CA PHE C 512 27.17 26.05 26.56
C PHE C 512 27.05 27.12 27.62
N GLN C 513 26.74 26.76 28.87
CA GLN C 513 26.68 27.75 29.94
C GLN C 513 28.06 28.25 30.30
N THR C 514 29.08 27.42 30.12
CA THR C 514 30.46 27.82 30.36
C THR C 514 31.05 28.59 29.19
N GLU C 515 30.39 28.61 28.04
CA GLU C 515 30.96 29.17 26.83
C GLU C 515 30.46 30.60 26.61
N ASP C 516 31.09 31.27 25.63
CA ASP C 516 30.76 32.66 25.31
C ASP C 516 29.46 32.72 24.51
N PRO C 517 28.46 33.49 24.94
CA PRO C 517 27.24 33.64 24.13
C PRO C 517 27.42 34.48 22.88
N ASN C 518 28.52 35.24 22.76
CA ASN C 518 28.71 36.09 21.60
C ASN C 518 29.15 35.32 20.35
N ASN C 519 29.53 34.06 20.51
CA ASN C 519 29.93 33.22 19.38
C ASN C 519 28.81 32.30 18.92
N LEU C 520 28.07 31.71 19.85
CA LEU C 520 26.85 30.97 19.54
C LEU C 520 25.73 31.55 20.41
N GLY C 521 24.92 32.43 19.81
CA GLY C 521 23.88 33.08 20.58
C GLY C 521 22.71 32.18 20.88
N GLU C 522 22.55 31.11 20.10
CA GLU C 522 21.58 30.09 20.45
C GLU C 522 22.09 29.29 21.65
N PHE C 523 21.13 28.72 22.38
CA PHE C 523 21.33 28.08 23.70
C PHE C 523 21.99 29.01 24.70
N SER C 524 21.59 30.28 24.70
CA SER C 524 22.13 31.23 25.68
C SER C 524 21.44 31.06 27.04
N ASP C 525 20.13 31.28 27.08
CA ASP C 525 19.31 30.86 28.21
C ASP C 525 18.27 29.86 27.73
N TYR C 526 17.43 29.41 28.67
CA TYR C 526 16.58 28.24 28.42
C TYR C 526 15.41 28.46 27.45
N PRO C 527 14.70 29.61 27.40
CA PRO C 527 13.71 29.78 26.32
C PRO C 527 14.28 29.79 24.90
N THR C 528 15.42 30.45 24.67
CA THR C 528 15.97 30.43 23.31
C THR C 528 16.64 29.09 23.01
N ALA C 529 17.07 28.36 24.05
CA ALA C 529 17.55 26.99 23.85
C ALA C 529 16.42 26.07 23.45
N LEU C 530 15.26 26.23 24.10
CA LEU C 530 14.09 25.42 23.79
C LEU C 530 13.57 25.73 22.39
N PHE C 531 13.55 27.01 22.01
CA PHE C 531 13.11 27.40 20.67
C PHE C 531 14.09 26.95 19.59
N SER C 532 15.40 27.06 19.87
CA SER C 532 16.42 26.63 18.92
C SER C 532 16.41 25.13 18.72
N THR C 533 16.21 24.36 19.81
CA THR C 533 16.09 22.91 19.69
C THR C 533 14.80 22.52 18.97
N PHE C 534 13.73 23.32 19.14
CA PHE C 534 12.48 23.09 18.43
C PHE C 534 12.65 23.28 16.93
N GLU C 535 13.38 24.32 16.52
CA GLU C 535 13.54 24.55 15.08
C GLU C 535 14.72 23.76 14.52
N LEU C 536 15.53 23.13 15.37
CA LEU C 536 16.52 22.18 14.90
C LEU C 536 15.95 20.77 14.78
N PHE C 537 14.85 20.50 15.49
CA PHE C 537 14.09 19.27 15.30
C PHE C 537 13.54 19.21 13.88
N LEU C 538 13.00 20.33 13.41
CA LEU C 538 12.24 20.38 12.16
C LEU C 538 13.12 20.63 10.95
N THR C 539 14.45 20.77 11.16
CA THR C 539 15.46 21.12 10.17
C THR C 539 15.08 22.43 9.46
N ILE C 540 15.05 23.50 10.24
CA ILE C 540 14.66 24.81 9.75
C ILE C 540 15.89 25.70 9.72
N ILE C 541 16.57 25.84 10.84
CA ILE C 541 17.82 26.59 10.90
C ILE C 541 18.96 25.60 10.77
N ASP C 542 20.14 26.12 10.41
CA ASP C 542 21.32 25.27 10.29
C ASP C 542 21.81 24.84 11.66
N GLY C 543 22.64 23.80 11.66
CA GLY C 543 23.32 23.36 12.84
C GLY C 543 24.28 24.42 13.35
N PRO C 544 24.28 24.65 14.66
CA PRO C 544 25.19 25.66 15.23
C PRO C 544 26.64 25.21 15.15
N ALA C 545 27.39 25.87 14.27
CA ALA C 545 28.79 25.50 14.04
C ALA C 545 29.58 26.76 13.75
N ASN C 546 30.40 27.18 14.71
CA ASN C 546 31.34 28.28 14.52
C ASN C 546 32.71 27.65 14.37
N TYR C 547 33.21 27.62 13.13
CA TYR C 547 34.47 26.95 12.82
C TYR C 547 35.68 27.80 13.15
N SER C 548 35.50 29.07 13.49
CA SER C 548 36.59 29.94 13.89
C SER C 548 36.95 29.79 15.36
N VAL C 549 36.14 29.07 16.14
CA VAL C 549 36.40 28.81 17.56
C VAL C 549 36.29 27.32 17.80
N ASP C 550 36.82 26.88 18.96
CA ASP C 550 36.80 25.47 19.33
C ASP C 550 35.53 25.18 20.12
N LEU C 551 34.67 24.35 19.55
CA LEU C 551 33.43 23.95 20.19
C LEU C 551 33.68 22.82 21.18
N PRO C 552 32.81 22.67 22.19
CA PRO C 552 32.92 21.50 23.08
C PRO C 552 32.62 20.20 22.34
N PHE C 553 33.31 19.13 22.76
CA PHE C 553 33.11 17.82 22.14
C PHE C 553 31.78 17.20 22.57
N MET C 554 31.29 17.56 23.76
CA MET C 554 30.03 17.02 24.24
C MET C 554 28.85 17.56 23.43
N TYR C 555 28.97 18.80 22.92
CA TYR C 555 27.99 19.32 21.98
C TYR C 555 27.96 18.51 20.69
N CYS C 556 29.12 18.08 20.21
CA CYS C 556 29.18 17.25 19.01
C CYS C 556 28.58 15.87 19.24
N ILE C 557 28.79 15.29 20.44
CA ILE C 557 28.23 13.98 20.76
C ILE C 557 26.71 14.05 20.89
N THR C 558 26.20 15.04 21.64
CA THR C 558 24.76 15.13 21.83
C THR C 558 24.06 15.69 20.59
N TYR C 559 24.78 16.40 19.71
CA TYR C 559 24.19 16.82 18.46
C TYR C 559 24.16 15.69 17.44
N ALA C 560 25.14 14.77 17.49
CA ALA C 560 25.04 13.55 16.70
C ALA C 560 23.88 12.69 17.17
N ALA C 561 23.66 12.62 18.49
CA ALA C 561 22.51 11.89 19.03
C ALA C 561 21.19 12.56 18.63
N PHE C 562 21.14 13.90 18.67
CA PHE C 562 19.95 14.63 18.25
C PHE C 562 19.71 14.50 16.75
N ALA C 563 20.77 14.40 15.97
CA ALA C 563 20.63 14.28 14.52
C ALA C 563 20.17 12.88 14.13
N ILE C 564 20.69 11.85 14.80
CA ILE C 564 20.27 10.48 14.52
C ILE C 564 18.84 10.25 14.99
N ILE C 565 18.52 10.70 16.21
CA ILE C 565 17.21 10.38 16.78
C ILE C 565 16.13 11.26 16.17
N ALA C 566 16.27 12.58 16.29
CA ALA C 566 15.18 13.49 15.97
C ALA C 566 15.12 13.87 14.49
N THR C 567 16.24 14.33 13.93
CA THR C 567 16.25 14.82 12.56
C THR C 567 16.13 13.68 11.55
N LEU C 568 16.88 12.59 11.77
CA LEU C 568 16.85 11.48 10.83
C LEU C 568 15.58 10.65 10.97
N LEU C 569 15.31 10.15 12.18
CA LEU C 569 14.25 9.16 12.34
C LEU C 569 12.88 9.80 12.50
N MET C 570 12.70 10.68 13.51
CA MET C 570 11.39 11.12 13.98
C MET C 570 10.59 11.88 12.91
N LEU C 571 11.26 12.78 12.19
CA LEU C 571 10.60 13.55 11.13
C LEU C 571 10.15 12.64 9.99
N ASN C 572 11.04 11.77 9.53
CA ASN C 572 10.70 10.87 8.44
C ASN C 572 9.80 9.72 8.89
N LEU C 573 9.83 9.36 10.18
CA LEU C 573 8.83 8.42 10.69
C LEU C 573 7.46 9.08 10.79
N PHE C 574 7.42 10.39 11.00
CA PHE C 574 6.15 11.12 10.94
C PHE C 574 5.62 11.16 9.51
N ILE C 575 6.53 11.29 8.53
CA ILE C 575 6.17 11.19 7.11
C ILE C 575 5.59 9.81 6.80
N ALA C 576 6.24 8.75 7.29
CA ALA C 576 5.81 7.38 7.04
C ALA C 576 4.49 7.07 7.75
N MET C 577 4.30 7.64 8.96
CA MET C 577 3.08 7.41 9.70
C MET C 577 1.90 8.15 9.07
N MET C 578 2.15 9.36 8.54
CA MET C 578 1.06 10.03 7.83
C MET C 578 0.78 9.40 6.47
N GLY C 579 1.76 8.77 5.82
CA GLY C 579 1.45 7.98 4.64
C GLY C 579 0.62 6.75 4.95
N ASP C 580 0.96 6.07 6.06
CA ASP C 580 0.19 4.90 6.50
C ASP C 580 -1.21 5.30 6.95
N THR C 581 -1.37 6.50 7.51
CA THR C 581 -2.70 7.01 7.83
C THR C 581 -3.46 7.41 6.57
N HIS C 582 -2.75 7.99 5.60
CA HIS C 582 -3.38 8.58 4.42
C HIS C 582 -3.92 7.51 3.48
N TRP C 583 -3.25 6.36 3.40
CA TRP C 583 -3.79 5.33 2.50
C TRP C 583 -5.01 4.63 3.10
N ARG C 584 -5.19 4.65 4.41
CA ARG C 584 -6.24 3.88 5.05
C ARG C 584 -7.60 4.58 5.07
N VAL C 585 -7.63 5.88 5.37
CA VAL C 585 -8.89 6.58 5.59
C VAL C 585 -9.24 7.52 4.43
N ALA C 586 -8.79 7.20 3.22
CA ALA C 586 -9.09 8.04 2.06
C ALA C 586 -10.56 7.96 1.66
N GLN C 587 -11.15 6.78 1.73
CA GLN C 587 -12.57 6.64 1.43
C GLN C 587 -13.42 7.26 2.53
N GLU C 588 -12.91 7.27 3.77
CA GLU C 588 -13.62 7.89 4.89
C GLU C 588 -13.69 9.41 4.72
N ARG C 589 -12.59 10.04 4.33
CA ARG C 589 -12.63 11.47 4.06
C ARG C 589 -13.35 11.80 2.76
N ASP C 590 -13.42 10.85 1.81
CA ASP C 590 -14.26 11.05 0.62
C ASP C 590 -15.74 11.10 0.98
N GLU C 591 -16.22 10.13 1.78
CA GLU C 591 -17.63 10.16 2.16
C GLU C 591 -17.91 11.24 3.21
N LEU C 592 -16.88 11.65 3.97
CA LEU C 592 -17.06 12.77 4.89
C LEU C 592 -17.21 14.09 4.15
N TRP C 593 -16.47 14.28 3.03
CA TRP C 593 -16.69 15.45 2.20
C TRP C 593 -18.04 15.38 1.49
N ARG C 594 -18.47 14.17 1.11
CA ARG C 594 -19.78 13.99 0.50
C ARG C 594 -20.92 14.34 1.45
N ALA C 595 -20.74 14.06 2.75
CA ALA C 595 -21.69 14.54 3.75
C ALA C 595 -21.52 16.02 4.05
N GLN C 596 -20.30 16.54 3.89
CA GLN C 596 -19.97 17.92 4.20
C GLN C 596 -20.62 18.88 3.20
N VAL C 597 -20.75 18.43 1.94
CA VAL C 597 -21.46 19.20 0.92
C VAL C 597 -22.94 19.32 1.28
N VAL C 598 -23.54 18.24 1.78
CA VAL C 598 -24.94 18.27 2.23
C VAL C 598 -25.10 19.16 3.46
N ALA C 599 -24.10 19.15 4.35
CA ALA C 599 -24.11 20.04 5.52
C ALA C 599 -24.01 21.50 5.11
N THR C 600 -23.22 21.79 4.08
CA THR C 600 -23.16 23.14 3.52
C THR C 600 -24.47 23.54 2.86
N THR C 601 -25.13 22.57 2.22
CA THR C 601 -26.40 22.84 1.55
C THR C 601 -27.52 23.11 2.56
N VAL C 602 -27.49 22.41 3.71
CA VAL C 602 -28.58 22.57 4.67
C VAL C 602 -28.23 23.68 5.68
N MET C 603 -26.97 24.08 5.78
CA MET C 603 -26.61 25.29 6.53
C MET C 603 -27.19 26.52 5.86
N LEU C 604 -27.09 26.59 4.53
CA LEU C 604 -27.86 27.55 3.76
C LEU C 604 -29.31 27.08 3.68
N GLU C 605 -30.20 28.04 3.31
CA GLU C 605 -31.67 28.10 3.32
C GLU C 605 -32.28 27.99 4.72
N ARG C 606 -31.45 27.90 5.76
CA ARG C 606 -31.83 28.11 7.14
C ARG C 606 -31.42 29.49 7.63
N LYS C 607 -30.32 30.02 7.08
CA LYS C 607 -29.84 31.37 7.36
C LYS C 607 -30.29 32.38 6.32
N MET C 608 -30.22 32.02 5.05
CA MET C 608 -30.50 32.95 3.97
C MET C 608 -32.01 33.17 3.83
N PRO C 609 -32.43 34.32 3.28
CA PRO C 609 -33.87 34.54 3.05
C PRO C 609 -34.46 33.57 2.02
N ARG C 610 -35.76 33.35 2.13
CA ARG C 610 -36.43 32.30 1.37
C ARG C 610 -36.63 32.65 -0.10
N PHE C 611 -36.46 33.92 -0.48
CA PHE C 611 -36.56 34.24 -1.91
C PHE C 611 -35.26 33.94 -2.65
N LEU C 612 -34.16 33.70 -1.93
CA LEU C 612 -32.98 33.14 -2.58
C LEU C 612 -33.12 31.65 -2.84
N TRP C 613 -33.88 30.95 -1.99
CA TRP C 613 -34.00 29.49 -2.04
C TRP C 613 -35.46 29.11 -2.26
N PRO C 614 -35.88 28.91 -3.51
CA PRO C 614 -37.23 28.37 -3.76
C PRO C 614 -37.34 26.92 -3.33
N ARG C 615 -38.58 26.49 -3.12
CA ARG C 615 -38.84 25.15 -2.59
C ARG C 615 -38.50 24.09 -3.63
N SER C 616 -37.68 23.13 -3.22
CA SER C 616 -37.17 22.12 -4.12
C SER C 616 -38.21 21.03 -4.36
N GLY C 617 -38.36 20.65 -5.62
CA GLY C 617 -39.28 19.60 -6.00
C GLY C 617 -40.34 20.08 -6.97
N ILE C 618 -41.23 19.16 -7.32
CA ILE C 618 -42.30 19.41 -8.28
C ILE C 618 -43.60 19.53 -7.50
N CYS C 619 -44.25 20.69 -7.60
CA CYS C 619 -45.45 20.95 -6.80
C CYS C 619 -46.64 20.18 -7.33
N GLY C 620 -47.30 19.44 -6.43
CA GLY C 620 -48.43 18.60 -6.80
C GLY C 620 -49.76 19.30 -6.91
N TYR C 621 -49.82 20.60 -6.58
CA TYR C 621 -51.07 21.33 -6.72
C TYR C 621 -51.37 21.64 -8.18
N GLU C 622 -50.32 21.78 -9.00
CA GLU C 622 -50.51 22.10 -10.41
C GLU C 622 -51.04 20.91 -11.20
N TYR C 623 -50.82 19.69 -10.70
CA TYR C 623 -51.21 18.48 -11.40
C TYR C 623 -52.29 17.71 -10.64
N GLY C 624 -52.90 18.32 -9.64
CA GLY C 624 -53.98 17.69 -8.87
C GLY C 624 -53.55 16.52 -8.03
N LEU C 625 -52.42 16.62 -7.33
CA LEU C 625 -51.92 15.55 -6.49
C LEU C 625 -51.99 15.86 -5.00
N GLY C 626 -52.37 17.08 -4.62
CA GLY C 626 -52.59 17.38 -3.22
C GLY C 626 -51.38 17.89 -2.48
N ASP C 627 -50.76 18.96 -3.03
CA ASP C 627 -49.65 19.81 -2.54
C ASP C 627 -48.63 19.09 -1.66
N ARG C 628 -48.07 18.01 -2.22
CA ARG C 628 -47.12 17.18 -1.51
C ARG C 628 -45.66 17.40 -1.92
N TRP C 629 -45.40 18.11 -3.03
CA TRP C 629 -44.09 18.55 -3.49
C TRP C 629 -43.12 17.38 -3.74
N PHE C 630 -43.48 16.59 -4.75
CA PHE C 630 -42.77 15.37 -5.10
C PHE C 630 -41.43 15.67 -5.77
N LEU C 631 -40.69 14.59 -6.08
CA LEU C 631 -39.47 14.68 -6.87
C LEU C 631 -39.39 13.45 -7.76
N ARG C 632 -39.20 13.69 -9.06
CA ARG C 632 -39.17 12.61 -10.05
C ARG C 632 -37.73 12.24 -10.38
N VAL C 633 -37.44 10.94 -10.39
CA VAL C 633 -36.18 10.45 -10.93
C VAL C 633 -36.48 9.48 -12.06
N GLU C 634 -35.50 9.28 -12.93
CA GLU C 634 -35.60 8.40 -14.08
C GLU C 634 -34.31 7.58 -14.15
N ASN C 635 -34.44 6.27 -13.96
CA ASN C 635 -33.28 5.40 -13.82
C ASN C 635 -33.32 4.28 -14.85
N HIS C 636 -32.12 3.92 -15.32
CA HIS C 636 -31.92 2.83 -16.28
C HIS C 636 -31.50 1.59 -15.50
N HIS C 637 -32.43 0.64 -15.35
CA HIS C 637 -32.17 -0.53 -14.54
C HIS C 637 -31.69 -1.74 -15.33
N ASP C 638 -32.03 -1.82 -16.62
CA ASP C 638 -31.58 -2.95 -17.44
C ASP C 638 -30.33 -2.61 -18.23
N TRP D 29 -34.40 21.72 -19.49
CA TRP D 29 -33.13 21.04 -19.37
C TRP D 29 -33.27 19.67 -18.69
N GLU D 30 -33.50 19.64 -17.38
CA GLU D 30 -33.86 18.43 -16.67
C GLU D 30 -35.11 18.58 -15.83
N GLN D 31 -35.44 19.78 -15.39
CA GLN D 31 -36.72 20.05 -14.72
C GLN D 31 -37.81 20.40 -15.71
N TYR D 32 -37.49 20.49 -17.00
CA TYR D 32 -38.50 20.59 -18.05
C TYR D 32 -39.01 19.21 -18.47
N ARG D 33 -38.11 18.20 -18.48
CA ARG D 33 -38.53 16.81 -18.69
C ARG D 33 -39.42 16.33 -17.55
N ASP D 34 -39.08 16.73 -16.31
CA ASP D 34 -39.91 16.40 -15.16
C ASP D 34 -41.29 17.05 -15.26
N ARG D 35 -41.33 18.32 -15.69
CA ARG D 35 -42.58 19.06 -15.84
C ARG D 35 -43.46 18.45 -16.92
N VAL D 36 -42.87 18.08 -18.05
CA VAL D 36 -43.68 17.48 -19.13
C VAL D 36 -44.07 16.04 -18.77
N ASN D 37 -43.32 15.38 -17.88
CA ASN D 37 -43.74 14.07 -17.39
C ASN D 37 -44.96 14.17 -16.46
N MET D 38 -44.98 15.17 -15.57
CA MET D 38 -46.16 15.35 -14.73
C MET D 38 -47.36 15.86 -15.53
N LEU D 39 -47.12 16.66 -16.58
CA LEU D 39 -48.21 17.04 -17.47
C LEU D 39 -48.75 15.84 -18.25
N GLN D 40 -47.86 14.92 -18.66
CA GLN D 40 -48.28 13.70 -19.34
C GLN D 40 -49.12 12.83 -18.44
N GLN D 41 -48.70 12.66 -17.19
CA GLN D 41 -49.47 11.87 -16.23
C GLN D 41 -50.79 12.55 -15.85
N GLU D 42 -50.78 13.89 -15.79
CA GLU D 42 -51.98 14.64 -15.45
C GLU D 42 -53.03 14.56 -16.56
N ARG D 43 -52.62 14.68 -17.83
CA ARG D 43 -53.60 14.51 -18.90
C ARG D 43 -53.92 13.06 -19.18
N ILE D 44 -53.12 12.10 -18.68
CA ILE D 44 -53.58 10.71 -18.67
C ILE D 44 -54.70 10.54 -17.65
N ARG D 45 -54.52 11.05 -16.43
CA ARG D 45 -55.52 10.80 -15.39
C ARG D 45 -56.74 11.71 -15.50
N ASP D 46 -56.65 12.83 -16.21
CA ASP D 46 -57.83 13.66 -16.42
C ASP D 46 -58.76 13.04 -17.45
N SER D 47 -58.20 12.47 -18.50
CA SER D 47 -59.01 11.81 -19.52
C SER D 47 -59.46 10.44 -19.02
N PRO D 48 -60.76 10.12 -19.09
CA PRO D 48 -61.20 8.75 -18.76
C PRO D 48 -60.72 7.71 -19.75
N LEU D 49 -60.55 8.07 -21.02
CA LEU D 49 -60.08 7.14 -22.04
C LEU D 49 -58.62 6.76 -21.82
N LEU D 50 -57.77 7.74 -21.54
CA LEU D 50 -56.34 7.49 -21.37
C LEU D 50 -56.05 6.75 -20.07
N GLN D 51 -56.75 7.11 -18.98
CA GLN D 51 -56.57 6.41 -17.72
C GLN D 51 -57.18 5.02 -17.77
N ALA D 52 -58.26 4.84 -18.53
CA ALA D 52 -58.84 3.52 -18.70
C ALA D 52 -57.97 2.62 -19.56
N ALA D 53 -57.27 3.21 -20.55
CA ALA D 53 -56.29 2.44 -21.31
C ALA D 53 -55.05 2.14 -20.49
N LYS D 54 -54.73 3.00 -19.52
CA LYS D 54 -53.59 2.74 -18.65
C LYS D 54 -53.89 1.61 -17.65
N GLU D 55 -55.08 1.64 -17.04
CA GLU D 55 -55.42 0.63 -16.04
C GLU D 55 -55.82 -0.71 -16.63
N ASN D 56 -56.09 -0.76 -17.95
CA ASN D 56 -56.48 -1.96 -18.70
C ASN D 56 -57.75 -2.60 -18.13
N ASP D 57 -58.73 -1.77 -17.77
CA ASP D 57 -60.07 -2.25 -17.42
C ASP D 57 -60.96 -2.32 -18.66
N LEU D 58 -61.34 -3.55 -19.05
CA LEU D 58 -61.87 -3.79 -20.38
C LEU D 58 -63.32 -3.31 -20.51
N ARG D 59 -64.12 -3.52 -19.46
CA ARG D 59 -65.55 -3.22 -19.54
C ARG D 59 -65.81 -1.72 -19.57
N LEU D 60 -64.99 -0.95 -18.87
CA LEU D 60 -65.17 0.50 -18.87
C LEU D 60 -64.71 1.12 -20.19
N LEU D 61 -63.69 0.50 -20.82
CA LEU D 61 -63.34 0.82 -22.21
C LEU D 61 -64.48 0.52 -23.17
N LYS D 62 -65.16 -0.62 -22.99
CA LYS D 62 -66.29 -0.96 -23.86
C LYS D 62 -67.46 0.00 -23.64
N ILE D 63 -67.66 0.45 -22.40
CA ILE D 63 -68.75 1.38 -22.08
C ILE D 63 -68.49 2.75 -22.72
N LEU D 64 -67.26 3.29 -22.55
CA LEU D 64 -67.01 4.60 -23.14
C LEU D 64 -66.68 4.52 -24.63
N LEU D 65 -66.44 3.32 -25.16
CA LEU D 65 -65.98 3.20 -26.54
C LEU D 65 -67.12 2.79 -27.46
N LEU D 66 -68.16 2.15 -26.92
CA LEU D 66 -69.36 1.86 -27.72
C LEU D 66 -70.11 3.14 -28.07
N ASN D 67 -70.13 4.10 -27.14
CA ASN D 67 -70.77 5.38 -27.40
C ASN D 67 -69.90 6.22 -28.33
N GLN D 68 -70.56 7.00 -29.19
CA GLN D 68 -69.87 7.83 -30.17
C GLN D 68 -69.55 9.23 -29.64
N SER D 69 -69.86 9.52 -28.39
CA SER D 69 -69.59 10.84 -27.84
C SER D 69 -68.10 11.03 -27.54
N CYS D 70 -67.38 9.94 -27.28
CA CYS D 70 -65.95 10.03 -27.01
C CYS D 70 -65.18 10.28 -28.30
N ASP D 71 -64.00 10.88 -28.16
CA ASP D 71 -63.12 11.18 -29.29
C ASP D 71 -62.01 10.14 -29.32
N PHE D 72 -61.92 9.40 -30.42
CA PHE D 72 -60.85 8.41 -30.57
C PHE D 72 -59.52 9.09 -30.82
N GLN D 73 -59.51 10.14 -31.64
CA GLN D 73 -58.30 10.91 -31.92
C GLN D 73 -58.14 12.03 -30.89
N GLN D 74 -57.84 11.62 -29.66
CA GLN D 74 -57.68 12.53 -28.54
C GLN D 74 -56.22 12.56 -28.11
N ARG D 75 -55.66 13.76 -28.02
CA ARG D 75 -54.24 13.94 -27.77
C ARG D 75 -53.96 13.91 -26.27
N GLY D 76 -52.69 13.65 -25.94
CA GLY D 76 -52.20 13.80 -24.59
C GLY D 76 -51.53 15.14 -24.40
N ALA D 77 -50.71 15.22 -23.35
CA ALA D 77 -49.92 16.43 -23.14
C ALA D 77 -48.77 16.53 -24.14
N VAL D 78 -48.21 15.39 -24.52
CA VAL D 78 -47.16 15.35 -25.53
C VAL D 78 -47.73 15.04 -26.92
N GLY D 79 -49.05 15.12 -27.07
CA GLY D 79 -49.69 14.75 -28.31
C GLY D 79 -49.85 13.26 -28.53
N GLU D 80 -49.66 12.46 -27.48
CA GLU D 80 -49.75 11.01 -27.63
C GLU D 80 -51.20 10.57 -27.70
N THR D 81 -51.42 9.43 -28.36
CA THR D 81 -52.73 8.82 -28.50
C THR D 81 -52.98 7.93 -27.29
N ALA D 82 -54.22 7.46 -27.11
CA ALA D 82 -54.51 6.44 -26.11
C ALA D 82 -53.87 5.10 -26.47
N LEU D 83 -53.58 4.87 -27.75
CA LEU D 83 -52.82 3.71 -28.17
C LEU D 83 -51.38 3.77 -27.65
N HIS D 84 -50.82 4.98 -27.55
CA HIS D 84 -49.49 5.17 -26.96
C HIS D 84 -49.51 4.85 -25.48
N VAL D 85 -50.59 5.21 -24.78
CA VAL D 85 -50.75 4.90 -23.37
C VAL D 85 -50.95 3.41 -23.16
N ALA D 86 -51.67 2.75 -24.08
CA ALA D 86 -51.85 1.30 -24.00
C ALA D 86 -50.56 0.56 -24.29
N ALA D 87 -49.73 1.09 -25.19
CA ALA D 87 -48.44 0.47 -25.46
C ALA D 87 -47.41 0.80 -24.38
N LEU D 88 -47.65 1.85 -23.60
CA LEU D 88 -46.68 2.24 -22.58
C LEU D 88 -46.71 1.33 -21.37
N TYR D 89 -47.89 0.80 -21.03
CA TYR D 89 -48.06 0.00 -19.82
C TYR D 89 -48.31 -1.47 -20.13
N ASP D 90 -47.87 -1.94 -21.31
CA ASP D 90 -47.99 -3.33 -21.80
C ASP D 90 -49.44 -3.81 -21.83
N ASN D 91 -50.35 -2.91 -22.22
CA ASN D 91 -51.78 -3.23 -22.25
C ASN D 91 -52.13 -3.66 -23.67
N LEU D 92 -52.01 -4.97 -23.90
CA LEU D 92 -52.30 -5.53 -25.22
C LEU D 92 -53.79 -5.53 -25.52
N GLU D 93 -54.62 -5.79 -24.50
CA GLU D 93 -56.06 -5.86 -24.69
C GLU D 93 -56.66 -4.47 -24.95
N ALA D 94 -56.20 -3.46 -24.20
CA ALA D 94 -56.64 -2.09 -24.42
C ALA D 94 -56.23 -1.58 -25.79
N ALA D 95 -55.02 -1.94 -26.22
CA ALA D 95 -54.54 -1.55 -27.55
C ALA D 95 -55.30 -2.26 -28.66
N THR D 96 -55.65 -3.54 -28.46
CA THR D 96 -56.34 -4.23 -29.55
C THR D 96 -57.81 -3.84 -29.65
N LEU D 97 -58.47 -3.46 -28.54
CA LEU D 97 -59.80 -2.88 -28.69
C LEU D 97 -59.75 -1.43 -29.20
N LEU D 98 -58.66 -0.70 -28.94
CA LEU D 98 -58.51 0.62 -29.57
C LEU D 98 -58.27 0.50 -31.07
N MET D 99 -57.55 -0.54 -31.49
CA MET D 99 -57.33 -0.74 -32.92
C MET D 99 -58.57 -1.31 -33.60
N GLU D 100 -59.36 -2.12 -32.88
CA GLU D 100 -60.60 -2.63 -33.44
C GLU D 100 -61.66 -1.55 -33.56
N ALA D 101 -61.68 -0.61 -32.60
CA ALA D 101 -62.63 0.49 -32.68
C ALA D 101 -62.22 1.49 -33.77
N ALA D 102 -60.95 1.86 -33.81
CA ALA D 102 -60.43 2.78 -34.82
C ALA D 102 -59.14 2.21 -35.40
N PRO D 103 -59.13 1.83 -36.67
CA PRO D 103 -57.92 1.20 -37.23
C PRO D 103 -56.81 2.19 -37.58
N GLU D 104 -57.11 3.49 -37.62
CA GLU D 104 -56.13 4.48 -38.06
C GLU D 104 -55.17 4.91 -36.96
N LEU D 105 -55.37 4.46 -35.71
CA LEU D 105 -54.66 4.99 -34.56
C LEU D 105 -53.18 4.63 -34.53
N ALA D 106 -52.74 3.69 -35.36
CA ALA D 106 -51.31 3.44 -35.51
C ALA D 106 -50.62 4.60 -36.23
N LYS D 107 -51.29 5.21 -37.20
CA LYS D 107 -50.63 6.13 -38.12
C LYS D 107 -50.77 7.59 -37.67
N GLU D 108 -50.47 7.85 -36.38
CA GLU D 108 -50.17 9.20 -35.90
C GLU D 108 -49.06 9.13 -34.86
N PRO D 109 -48.06 9.99 -34.96
CA PRO D 109 -47.07 10.12 -33.89
C PRO D 109 -47.44 11.20 -32.89
N ALA D 110 -46.69 11.23 -31.79
CA ALA D 110 -46.72 12.38 -30.89
C ALA D 110 -46.12 13.58 -31.61
N LEU D 111 -46.66 14.78 -31.33
CA LEU D 111 -46.31 15.95 -32.13
C LEU D 111 -45.85 17.13 -31.29
N CYS D 112 -45.38 16.87 -30.07
CA CYS D 112 -44.88 17.93 -29.20
C CYS D 112 -43.36 17.89 -29.15
N GLU D 113 -42.80 18.73 -28.26
CA GLU D 113 -41.36 18.96 -28.19
C GLU D 113 -40.49 17.75 -27.83
N PRO D 114 -40.74 16.95 -26.72
CA PRO D 114 -39.78 15.86 -26.46
C PRO D 114 -39.99 14.64 -27.34
N PHE D 115 -41.16 14.51 -27.95
CA PHE D 115 -41.47 13.42 -28.87
C PHE D 115 -42.08 14.03 -30.13
N VAL D 116 -41.22 14.36 -31.09
CA VAL D 116 -41.66 15.00 -32.33
C VAL D 116 -42.19 13.97 -33.32
N GLY D 117 -41.73 12.73 -33.25
CA GLY D 117 -42.20 11.71 -34.17
C GLY D 117 -42.37 10.34 -33.58
N GLN D 118 -42.52 10.26 -32.26
CA GLN D 118 -42.66 8.97 -31.60
C GLN D 118 -44.05 8.38 -31.82
N THR D 119 -44.09 7.19 -32.41
CA THR D 119 -45.33 6.46 -32.63
C THR D 119 -45.53 5.43 -31.54
N ALA D 120 -46.65 4.71 -31.63
CA ALA D 120 -46.89 3.59 -30.72
C ALA D 120 -46.03 2.38 -31.08
N LEU D 121 -45.52 2.33 -32.31
CA LEU D 121 -44.63 1.25 -32.72
C LEU D 121 -43.30 1.30 -31.98
N HIS D 122 -42.78 2.52 -31.74
CA HIS D 122 -41.53 2.70 -31.01
C HIS D 122 -41.66 2.22 -29.57
N ILE D 123 -42.80 2.53 -28.94
CA ILE D 123 -43.05 2.13 -27.57
C ILE D 123 -43.28 0.62 -27.49
N ALA D 124 -43.97 0.05 -28.48
CA ALA D 124 -44.24 -1.38 -28.51
C ALA D 124 -42.98 -2.20 -28.74
N VAL D 125 -42.07 -1.70 -29.59
CA VAL D 125 -40.79 -2.36 -29.81
C VAL D 125 -39.88 -2.22 -28.60
N MET D 126 -39.86 -1.04 -27.95
CA MET D 126 -39.00 -0.84 -26.79
C MET D 126 -39.43 -1.67 -25.58
N ASN D 127 -40.73 -1.92 -25.43
CA ASN D 127 -41.25 -2.75 -24.34
C ASN D 127 -41.14 -4.24 -24.62
N GLN D 128 -40.71 -4.63 -25.84
CA GLN D 128 -40.45 -6.02 -26.27
C GLN D 128 -41.68 -6.92 -26.14
N ASN D 129 -42.85 -6.38 -26.45
CA ASN D 129 -44.07 -7.19 -26.45
C ASN D 129 -44.38 -7.53 -27.90
N LEU D 130 -44.14 -8.80 -28.26
CA LEU D 130 -44.17 -9.24 -29.65
C LEU D 130 -45.60 -9.26 -30.22
N ASN D 131 -46.58 -9.61 -29.38
CA ASN D 131 -47.96 -9.72 -29.85
C ASN D 131 -48.56 -8.35 -30.17
N LEU D 132 -48.17 -7.32 -29.41
CA LEU D 132 -48.61 -5.98 -29.73
C LEU D 132 -47.94 -5.45 -30.99
N VAL D 133 -46.69 -5.83 -31.24
CA VAL D 133 -46.00 -5.47 -32.47
C VAL D 133 -46.66 -6.14 -33.68
N ARG D 134 -47.07 -7.40 -33.54
CA ARG D 134 -47.78 -8.13 -34.59
C ARG D 134 -49.15 -7.51 -34.86
N ALA D 135 -49.91 -7.22 -33.79
CA ALA D 135 -51.25 -6.68 -33.97
C ALA D 135 -51.23 -5.22 -34.40
N LEU D 136 -50.11 -4.53 -34.18
CA LEU D 136 -49.99 -3.13 -34.56
C LEU D 136 -49.44 -2.97 -35.97
N LEU D 137 -48.60 -3.90 -36.42
CA LEU D 137 -48.18 -3.91 -37.81
C LEU D 137 -49.19 -4.62 -38.71
N ALA D 138 -50.18 -5.32 -38.12
CA ALA D 138 -51.28 -5.85 -38.91
C ALA D 138 -52.17 -4.72 -39.44
N ARG D 139 -52.37 -3.68 -38.64
CA ARG D 139 -53.21 -2.55 -39.06
C ARG D 139 -52.48 -1.56 -39.94
N GLY D 140 -51.17 -1.69 -40.10
CA GLY D 140 -50.46 -0.83 -41.03
C GLY D 140 -49.66 0.30 -40.40
N ALA D 141 -48.98 0.02 -39.29
CA ALA D 141 -48.10 1.01 -38.68
C ALA D 141 -46.86 1.21 -39.55
N SER D 142 -46.35 2.45 -39.55
CA SER D 142 -45.22 2.80 -40.40
C SER D 142 -43.93 2.30 -39.79
N VAL D 143 -43.23 1.43 -40.51
CA VAL D 143 -41.94 0.93 -40.04
C VAL D 143 -40.81 1.91 -40.31
N SER D 144 -41.01 2.86 -41.22
CA SER D 144 -40.03 3.91 -41.50
C SER D 144 -40.35 5.19 -40.74
N ALA D 145 -40.99 5.09 -39.58
CA ALA D 145 -41.31 6.26 -38.78
C ALA D 145 -40.04 6.82 -38.14
N ARG D 146 -39.85 8.13 -38.26
CA ARG D 146 -38.62 8.79 -37.88
C ARG D 146 -38.91 9.69 -36.68
N ALA D 147 -38.51 9.25 -35.49
CA ALA D 147 -38.86 9.93 -34.24
C ALA D 147 -37.77 10.93 -33.87
N THR D 148 -37.90 12.15 -34.40
CA THR D 148 -36.91 13.19 -34.18
C THR D 148 -37.22 14.02 -32.94
N GLY D 149 -37.45 13.36 -31.82
CA GLY D 149 -37.73 14.03 -30.57
C GLY D 149 -36.44 14.40 -29.85
N ALA D 150 -36.57 15.28 -28.84
CA ALA D 150 -35.41 15.64 -28.03
C ALA D 150 -35.01 14.52 -27.08
N ALA D 151 -35.94 13.62 -26.74
CA ALA D 151 -35.59 12.47 -25.90
C ALA D 151 -34.82 11.41 -26.68
N PHE D 152 -35.03 11.32 -27.99
CA PHE D 152 -34.32 10.36 -28.83
C PHE D 152 -33.14 11.02 -29.53
N ARG D 153 -32.20 11.52 -28.72
CA ARG D 153 -30.99 12.14 -29.23
C ARG D 153 -29.80 11.64 -28.42
N ARG D 154 -28.62 11.70 -29.02
CA ARG D 154 -27.39 11.34 -28.33
C ARG D 154 -26.96 12.54 -27.48
N SER D 155 -27.52 12.62 -26.29
CA SER D 155 -27.31 13.72 -25.37
C SER D 155 -26.99 13.18 -23.99
N PRO D 156 -26.25 13.93 -23.16
CA PRO D 156 -26.06 13.51 -21.77
C PRO D 156 -27.33 13.61 -20.92
N HIS D 157 -28.35 14.34 -21.37
CA HIS D 157 -29.60 14.41 -20.64
C HIS D 157 -30.35 13.08 -20.68
N ASN D 158 -30.31 12.40 -21.82
CA ASN D 158 -31.05 11.16 -22.01
C ASN D 158 -30.26 9.98 -21.45
N LEU D 159 -30.98 9.03 -20.84
CA LEU D 159 -30.35 7.85 -20.28
C LEU D 159 -29.93 6.86 -21.37
N ILE D 160 -30.73 6.72 -22.42
CA ILE D 160 -30.42 5.82 -23.53
C ILE D 160 -30.43 6.62 -24.82
N TYR D 161 -29.80 6.05 -25.84
CA TYR D 161 -29.83 6.59 -27.20
C TYR D 161 -30.04 5.41 -28.13
N TYR D 162 -31.30 5.14 -28.47
CA TYR D 162 -31.71 3.95 -29.18
C TYR D 162 -32.06 4.20 -30.64
N GLY D 163 -32.22 5.46 -31.04
CA GLY D 163 -32.39 5.79 -32.43
C GLY D 163 -33.62 6.63 -32.70
N GLU D 164 -33.99 6.69 -33.98
CA GLU D 164 -35.21 7.34 -34.43
C GLU D 164 -36.11 6.38 -35.19
N HIS D 165 -35.65 5.15 -35.44
CA HIS D 165 -36.36 4.16 -36.22
C HIS D 165 -36.72 2.97 -35.34
N PRO D 166 -37.82 2.25 -35.65
CA PRO D 166 -38.13 1.03 -34.89
C PRO D 166 -37.13 -0.10 -35.08
N LEU D 167 -36.43 -0.14 -36.21
CA LEU D 167 -35.41 -1.17 -36.42
C LEU D 167 -34.19 -0.93 -35.55
N SER D 168 -33.79 0.34 -35.39
CA SER D 168 -32.72 0.69 -34.46
C SER D 168 -33.12 0.42 -33.02
N PHE D 169 -34.40 0.65 -32.69
CA PHE D 169 -34.93 0.35 -31.37
C PHE D 169 -34.90 -1.15 -31.09
N ALA D 170 -35.27 -1.96 -32.09
CA ALA D 170 -35.29 -3.41 -31.94
C ALA D 170 -33.88 -3.98 -31.86
N ALA D 171 -32.93 -3.37 -32.56
CA ALA D 171 -31.54 -3.82 -32.47
C ALA D 171 -30.93 -3.43 -31.13
N CYS D 172 -31.24 -2.24 -30.61
CA CYS D 172 -30.67 -1.81 -29.35
C CYS D 172 -31.32 -2.48 -28.15
N VAL D 173 -32.59 -2.89 -28.26
CA VAL D 173 -33.24 -3.49 -27.09
C VAL D 173 -32.88 -4.98 -26.98
N GLY D 174 -32.42 -5.62 -28.05
CA GLY D 174 -31.95 -6.98 -27.98
C GLY D 174 -32.98 -8.06 -28.22
N SER D 175 -33.87 -7.88 -29.19
CA SER D 175 -34.90 -8.87 -29.51
C SER D 175 -34.67 -9.34 -30.95
N GLU D 176 -34.48 -10.64 -31.12
CA GLU D 176 -34.21 -11.19 -32.45
C GLU D 176 -35.46 -11.25 -33.31
N GLU D 177 -36.58 -11.68 -32.71
CA GLU D 177 -37.79 -11.96 -33.48
C GLU D 177 -38.49 -10.67 -33.91
N ILE D 178 -38.39 -9.62 -33.09
CA ILE D 178 -38.91 -8.31 -33.46
C ILE D 178 -38.12 -7.73 -34.63
N VAL D 179 -36.80 -7.96 -34.64
CA VAL D 179 -35.94 -7.56 -35.77
C VAL D 179 -36.34 -8.30 -37.05
N ARG D 180 -36.51 -9.62 -36.94
CA ARG D 180 -36.85 -10.44 -38.10
C ARG D 180 -38.23 -10.11 -38.65
N LEU D 181 -39.19 -9.80 -37.76
CA LEU D 181 -40.51 -9.39 -38.20
C LEU D 181 -40.51 -7.98 -38.77
N LEU D 182 -39.56 -7.14 -38.35
CA LEU D 182 -39.45 -5.81 -38.94
C LEU D 182 -38.86 -5.86 -40.34
N ILE D 183 -37.87 -6.72 -40.58
CA ILE D 183 -37.35 -6.90 -41.94
C ILE D 183 -38.38 -7.61 -42.82
N GLU D 184 -39.20 -8.48 -42.22
CA GLU D 184 -40.28 -9.12 -42.98
C GLU D 184 -41.37 -8.13 -43.39
N HIS D 185 -41.54 -7.04 -42.65
CA HIS D 185 -42.50 -6.00 -43.01
C HIS D 185 -41.75 -4.68 -43.24
N GLY D 186 -41.23 -4.52 -44.45
CA GLY D 186 -40.53 -3.29 -44.81
C GLY D 186 -39.23 -3.11 -44.06
N ALA D 187 -38.99 -1.85 -43.63
CA ALA D 187 -37.93 -1.43 -42.70
C ALA D 187 -36.53 -1.78 -43.23
N ASP D 188 -36.15 -1.06 -44.28
CA ASP D 188 -34.81 -1.19 -44.86
C ASP D 188 -33.75 -0.76 -43.85
N ILE D 189 -32.60 -1.43 -43.91
CA ILE D 189 -31.59 -1.26 -42.87
C ILE D 189 -30.82 0.03 -43.09
N ARG D 190 -30.62 0.44 -44.34
CA ARG D 190 -29.88 1.66 -44.67
C ARG D 190 -30.71 2.92 -44.42
N ALA D 191 -31.09 3.16 -43.18
CA ALA D 191 -31.81 4.37 -42.78
C ALA D 191 -30.97 5.12 -41.77
N GLN D 192 -30.62 6.37 -42.09
CA GLN D 192 -29.74 7.18 -41.25
C GLN D 192 -30.59 8.15 -40.45
N ASP D 193 -30.44 8.11 -39.13
CA ASP D 193 -31.08 9.08 -38.24
C ASP D 193 -30.13 10.27 -38.05
N SER D 194 -30.35 11.04 -36.98
CA SER D 194 -29.53 12.22 -36.70
C SER D 194 -28.11 11.81 -36.34
N LEU D 195 -27.16 12.72 -36.67
CA LEU D 195 -25.71 12.55 -36.61
C LEU D 195 -25.23 11.41 -37.51
N GLY D 196 -25.99 11.07 -38.55
CA GLY D 196 -25.57 10.18 -39.61
C GLY D 196 -25.49 8.71 -39.25
N ASN D 197 -25.97 8.30 -38.08
CA ASN D 197 -25.82 6.92 -37.65
C ASN D 197 -26.86 6.03 -38.31
N THR D 198 -26.42 4.88 -38.82
CA THR D 198 -27.34 3.83 -39.22
C THR D 198 -27.54 2.89 -38.04
N VAL D 199 -28.10 1.71 -38.30
CA VAL D 199 -28.42 0.78 -37.23
C VAL D 199 -27.15 0.13 -36.69
N LEU D 200 -26.14 -0.07 -37.56
CA LEU D 200 -24.88 -0.66 -37.13
C LEU D 200 -24.08 0.25 -36.21
N HIS D 201 -24.11 1.56 -36.49
CA HIS D 201 -23.43 2.57 -35.66
C HIS D 201 -24.01 2.59 -34.26
N ILE D 202 -25.33 2.55 -34.15
CA ILE D 202 -25.98 2.61 -32.86
C ILE D 202 -25.94 1.25 -32.16
N LEU D 203 -25.76 0.15 -32.91
CA LEU D 203 -25.49 -1.13 -32.29
C LEU D 203 -24.11 -1.16 -31.64
N ILE D 204 -23.15 -0.49 -32.27
CA ILE D 204 -21.82 -0.36 -31.68
C ILE D 204 -21.86 0.59 -30.47
N LEU D 205 -22.66 1.66 -30.54
CA LEU D 205 -22.74 2.65 -29.48
C LEU D 205 -23.41 2.15 -28.19
N GLN D 206 -24.08 0.99 -28.20
CA GLN D 206 -24.67 0.50 -26.96
C GLN D 206 -23.64 -0.13 -26.04
N PRO D 207 -23.86 -0.07 -24.74
CA PRO D 207 -23.15 -0.97 -23.81
C PRO D 207 -23.88 -2.32 -23.74
N ASN D 208 -23.37 -3.18 -22.86
CA ASN D 208 -23.87 -4.55 -22.60
C ASN D 208 -23.86 -5.37 -23.90
N LYS D 209 -22.64 -5.64 -24.36
CA LYS D 209 -22.28 -6.21 -25.66
C LYS D 209 -22.51 -7.74 -25.76
N THR D 210 -23.27 -8.37 -24.85
CA THR D 210 -23.53 -9.80 -24.95
C THR D 210 -24.40 -10.12 -26.16
N PHE D 211 -25.40 -9.29 -26.43
CA PHE D 211 -26.29 -9.49 -27.57
C PHE D 211 -26.00 -8.55 -28.74
N ALA D 212 -24.99 -7.69 -28.63
CA ALA D 212 -24.73 -6.71 -29.70
C ALA D 212 -24.05 -7.36 -30.89
N CYS D 213 -23.14 -8.32 -30.64
CA CYS D 213 -22.41 -8.97 -31.73
C CYS D 213 -23.32 -9.89 -32.54
N GLN D 214 -24.22 -10.61 -31.87
CA GLN D 214 -25.17 -11.48 -32.56
C GLN D 214 -26.18 -10.67 -33.37
N MET D 215 -26.62 -9.53 -32.83
CA MET D 215 -27.50 -8.62 -33.56
C MET D 215 -26.81 -8.02 -34.78
N TYR D 216 -25.54 -7.64 -34.62
CA TYR D 216 -24.76 -7.08 -35.73
C TYR D 216 -24.53 -8.11 -36.83
N ASN D 217 -24.25 -9.35 -36.44
CA ASN D 217 -24.06 -10.43 -37.41
C ASN D 217 -25.38 -10.77 -38.10
N LEU D 218 -26.50 -10.66 -37.37
CA LEU D 218 -27.80 -11.00 -37.95
C LEU D 218 -28.26 -9.94 -38.93
N LEU D 219 -27.98 -8.65 -38.66
CA LEU D 219 -28.30 -7.65 -39.68
C LEU D 219 -27.25 -7.57 -40.79
N LEU D 220 -26.04 -8.09 -40.56
CA LEU D 220 -25.13 -8.26 -41.70
C LEU D 220 -25.55 -9.43 -42.57
N SER D 221 -26.30 -10.38 -42.01
CA SER D 221 -26.85 -11.46 -42.83
C SER D 221 -27.94 -10.95 -43.77
N TYR D 222 -28.74 -9.97 -43.34
CA TYR D 222 -29.77 -9.39 -44.19
C TYR D 222 -29.24 -8.32 -45.13
N ASP D 223 -27.98 -7.91 -44.98
CA ASP D 223 -27.41 -6.85 -45.80
C ASP D 223 -26.96 -7.44 -47.12
N GLU D 224 -27.87 -7.43 -48.11
CA GLU D 224 -27.56 -7.84 -49.49
C GLU D 224 -28.04 -6.71 -50.41
N HIS D 225 -27.18 -5.70 -50.58
CA HIS D 225 -27.42 -4.50 -51.39
C HIS D 225 -28.73 -3.76 -51.08
N GLN D 230 -21.90 0.40 -52.80
CA GLN D 230 -21.30 0.54 -51.48
C GLN D 230 -22.06 -0.31 -50.46
N SER D 231 -21.31 -0.98 -49.59
CA SER D 231 -21.92 -1.81 -48.56
C SER D 231 -22.43 -0.96 -47.40
N LEU D 232 -23.18 -1.62 -46.51
CA LEU D 232 -23.71 -0.96 -45.33
C LEU D 232 -22.62 -0.65 -44.32
N GLU D 233 -21.55 -1.46 -44.29
CA GLU D 233 -20.44 -1.29 -43.37
C GLU D 233 -19.60 -0.05 -43.65
N LEU D 234 -19.69 0.51 -44.86
CA LEU D 234 -18.89 1.67 -45.23
C LEU D 234 -19.68 2.98 -45.21
N VAL D 235 -20.93 2.95 -44.74
CA VAL D 235 -21.74 4.17 -44.65
C VAL D 235 -21.28 4.96 -43.42
N PRO D 236 -20.89 6.23 -43.58
CA PRO D 236 -20.37 6.99 -42.44
C PRO D 236 -21.43 7.75 -41.65
N ASN D 237 -20.99 8.52 -40.65
CA ASN D 237 -21.83 9.47 -39.94
C ASN D 237 -21.98 10.75 -40.77
N HIS D 238 -22.60 11.76 -40.16
CA HIS D 238 -22.40 13.13 -40.60
C HIS D 238 -21.05 13.67 -40.16
N GLN D 239 -20.46 13.08 -39.12
CA GLN D 239 -19.08 13.29 -38.73
C GLN D 239 -18.10 12.59 -39.68
N GLY D 240 -18.56 11.57 -40.40
CA GLY D 240 -17.72 10.84 -41.33
C GLY D 240 -17.14 9.55 -40.82
N LEU D 241 -17.68 8.99 -39.74
CA LEU D 241 -17.08 7.82 -39.10
C LEU D 241 -17.71 6.53 -39.62
N THR D 242 -16.87 5.66 -40.15
CA THR D 242 -17.18 4.25 -40.42
C THR D 242 -17.49 3.55 -39.10
N PRO D 243 -18.38 2.53 -39.09
CA PRO D 243 -18.59 1.75 -37.85
C PRO D 243 -17.34 1.07 -37.31
N PHE D 244 -16.40 0.71 -38.18
CA PHE D 244 -15.05 0.33 -37.74
C PHE D 244 -14.37 1.49 -37.01
N LYS D 245 -14.42 2.69 -37.61
CA LYS D 245 -13.82 3.85 -36.97
C LYS D 245 -14.62 4.32 -35.76
N LEU D 246 -15.93 4.13 -35.77
CA LEU D 246 -16.74 4.49 -34.59
C LEU D 246 -16.48 3.52 -33.43
N ALA D 247 -16.24 2.25 -33.73
CA ALA D 247 -15.82 1.31 -32.70
C ALA D 247 -14.42 1.63 -32.20
N GLY D 248 -13.58 2.18 -33.07
CA GLY D 248 -12.26 2.63 -32.63
C GLY D 248 -12.33 3.84 -31.72
N VAL D 249 -13.20 4.79 -32.03
CA VAL D 249 -13.35 5.99 -31.20
C VAL D 249 -14.01 5.65 -29.86
N GLU D 250 -15.09 4.86 -29.89
CA GLU D 250 -15.87 4.59 -28.68
C GLU D 250 -15.19 3.61 -27.74
N GLY D 251 -14.16 2.91 -28.19
CA GLY D 251 -13.48 1.97 -27.32
C GLY D 251 -14.16 0.62 -27.17
N ASN D 252 -15.04 0.27 -28.09
CA ASN D 252 -15.77 -1.00 -28.04
C ASN D 252 -14.84 -2.09 -28.52
N THR D 253 -14.05 -2.65 -27.59
CA THR D 253 -12.98 -3.58 -27.96
C THR D 253 -13.52 -4.96 -28.29
N VAL D 254 -14.60 -5.37 -27.61
CA VAL D 254 -15.26 -6.65 -27.91
C VAL D 254 -15.86 -6.62 -29.32
N MET D 255 -16.49 -5.49 -29.66
CA MET D 255 -16.99 -5.32 -31.02
C MET D 255 -15.86 -5.14 -32.02
N PHE D 256 -14.72 -4.60 -31.59
CA PHE D 256 -13.56 -4.46 -32.47
C PHE D 256 -12.98 -5.81 -32.85
N GLN D 257 -12.80 -6.70 -31.87
CA GLN D 257 -12.30 -8.03 -32.20
C GLN D 257 -13.34 -8.86 -32.93
N HIS D 258 -14.64 -8.63 -32.66
CA HIS D 258 -15.69 -9.30 -33.43
C HIS D 258 -15.71 -8.84 -34.89
N LEU D 259 -15.41 -7.55 -35.12
CA LEU D 259 -15.31 -7.06 -36.48
C LEU D 259 -14.08 -7.59 -37.19
N MET D 260 -12.97 -7.75 -36.46
CA MET D 260 -11.76 -8.20 -37.16
C MET D 260 -11.66 -9.72 -37.21
N GLN D 261 -12.62 -10.45 -36.63
CA GLN D 261 -12.79 -11.84 -37.05
C GLN D 261 -13.20 -11.95 -38.51
N LYS D 262 -14.04 -11.04 -38.99
CA LYS D 262 -14.48 -11.05 -40.38
C LYS D 262 -13.47 -10.45 -41.33
N ARG D 263 -12.45 -9.75 -40.81
CA ARG D 263 -11.44 -9.11 -41.64
C ARG D 263 -10.08 -9.80 -41.52
N LYS D 264 -10.08 -11.11 -41.23
CA LYS D 264 -8.84 -11.85 -41.07
C LYS D 264 -8.93 -13.16 -41.81
N HIS D 265 -7.77 -13.72 -42.12
CA HIS D 265 -7.66 -15.02 -42.77
C HIS D 265 -6.56 -15.82 -42.10
N VAL D 266 -6.92 -16.98 -41.55
CA VAL D 266 -5.95 -17.88 -40.96
C VAL D 266 -5.19 -18.55 -42.08
N GLN D 267 -3.88 -18.28 -42.18
CA GLN D 267 -3.07 -18.88 -43.23
C GLN D 267 -2.85 -20.37 -42.96
N TRP D 268 -2.29 -20.70 -41.80
CA TRP D 268 -2.13 -22.12 -41.47
C TRP D 268 -2.09 -22.27 -39.95
N THR D 269 -2.21 -23.51 -39.51
CA THR D 269 -1.90 -23.89 -38.13
C THR D 269 -1.13 -25.19 -38.15
N CYS D 270 -0.09 -25.28 -37.31
CA CYS D 270 0.77 -26.46 -37.29
C CYS D 270 1.03 -26.80 -35.82
N GLY D 271 0.14 -27.62 -35.25
CA GLY D 271 0.26 -28.02 -33.87
C GLY D 271 -0.12 -26.91 -32.91
N PRO D 272 0.83 -26.48 -32.08
CA PRO D 272 0.51 -25.51 -31.03
C PRO D 272 0.42 -24.07 -31.53
N LEU D 273 1.02 -23.78 -32.67
CA LEU D 273 1.11 -22.40 -33.15
C LEU D 273 0.42 -22.25 -34.49
N THR D 274 -0.17 -21.08 -34.70
CA THR D 274 -0.87 -20.75 -35.94
C THR D 274 -0.33 -19.46 -36.51
N SER D 275 -0.51 -19.28 -37.81
CA SER D 275 -0.16 -18.06 -38.51
C SER D 275 -1.40 -17.56 -39.23
N THR D 276 -1.78 -16.32 -38.95
CA THR D 276 -2.98 -15.72 -39.54
C THR D 276 -2.64 -14.35 -40.11
N LEU D 277 -3.54 -13.86 -40.96
CA LEU D 277 -3.28 -12.73 -41.85
C LEU D 277 -4.40 -11.71 -41.71
N TYR D 278 -4.16 -10.67 -40.90
CA TYR D 278 -5.14 -9.61 -40.70
C TYR D 278 -5.06 -8.62 -41.86
N ASP D 279 -6.16 -7.89 -42.07
CA ASP D 279 -6.28 -6.93 -43.15
C ASP D 279 -6.16 -5.53 -42.57
N LEU D 280 -5.30 -4.71 -43.18
CA LEU D 280 -5.06 -3.34 -42.72
C LEU D 280 -5.72 -2.31 -43.61
N THR D 281 -6.83 -2.64 -44.27
CA THR D 281 -7.51 -1.67 -45.12
C THR D 281 -8.20 -0.60 -44.28
N GLU D 282 -8.90 -1.01 -43.23
CA GLU D 282 -9.60 -0.08 -42.36
C GLU D 282 -8.82 0.32 -41.12
N ILE D 283 -7.62 -0.23 -40.92
CA ILE D 283 -6.78 0.12 -39.78
C ILE D 283 -5.69 1.10 -40.17
N ASP D 284 -4.92 0.77 -41.22
CA ASP D 284 -3.91 1.71 -41.71
C ASP D 284 -4.56 2.88 -42.45
N SER D 285 -5.44 2.57 -43.41
CA SER D 285 -6.32 3.51 -44.12
C SER D 285 -5.51 4.59 -44.85
N TRP D 286 -4.80 4.13 -45.88
CA TRP D 286 -3.84 4.90 -46.66
C TRP D 286 -4.44 6.12 -47.36
N GLY D 287 -5.53 5.91 -48.12
CA GLY D 287 -6.05 6.98 -48.96
C GLY D 287 -6.88 8.03 -48.25
N GLU D 288 -7.37 7.73 -47.05
CA GLU D 288 -8.23 8.67 -46.35
C GLU D 288 -7.41 9.76 -45.67
N GLU D 289 -7.96 10.98 -45.66
CA GLU D 289 -7.28 12.11 -45.00
C GLU D 289 -7.29 11.95 -43.49
N LEU D 290 -8.44 11.61 -42.92
CA LEU D 290 -8.52 11.26 -41.50
C LEU D 290 -8.33 9.75 -41.42
N SER D 291 -7.29 9.32 -40.71
CA SER D 291 -7.03 7.89 -40.61
C SER D 291 -7.68 7.33 -39.35
N PHE D 292 -7.68 5.99 -39.26
CA PHE D 292 -8.31 5.30 -38.15
C PHE D 292 -7.57 5.56 -36.83
N LEU D 293 -6.23 5.60 -36.89
CA LEU D 293 -5.43 5.69 -35.67
C LEU D 293 -5.49 7.08 -35.04
N GLU D 294 -5.63 8.13 -35.87
CA GLU D 294 -5.78 9.49 -35.34
C GLU D 294 -7.12 9.67 -34.63
N LEU D 295 -8.16 9.04 -35.15
CA LEU D 295 -9.45 9.08 -34.45
C LEU D 295 -9.44 8.21 -33.20
N VAL D 296 -8.60 7.17 -33.19
CA VAL D 296 -8.51 6.32 -32.01
C VAL D 296 -7.77 7.03 -30.87
N VAL D 297 -6.59 7.57 -31.15
CA VAL D 297 -5.71 7.94 -30.04
C VAL D 297 -6.06 9.33 -29.52
N SER D 298 -6.77 10.14 -30.31
CA SER D 298 -7.14 11.50 -29.94
C SER D 298 -8.63 11.60 -29.60
N SER D 299 -9.16 10.57 -28.95
CA SER D 299 -10.54 10.55 -28.51
C SER D 299 -10.63 10.92 -27.04
N LYS D 300 -11.77 11.49 -26.65
CA LYS D 300 -11.94 12.01 -25.30
C LYS D 300 -12.37 10.94 -24.30
N LYS D 301 -12.58 9.72 -24.74
CA LYS D 301 -13.04 8.66 -23.85
C LYS D 301 -11.91 8.18 -22.96
N ARG D 302 -12.27 7.69 -21.77
CA ARG D 302 -11.28 7.06 -20.89
C ARG D 302 -10.81 5.73 -21.47
N GLU D 303 -11.68 5.05 -22.20
CA GLU D 303 -11.30 3.90 -23.02
C GLU D 303 -10.79 4.38 -24.36
N ALA D 304 -10.69 3.45 -25.33
CA ALA D 304 -10.13 3.53 -26.68
C ALA D 304 -8.62 3.72 -26.70
N ARG D 305 -7.95 3.67 -25.55
CA ARG D 305 -6.53 3.42 -25.50
C ARG D 305 -6.23 1.97 -25.15
N GLN D 306 -7.23 1.21 -24.73
CA GLN D 306 -7.13 -0.23 -24.59
C GLN D 306 -7.49 -0.95 -25.88
N ILE D 307 -7.97 -0.23 -26.89
CA ILE D 307 -8.16 -0.79 -28.22
C ILE D 307 -6.86 -0.76 -29.02
N LEU D 308 -5.84 -0.06 -28.54
CA LEU D 308 -4.50 -0.10 -29.12
C LEU D 308 -3.72 -1.35 -28.69
N GLU D 309 -4.25 -2.12 -27.75
CA GLU D 309 -3.64 -3.37 -27.30
C GLU D 309 -4.29 -4.59 -27.93
N GLN D 310 -5.12 -4.39 -28.96
CA GLN D 310 -5.74 -5.51 -29.65
C GLN D 310 -4.75 -6.18 -30.59
N THR D 311 -5.17 -7.33 -31.14
CA THR D 311 -4.27 -8.22 -31.88
C THR D 311 -3.67 -7.62 -33.18
N PRO D 312 -4.41 -6.94 -34.07
CA PRO D 312 -3.66 -6.35 -35.21
C PRO D 312 -2.99 -5.03 -34.87
N VAL D 313 -3.63 -4.21 -34.04
CA VAL D 313 -3.22 -2.81 -33.87
C VAL D 313 -1.93 -2.71 -33.07
N LYS D 314 -1.78 -3.53 -32.02
CA LYS D 314 -0.59 -3.47 -31.18
C LYS D 314 0.65 -3.94 -31.94
N GLU D 315 0.51 -5.00 -32.74
CA GLU D 315 1.61 -5.48 -33.58
C GLU D 315 1.94 -4.48 -34.69
N LEU D 316 0.91 -3.83 -35.26
CA LEU D 316 1.14 -2.84 -36.33
C LEU D 316 1.88 -1.61 -35.80
N VAL D 317 1.43 -1.05 -34.67
CA VAL D 317 2.10 0.13 -34.16
C VAL D 317 3.41 -0.24 -33.46
N SER D 318 3.58 -1.50 -33.05
CA SER D 318 4.86 -1.94 -32.52
C SER D 318 5.91 -2.03 -33.62
N PHE D 319 5.54 -2.59 -34.77
CA PHE D 319 6.44 -2.61 -35.92
C PHE D 319 6.70 -1.19 -36.44
N LYS D 320 5.68 -0.34 -36.41
CA LYS D 320 5.82 1.04 -36.88
C LYS D 320 6.69 1.87 -35.93
N TRP D 321 6.71 1.51 -34.64
CA TRP D 321 7.52 2.26 -33.68
C TRP D 321 8.96 1.75 -33.62
N LYS D 322 9.17 0.43 -33.70
CA LYS D 322 10.52 -0.09 -33.68
C LYS D 322 11.25 0.17 -34.99
N LYS D 323 10.53 0.05 -36.12
CA LYS D 323 11.19 0.13 -37.41
C LYS D 323 11.52 1.57 -37.79
N TYR D 324 10.59 2.49 -37.59
CA TYR D 324 10.79 3.88 -37.99
C TYR D 324 10.50 4.90 -36.90
N GLY D 325 9.74 4.54 -35.87
CA GLY D 325 9.28 5.55 -34.92
C GLY D 325 10.37 6.02 -33.97
N ARG D 326 10.97 5.08 -33.24
CA ARG D 326 12.02 5.38 -32.26
C ARG D 326 13.32 5.98 -32.85
N PRO D 327 13.91 5.49 -33.97
CA PRO D 327 15.09 6.21 -34.51
C PRO D 327 14.82 7.62 -34.99
N TYR D 328 13.66 7.85 -35.62
CA TYR D 328 13.33 9.21 -36.08
C TYR D 328 13.01 10.12 -34.90
N PHE D 329 12.39 9.57 -33.85
CA PHE D 329 12.13 10.34 -32.64
C PHE D 329 13.42 10.67 -31.91
N CYS D 330 14.39 9.75 -31.91
CA CYS D 330 15.68 10.02 -31.28
C CYS D 330 16.50 11.03 -32.08
N VAL D 331 16.39 10.99 -33.41
CA VAL D 331 17.05 11.98 -34.26
C VAL D 331 16.46 13.38 -34.03
N LEU D 332 15.13 13.46 -33.93
CA LEU D 332 14.46 14.73 -33.65
C LEU D 332 14.77 15.22 -32.24
N ALA D 333 14.89 14.31 -31.27
CA ALA D 333 15.24 14.68 -29.90
C ALA D 333 16.67 15.21 -29.81
N SER D 334 17.61 14.55 -30.50
CA SER D 334 18.99 15.02 -30.51
C SER D 334 19.15 16.34 -31.24
N LEU D 335 18.38 16.53 -32.33
CA LEU D 335 18.41 17.78 -33.06
C LEU D 335 17.82 18.93 -32.24
N TYR D 336 16.74 18.65 -31.49
CA TYR D 336 16.16 19.68 -30.65
C TYR D 336 17.05 20.00 -29.44
N ILE D 337 17.75 18.99 -28.92
CA ILE D 337 18.69 19.21 -27.82
C ILE D 337 19.87 20.05 -28.28
N LEU D 338 20.39 19.78 -29.49
CA LEU D 338 21.48 20.58 -30.04
C LEU D 338 21.02 22.00 -30.37
N TYR D 339 19.78 22.15 -30.85
CA TYR D 339 19.21 23.47 -31.10
C TYR D 339 19.05 24.27 -29.80
N MET D 340 18.64 23.60 -28.73
CA MET D 340 18.44 24.31 -27.48
C MET D 340 19.77 24.58 -26.77
N ILE D 341 20.79 23.75 -27.02
CA ILE D 341 22.15 24.06 -26.57
C ILE D 341 22.67 25.30 -27.31
N CYS D 342 22.36 25.40 -28.61
CA CYS D 342 22.69 26.61 -29.38
C CYS D 342 21.97 27.85 -28.86
N PHE D 343 20.69 27.69 -28.50
CA PHE D 343 19.93 28.81 -27.91
C PHE D 343 20.48 29.20 -26.54
N THR D 344 20.90 28.22 -25.73
CA THR D 344 21.49 28.51 -24.43
C THR D 344 22.82 29.23 -24.57
N THR D 345 23.65 28.79 -25.52
CA THR D 345 24.94 29.44 -25.77
C THR D 345 24.76 30.85 -26.34
N CYS D 346 23.74 31.07 -27.16
CA CYS D 346 23.43 32.42 -27.60
C CYS D 346 22.77 33.27 -26.52
N CYS D 347 22.20 32.65 -25.48
CA CYS D 347 21.74 33.38 -24.31
C CYS D 347 22.85 33.77 -23.36
N ILE D 348 23.86 32.90 -23.15
CA ILE D 348 24.93 33.20 -22.19
C ILE D 348 25.79 34.35 -22.67
N TYR D 349 26.23 34.31 -23.92
CA TYR D 349 26.94 35.43 -24.54
C TYR D 349 25.89 36.42 -25.02
N ARG D 350 25.91 37.61 -24.45
CA ARG D 350 24.92 38.65 -24.74
C ARG D 350 25.63 39.97 -25.00
N PRO D 351 25.00 40.87 -25.77
CA PRO D 351 25.57 42.22 -25.92
C PRO D 351 25.41 43.06 -24.67
N LEU D 352 26.29 42.87 -23.69
CA LEU D 352 26.25 43.59 -22.44
C LEU D 352 27.50 44.43 -22.28
N LYS D 353 27.31 45.70 -21.89
CA LYS D 353 28.40 46.65 -21.69
C LYS D 353 28.25 47.29 -20.31
N LEU D 354 29.24 48.08 -19.94
CA LEU D 354 29.20 48.82 -18.68
C LEU D 354 28.14 49.90 -18.75
N ARG D 355 27.50 50.19 -17.62
CA ARG D 355 26.44 51.17 -17.57
C ARG D 355 27.01 52.59 -17.67
N ASP D 356 26.20 53.50 -18.19
CA ASP D 356 26.68 54.86 -18.43
C ASP D 356 26.48 55.75 -17.21
N ASP D 357 25.36 55.58 -16.51
CA ASP D 357 25.06 56.39 -15.33
C ASP D 357 25.62 55.73 -14.08
N ASN D 358 26.27 56.52 -13.24
CA ASN D 358 26.78 56.01 -11.97
C ASN D 358 25.63 55.80 -10.99
N ARG D 359 25.82 54.86 -10.07
CA ARG D 359 24.81 54.51 -9.08
C ARG D 359 25.04 55.35 -7.82
N THR D 360 24.29 56.43 -7.69
CA THR D 360 24.29 57.25 -6.49
C THR D 360 23.28 56.77 -5.46
N ASP D 361 22.54 55.71 -5.77
CA ASP D 361 21.53 55.15 -4.88
C ASP D 361 22.07 53.88 -4.24
N PRO D 362 22.04 53.75 -2.92
CA PRO D 362 22.37 52.46 -2.30
C PRO D 362 21.29 51.43 -2.58
N ARG D 363 21.65 50.16 -2.33
CA ARG D 363 20.95 48.88 -2.56
C ARG D 363 20.85 48.54 -4.05
N ASP D 364 21.42 49.33 -4.95
CA ASP D 364 21.37 49.06 -6.38
C ASP D 364 22.68 48.38 -6.79
N ILE D 365 22.58 47.19 -7.37
CA ILE D 365 23.74 46.38 -7.72
C ILE D 365 23.89 46.17 -9.21
N THR D 366 23.10 46.86 -10.04
CA THR D 366 23.21 46.72 -11.48
C THR D 366 24.47 47.43 -11.96
N ILE D 367 25.39 46.66 -12.54
CA ILE D 367 26.65 47.20 -13.03
C ILE D 367 26.78 47.12 -14.54
N LEU D 368 25.94 46.34 -15.21
CA LEU D 368 25.99 46.18 -16.65
C LEU D 368 24.61 46.49 -17.22
N GLN D 369 24.60 46.91 -18.48
CA GLN D 369 23.36 47.11 -19.21
C GLN D 369 23.53 46.56 -20.62
N GLN D 370 22.42 46.18 -21.23
CA GLN D 370 22.48 45.69 -22.60
C GLN D 370 22.68 46.85 -23.56
N LYS D 371 23.54 46.65 -24.56
CA LYS D 371 23.91 47.74 -25.45
C LYS D 371 22.97 47.80 -26.65
N LEU D 372 23.13 48.86 -27.43
CA LEU D 372 22.27 49.11 -28.57
C LEU D 372 22.59 48.16 -29.72
N LEU D 373 21.68 48.11 -30.70
CA LEU D 373 21.79 47.17 -31.81
C LEU D 373 22.93 47.55 -32.76
N GLN D 374 23.19 48.85 -32.90
CA GLN D 374 24.25 49.31 -33.80
C GLN D 374 25.64 48.99 -33.26
N GLU D 375 25.78 48.88 -31.94
CA GLU D 375 27.04 48.50 -31.32
C GLU D 375 27.06 47.05 -30.85
N ALA D 376 25.99 46.29 -31.11
CA ALA D 376 25.92 44.92 -30.61
C ALA D 376 26.83 43.98 -31.40
N TYR D 377 26.84 44.11 -32.73
CA TYR D 377 27.58 43.19 -33.58
C TYR D 377 28.68 43.94 -34.32
N VAL D 378 29.80 44.19 -33.64
CA VAL D 378 31.08 44.35 -34.30
C VAL D 378 32.18 43.61 -33.53
N THR D 379 32.32 42.31 -33.84
CA THR D 379 33.31 41.36 -33.34
C THR D 379 33.15 40.14 -34.24
N HIS D 380 34.19 39.30 -34.37
CA HIS D 380 33.99 37.97 -34.93
C HIS D 380 33.12 37.12 -34.03
N GLN D 381 33.29 37.25 -32.70
CA GLN D 381 32.49 36.49 -31.75
C GLN D 381 31.04 36.95 -31.74
N ASP D 382 30.80 38.24 -32.00
CA ASP D 382 29.43 38.72 -32.12
C ASP D 382 28.79 38.21 -33.41
N ASN D 383 29.58 37.96 -34.45
CA ASN D 383 29.05 37.36 -35.67
C ASN D 383 28.73 35.87 -35.45
N ILE D 384 29.55 35.19 -34.65
CA ILE D 384 29.28 33.80 -34.26
C ILE D 384 28.02 33.73 -33.40
N ARG D 385 27.79 34.74 -32.56
CA ARG D 385 26.52 34.83 -31.84
C ARG D 385 25.36 35.16 -32.78
N LEU D 386 25.60 35.99 -33.79
CA LEU D 386 24.54 36.44 -34.69
C LEU D 386 24.03 35.31 -35.58
N VAL D 387 24.93 34.45 -36.05
CA VAL D 387 24.49 33.33 -36.89
C VAL D 387 23.71 32.30 -36.07
N GLY D 388 24.07 32.14 -34.79
CA GLY D 388 23.29 31.27 -33.93
C GLY D 388 21.95 31.86 -33.54
N GLU D 389 21.89 33.20 -33.46
CA GLU D 389 20.60 33.87 -33.29
C GLU D 389 19.71 33.69 -34.51
N LEU D 390 20.31 33.70 -35.70
CA LEU D 390 19.55 33.41 -36.92
C LEU D 390 19.08 31.96 -36.94
N VAL D 391 19.91 31.04 -36.44
CA VAL D 391 19.52 29.63 -36.32
C VAL D 391 18.34 29.45 -35.37
N THR D 392 18.36 30.12 -34.21
CA THR D 392 17.25 29.92 -33.29
C THR D 392 16.00 30.69 -33.71
N VAL D 393 16.13 31.79 -34.47
CA VAL D 393 14.96 32.44 -35.05
C VAL D 393 14.33 31.56 -36.12
N THR D 394 15.17 30.90 -36.95
CA THR D 394 14.69 29.93 -37.93
C THR D 394 14.03 28.73 -37.25
N GLY D 395 14.59 28.28 -36.13
CA GLY D 395 13.98 27.19 -35.38
C GLY D 395 12.65 27.54 -34.76
N ALA D 396 12.52 28.77 -34.26
CA ALA D 396 11.24 29.24 -33.70
C ALA D 396 10.17 29.39 -34.78
N VAL D 397 10.55 29.88 -35.96
CA VAL D 397 9.52 30.05 -36.99
C VAL D 397 9.15 28.71 -37.64
N ILE D 398 10.06 27.74 -37.66
CA ILE D 398 9.64 26.43 -38.17
C ILE D 398 8.86 25.66 -37.11
N ILE D 399 9.08 25.96 -35.81
CA ILE D 399 8.23 25.43 -34.76
C ILE D 399 6.81 25.97 -34.90
N LEU D 400 6.68 27.28 -35.19
CA LEU D 400 5.35 27.86 -35.42
C LEU D 400 4.70 27.32 -36.69
N LEU D 401 5.47 27.14 -37.77
CA LEU D 401 4.92 26.59 -39.00
C LEU D 401 4.56 25.12 -38.88
N LEU D 402 5.17 24.40 -37.93
CA LEU D 402 4.75 23.03 -37.67
C LEU D 402 3.57 22.94 -36.71
N GLU D 403 3.40 23.93 -35.83
CA GLU D 403 2.44 23.74 -34.75
C GLU D 403 1.12 24.51 -34.91
N ILE D 404 1.14 25.73 -35.47
CA ILE D 404 -0.12 26.46 -35.72
C ILE D 404 -1.07 25.77 -36.70
N PRO D 405 -0.62 25.14 -37.82
CA PRO D 405 -1.58 24.31 -38.59
C PRO D 405 -2.14 23.10 -37.85
N ASP D 406 -1.49 22.61 -36.78
CA ASP D 406 -2.11 21.59 -35.95
C ASP D 406 -3.24 22.18 -35.12
N ILE D 407 -3.09 23.43 -34.67
CA ILE D 407 -4.17 24.11 -33.96
C ILE D 407 -5.32 24.41 -34.91
N PHE D 408 -5.01 24.70 -36.17
CA PHE D 408 -6.06 24.91 -37.16
C PHE D 408 -6.64 23.61 -37.70
N ARG D 409 -5.99 22.47 -37.46
CA ARG D 409 -6.48 21.21 -38.00
C ARG D 409 -7.43 20.51 -37.03
N VAL D 410 -6.95 20.17 -35.83
CA VAL D 410 -7.78 19.61 -34.77
C VAL D 410 -8.06 20.77 -33.81
N GLY D 411 -9.22 20.71 -33.15
CA GLY D 411 -9.66 21.82 -32.32
C GLY D 411 -8.77 22.02 -31.10
N ALA D 412 -8.69 23.28 -30.65
CA ALA D 412 -7.65 23.71 -29.72
C ALA D 412 -7.87 23.16 -28.31
N SER D 413 -9.13 22.92 -27.93
CA SER D 413 -9.41 22.29 -26.64
C SER D 413 -8.91 20.84 -26.63
N ARG D 414 -9.17 20.09 -27.70
CA ARG D 414 -8.66 18.74 -27.84
C ARG D 414 -7.15 18.71 -28.05
N TYR D 415 -6.60 19.73 -28.74
CA TYR D 415 -5.17 19.79 -28.99
C TYR D 415 -4.37 20.10 -27.72
N PHE D 416 -4.86 21.04 -26.91
CA PHE D 416 -4.13 21.44 -25.71
C PHE D 416 -4.55 20.68 -24.46
N GLY D 417 -5.68 19.99 -24.48
CA GLY D 417 -6.16 19.31 -23.29
C GLY D 417 -5.78 17.85 -23.20
N GLN D 418 -5.29 17.29 -24.30
CA GLN D 418 -4.91 15.89 -24.33
C GLN D 418 -3.48 15.73 -23.84
N THR D 419 -3.31 14.97 -22.76
CA THR D 419 -1.95 14.62 -22.31
C THR D 419 -1.37 13.48 -23.12
N ILE D 420 -2.20 12.79 -23.90
CA ILE D 420 -1.70 11.77 -24.82
C ILE D 420 -0.95 12.41 -25.97
N LEU D 421 -1.48 13.50 -26.53
CA LEU D 421 -0.88 14.19 -27.66
C LEU D 421 0.15 15.23 -27.25
N GLY D 422 0.45 15.35 -25.95
CA GLY D 422 1.42 16.32 -25.48
C GLY D 422 0.95 17.76 -25.53
N GLY D 423 -0.30 17.98 -25.13
CA GLY D 423 -0.93 19.29 -25.11
C GLY D 423 -0.26 20.39 -24.29
N PRO D 424 0.11 20.11 -23.03
CA PRO D 424 0.96 21.07 -22.29
C PRO D 424 2.29 21.36 -22.96
N PHE D 425 2.91 20.36 -23.59
CA PHE D 425 4.14 20.61 -24.34
C PHE D 425 3.88 21.44 -25.58
N HIS D 426 2.69 21.29 -26.19
CA HIS D 426 2.31 22.12 -27.32
C HIS D 426 2.12 23.58 -26.91
N VAL D 427 1.45 23.82 -25.78
CA VAL D 427 1.20 25.21 -25.40
C VAL D 427 2.49 25.88 -24.89
N ILE D 428 3.39 25.10 -24.26
CA ILE D 428 4.65 25.74 -23.88
C ILE D 428 5.61 25.87 -25.07
N ILE D 429 5.44 25.09 -26.14
CA ILE D 429 6.34 25.32 -27.27
C ILE D 429 5.83 26.49 -28.13
N ILE D 430 4.50 26.72 -28.17
CA ILE D 430 3.96 27.97 -28.73
C ILE D 430 4.42 29.18 -27.91
N THR D 431 4.40 29.04 -26.58
CA THR D 431 4.83 30.14 -25.71
C THR D 431 6.33 30.43 -25.86
N TYR D 432 7.14 29.37 -26.02
CA TYR D 432 8.58 29.53 -26.23
C TYR D 432 8.89 30.20 -27.57
N ALA D 433 8.19 29.78 -28.64
CA ALA D 433 8.42 30.37 -29.95
C ALA D 433 7.97 31.83 -30.00
N SER D 434 6.84 32.14 -29.34
CA SER D 434 6.37 33.52 -29.28
C SER D 434 7.29 34.39 -28.42
N LEU D 435 7.89 33.81 -27.38
CA LEU D 435 8.82 34.57 -26.55
C LEU D 435 10.15 34.82 -27.28
N VAL D 436 10.59 33.86 -28.09
CA VAL D 436 11.80 34.06 -28.90
C VAL D 436 11.57 35.12 -29.98
N LEU D 437 10.39 35.10 -30.62
CA LEU D 437 10.07 36.14 -31.59
C LEU D 437 9.87 37.51 -30.95
N LEU D 438 9.32 37.55 -29.73
CA LEU D 438 9.21 38.79 -28.97
C LEU D 438 10.60 39.32 -28.58
N THR D 439 11.52 38.42 -28.25
CA THR D 439 12.91 38.78 -27.97
C THR D 439 13.58 39.35 -29.22
N MET D 440 13.29 38.78 -30.39
CA MET D 440 13.83 39.29 -31.65
C MET D 440 13.29 40.68 -31.97
N VAL D 441 11.99 40.90 -31.71
CA VAL D 441 11.38 42.23 -31.90
C VAL D 441 11.97 43.25 -30.94
N MET D 442 12.19 42.87 -29.67
CA MET D 442 12.81 43.78 -28.71
C MET D 442 14.29 44.01 -29.01
N ARG D 443 14.94 43.04 -29.66
CA ARG D 443 16.34 43.24 -30.03
C ARG D 443 16.49 44.20 -31.19
N LEU D 444 15.60 44.08 -32.20
CA LEU D 444 15.66 45.03 -33.31
C LEU D 444 15.11 46.41 -32.93
N THR D 445 14.17 46.46 -31.99
CA THR D 445 13.52 47.69 -31.59
C THR D 445 14.31 48.40 -30.48
N ASN D 446 15.29 47.70 -29.89
CA ASN D 446 16.12 48.14 -28.75
C ASN D 446 15.27 48.53 -27.54
N MET D 447 14.25 47.73 -27.22
CA MET D 447 13.56 47.87 -25.95
C MET D 447 14.42 47.30 -24.82
N ASN D 448 14.32 47.91 -23.65
CA ASN D 448 14.99 47.40 -22.47
C ASN D 448 14.17 46.27 -21.83
N GLY D 449 14.86 45.44 -21.05
CA GLY D 449 14.20 44.34 -20.38
C GLY D 449 14.09 43.07 -21.20
N GLU D 450 15.18 42.67 -21.85
CA GLU D 450 15.19 41.43 -22.63
C GLU D 450 15.40 40.20 -21.75
N VAL D 451 15.84 40.40 -20.50
CA VAL D 451 16.16 39.30 -19.61
C VAL D 451 14.89 38.55 -19.17
N VAL D 452 13.75 39.23 -19.09
CA VAL D 452 12.49 38.60 -18.72
C VAL D 452 11.97 37.67 -19.81
N PRO D 453 11.84 38.06 -21.11
CA PRO D 453 11.45 37.03 -22.10
C PRO D 453 12.56 36.02 -22.38
N LEU D 454 13.83 36.38 -22.19
CA LEU D 454 14.91 35.40 -22.38
C LEU D 454 14.86 34.32 -21.29
N SER D 455 14.58 34.70 -20.05
CA SER D 455 14.53 33.72 -18.97
C SER D 455 13.27 32.86 -19.03
N PHE D 456 12.11 33.46 -19.39
CA PHE D 456 10.93 32.64 -19.66
C PHE D 456 11.13 31.71 -20.86
N ALA D 457 11.83 32.17 -21.90
CA ALA D 457 12.11 31.35 -23.07
C ALA D 457 13.04 30.20 -22.73
N LEU D 458 14.06 30.45 -21.90
CA LEU D 458 14.98 29.39 -21.49
C LEU D 458 14.29 28.32 -20.64
N VAL D 459 13.46 28.76 -19.67
CA VAL D 459 12.76 27.81 -18.79
C VAL D 459 11.75 26.98 -19.57
N LEU D 460 10.91 27.63 -20.39
CA LEU D 460 9.86 26.92 -21.12
C LEU D 460 10.43 26.08 -22.26
N GLY D 461 11.47 26.56 -22.93
CA GLY D 461 12.07 25.78 -24.01
C GLY D 461 12.86 24.59 -23.51
N TRP D 462 13.52 24.72 -22.36
CA TRP D 462 14.20 23.55 -21.80
C TRP D 462 13.19 22.58 -21.19
N CYS D 463 12.06 23.08 -20.69
CA CYS D 463 11.01 22.17 -20.24
C CYS D 463 10.28 21.52 -21.42
N SER D 464 10.41 22.06 -22.63
CA SER D 464 9.90 21.39 -23.83
C SER D 464 10.76 20.21 -24.28
N VAL D 465 11.96 20.03 -23.70
CA VAL D 465 12.77 18.84 -23.97
C VAL D 465 12.13 17.60 -23.32
N MET D 466 11.29 17.81 -22.29
CA MET D 466 10.55 16.75 -21.62
C MET D 466 9.51 16.08 -22.52
N TYR D 467 9.17 16.70 -23.65
CA TYR D 467 8.28 16.08 -24.64
C TYR D 467 8.88 14.82 -25.23
N PHE D 468 10.20 14.81 -25.44
CA PHE D 468 10.88 13.68 -26.06
C PHE D 468 11.17 12.55 -25.09
N ALA D 469 10.80 12.68 -23.82
CA ALA D 469 10.94 11.61 -22.85
C ALA D 469 9.91 10.49 -23.05
N ARG D 470 8.85 10.73 -23.83
CA ARG D 470 7.81 9.74 -24.04
C ARG D 470 8.26 8.59 -24.94
N GLY D 471 9.37 8.73 -25.65
CA GLY D 471 9.86 7.66 -26.50
C GLY D 471 10.64 6.58 -25.79
N PHE D 472 10.84 6.72 -24.48
CA PHE D 472 11.60 5.77 -23.69
C PHE D 472 10.73 5.27 -22.55
N GLN D 473 10.90 3.99 -22.20
CA GLN D 473 10.13 3.39 -21.12
C GLN D 473 10.60 3.91 -19.77
N MET D 474 11.87 4.31 -19.67
CA MET D 474 12.43 4.76 -18.40
C MET D 474 11.92 6.14 -18.01
N LEU D 475 11.70 7.02 -18.99
CA LEU D 475 11.39 8.41 -18.71
C LEU D 475 9.94 8.82 -19.01
N GLY D 476 9.22 8.07 -19.84
CA GLY D 476 7.88 8.41 -20.28
C GLY D 476 6.78 8.43 -19.23
N PRO D 477 6.54 7.27 -18.58
CA PRO D 477 5.56 7.23 -17.48
C PRO D 477 5.89 8.15 -16.31
N PHE D 478 7.17 8.38 -16.02
CA PHE D 478 7.56 9.35 -15.02
C PHE D 478 7.19 10.77 -15.43
N THR D 479 7.36 11.10 -16.73
CA THR D 479 7.05 12.45 -17.20
C THR D 479 5.55 12.72 -17.18
N ILE D 480 4.73 11.74 -17.58
CA ILE D 480 3.30 11.99 -17.47
C ILE D 480 2.81 11.80 -16.03
N MET D 481 3.58 11.14 -15.16
CA MET D 481 3.27 11.18 -13.73
C MET D 481 3.51 12.58 -13.17
N ILE D 482 4.58 13.23 -13.64
CA ILE D 482 4.87 14.62 -13.27
C ILE D 482 3.74 15.54 -13.72
N GLN D 483 3.26 15.35 -14.95
CA GLN D 483 2.16 16.17 -15.47
C GLN D 483 0.84 15.89 -14.74
N LYS D 484 0.62 14.62 -14.36
CA LYS D 484 -0.55 14.25 -13.56
C LYS D 484 -0.54 14.91 -12.19
N MET D 485 0.62 14.93 -11.52
CA MET D 485 0.65 15.56 -10.20
C MET D 485 0.63 17.08 -10.29
N ILE D 486 1.16 17.65 -11.38
CA ILE D 486 1.05 19.09 -11.64
C ILE D 486 -0.42 19.50 -11.78
N PHE D 487 -1.20 18.71 -12.53
CA PHE D 487 -2.61 19.04 -12.69
C PHE D 487 -3.42 18.73 -11.43
N GLY D 488 -3.16 17.59 -10.78
CA GLY D 488 -3.98 17.18 -9.65
C GLY D 488 -3.55 17.66 -8.26
N ASP D 489 -2.35 17.31 -7.83
CA ASP D 489 -2.00 17.50 -6.43
C ASP D 489 -1.31 18.82 -6.18
N LEU D 490 -0.59 19.34 -7.19
CA LEU D 490 0.13 20.60 -7.04
C LEU D 490 -0.81 21.78 -6.87
N MET D 491 -1.91 21.81 -7.63
CA MET D 491 -2.88 22.89 -7.51
C MET D 491 -3.65 22.82 -6.20
N ARG D 492 -4.06 21.61 -5.80
CA ARG D 492 -4.81 21.45 -4.56
C ARG D 492 -3.92 21.62 -3.33
N PHE D 493 -2.60 21.52 -3.50
CA PHE D 493 -1.72 21.93 -2.41
C PHE D 493 -1.42 23.43 -2.46
N CYS D 494 -1.33 24.02 -3.65
CA CYS D 494 -0.93 25.41 -3.77
C CYS D 494 -2.02 26.39 -3.37
N TRP D 495 -3.31 26.03 -3.51
CA TRP D 495 -4.36 26.90 -2.99
C TRP D 495 -4.32 27.00 -1.47
N LEU D 496 -4.25 25.84 -0.80
CA LEU D 496 -4.15 25.79 0.66
C LEU D 496 -2.85 26.41 1.16
N MET D 497 -1.77 26.17 0.41
CA MET D 497 -0.46 26.71 0.72
C MET D 497 -0.44 28.24 0.59
N ALA D 498 -1.10 28.78 -0.44
CA ALA D 498 -1.17 30.23 -0.62
C ALA D 498 -2.01 30.89 0.45
N VAL D 499 -3.04 30.18 0.94
CA VAL D 499 -3.81 30.65 2.10
C VAL D 499 -2.92 30.76 3.35
N VAL D 500 -2.10 29.72 3.61
CA VAL D 500 -1.21 29.72 4.78
C VAL D 500 -0.12 30.79 4.64
N ILE D 501 0.42 30.96 3.43
CA ILE D 501 1.43 31.99 3.15
C ILE D 501 0.86 33.39 3.33
N LEU D 502 -0.38 33.62 2.88
CA LEU D 502 -1.02 34.93 3.05
C LEU D 502 -1.23 35.28 4.52
N GLY D 503 -1.75 34.32 5.30
CA GLY D 503 -1.99 34.58 6.72
C GLY D 503 -0.71 34.77 7.53
N PHE D 504 0.25 33.85 7.36
CA PHE D 504 1.46 33.96 8.13
C PHE D 504 2.39 35.07 7.62
N ALA D 505 2.29 35.43 6.33
CA ALA D 505 3.04 36.56 5.82
C ALA D 505 2.49 37.88 6.33
N SER D 506 1.16 37.96 6.49
CA SER D 506 0.55 39.11 7.14
C SER D 506 0.97 39.22 8.60
N ALA D 507 1.04 38.09 9.31
CA ALA D 507 1.51 38.12 10.71
C ALA D 507 3.00 38.47 10.81
N PHE D 508 3.82 37.92 9.91
CA PHE D 508 5.26 38.17 9.92
C PHE D 508 5.58 39.62 9.57
N HIS D 509 4.84 40.20 8.61
CA HIS D 509 5.04 41.61 8.30
C HIS D 509 4.50 42.48 9.43
N ILE D 510 3.33 42.16 9.96
CA ILE D 510 2.92 42.82 11.20
C ILE D 510 3.35 41.93 12.35
N THR D 511 4.65 41.82 12.52
CA THR D 511 5.30 41.64 13.82
C THR D 511 6.59 42.47 13.83
N PHE D 512 7.07 42.89 12.65
CA PHE D 512 8.36 43.53 12.49
C PHE D 512 8.27 44.93 11.90
N GLN D 513 7.08 45.53 11.83
CA GLN D 513 6.97 46.90 11.35
C GLN D 513 7.53 47.90 12.34
N THR D 514 7.49 47.56 13.63
CA THR D 514 8.08 48.39 14.67
C THR D 514 9.59 48.20 14.80
N GLU D 515 10.14 47.16 14.18
CA GLU D 515 11.53 46.79 14.37
C GLU D 515 12.42 47.36 13.25
N ASP D 516 13.71 47.23 13.45
CA ASP D 516 14.71 47.75 12.51
C ASP D 516 14.83 46.82 11.31
N PRO D 517 14.66 47.30 10.08
CA PRO D 517 14.86 46.43 8.91
C PRO D 517 16.32 46.10 8.63
N ASN D 518 17.28 46.80 9.23
CA ASN D 518 18.69 46.53 8.97
C ASN D 518 19.19 45.30 9.69
N ASN D 519 18.43 44.75 10.63
CA ASN D 519 18.80 43.52 11.34
C ASN D 519 18.14 42.28 10.76
N LEU D 520 16.84 42.38 10.43
CA LEU D 520 16.14 41.34 9.68
C LEU D 520 15.52 41.98 8.46
N GLY D 521 16.19 41.84 7.31
CA GLY D 521 15.72 42.48 6.10
C GLY D 521 14.50 41.79 5.50
N GLU D 522 14.30 40.52 5.84
CA GLU D 522 13.06 39.86 5.48
C GLU D 522 11.92 40.41 6.33
N PHE D 523 10.71 40.30 5.78
CA PHE D 523 9.47 40.92 6.28
C PHE D 523 9.62 42.43 6.47
N SER D 524 10.29 43.10 5.51
CA SER D 524 10.42 44.56 5.56
C SER D 524 9.15 45.23 5.08
N ASP D 525 8.78 44.99 3.82
CA ASP D 525 7.46 45.32 3.33
C ASP D 525 6.76 44.04 2.87
N TYR D 526 5.54 44.20 2.37
CA TYR D 526 4.65 43.05 2.16
C TYR D 526 5.02 42.12 1.00
N PRO D 527 5.54 42.57 -0.17
CA PRO D 527 6.02 41.58 -1.16
C PRO D 527 7.20 40.73 -0.70
N THR D 528 8.19 41.30 -0.02
CA THR D 528 9.30 40.46 0.44
C THR D 528 8.89 39.64 1.66
N ALA D 529 7.87 40.08 2.41
CA ALA D 529 7.31 39.25 3.48
C ALA D 529 6.59 38.04 2.91
N LEU D 530 5.83 38.26 1.83
CA LEU D 530 5.11 37.18 1.16
C LEU D 530 6.08 36.18 0.52
N PHE D 531 7.14 36.69 -0.11
CA PHE D 531 8.14 35.82 -0.72
C PHE D 531 8.96 35.06 0.32
N SER D 532 9.30 35.73 1.44
CA SER D 532 10.06 35.09 2.50
C SER D 532 9.23 34.03 3.21
N THR D 533 7.94 34.28 3.42
CA THR D 533 7.06 33.26 4.00
C THR D 533 6.84 32.11 3.02
N PHE D 534 6.84 32.40 1.71
CA PHE D 534 6.74 31.35 0.70
C PHE D 534 7.96 30.43 0.71
N GLU D 535 9.15 30.99 0.87
CA GLU D 535 10.34 30.14 0.87
C GLU D 535 10.63 29.59 2.27
N LEU D 536 9.96 30.11 3.30
CA LEU D 536 10.04 29.48 4.62
C LEU D 536 9.02 28.35 4.75
N PHE D 537 8.00 28.35 3.89
CA PHE D 537 7.08 27.22 3.79
C PHE D 537 7.82 25.96 3.33
N LEU D 538 8.73 26.12 2.39
CA LEU D 538 9.33 25.00 1.67
C LEU D 538 10.64 24.54 2.27
N THR D 539 11.06 25.13 3.41
CA THR D 539 12.36 24.97 4.06
C THR D 539 13.51 25.21 3.08
N ILE D 540 13.49 26.41 2.48
CA ILE D 540 14.49 26.78 1.49
C ILE D 540 15.53 27.67 2.16
N ILE D 541 15.08 28.74 2.80
CA ILE D 541 15.97 29.60 3.54
C ILE D 541 15.87 29.24 5.01
N ASP D 542 16.86 29.66 5.79
CA ASP D 542 16.85 29.44 7.22
C ASP D 542 15.80 30.32 7.90
N GLY D 543 15.41 29.92 9.10
CA GLY D 543 14.56 30.72 9.95
C GLY D 543 15.25 32.02 10.32
N PRO D 544 14.52 33.14 10.24
CA PRO D 544 15.10 34.44 10.60
C PRO D 544 15.40 34.53 12.09
N ALA D 545 16.70 34.50 12.42
CA ALA D 545 17.11 34.53 13.81
C ALA D 545 18.39 35.33 13.91
N ASN D 546 18.30 36.53 14.47
CA ASN D 546 19.46 37.35 14.78
C ASN D 546 19.66 37.27 16.28
N TYR D 547 20.66 36.50 16.71
CA TYR D 547 20.91 36.24 18.12
C TYR D 547 21.67 37.38 18.80
N SER D 548 22.17 38.35 18.04
CA SER D 548 22.84 39.50 18.61
C SER D 548 21.87 40.59 19.04
N VAL D 549 20.59 40.47 18.68
CA VAL D 549 19.56 41.44 19.05
C VAL D 549 18.40 40.68 19.70
N ASP D 550 17.53 41.42 20.36
CA ASP D 550 16.37 40.84 21.04
C ASP D 550 15.19 40.84 20.08
N LEU D 551 14.75 39.65 19.70
CA LEU D 551 13.61 39.48 18.80
C LEU D 551 12.30 39.59 19.58
N PRO D 552 11.21 39.97 18.92
CA PRO D 552 9.89 39.94 19.59
C PRO D 552 9.45 38.52 19.92
N PHE D 553 8.74 38.39 21.04
CA PHE D 553 8.24 37.08 21.46
C PHE D 553 7.08 36.61 20.61
N MET D 554 6.33 37.56 20.02
CA MET D 554 5.20 37.20 19.18
C MET D 554 5.68 36.59 17.87
N TYR D 555 6.86 37.00 17.38
CA TYR D 555 7.49 36.36 16.24
C TYR D 555 7.82 34.90 16.55
N CYS D 556 8.30 34.63 17.77
CA CYS D 556 8.60 33.25 18.17
C CYS D 556 7.34 32.41 18.28
N ILE D 557 6.24 33.00 18.79
CA ILE D 557 4.97 32.27 18.91
C ILE D 557 4.39 31.95 17.53
N THR D 558 4.33 32.95 16.65
CA THR D 558 3.73 32.71 15.34
C THR D 558 4.68 31.95 14.42
N TYR D 559 5.99 31.95 14.71
CA TYR D 559 6.89 31.10 13.95
C TYR D 559 6.84 29.66 14.42
N ALA D 560 6.57 29.43 15.72
CA ALA D 560 6.30 28.07 16.18
C ALA D 560 5.00 27.55 15.57
N ALA D 561 3.99 28.42 15.44
CA ALA D 561 2.74 28.03 14.77
C ALA D 561 2.95 27.75 13.28
N PHE D 562 3.77 28.57 12.61
CA PHE D 562 4.10 28.36 11.21
C PHE D 562 4.93 27.09 11.01
N ALA D 563 5.79 26.78 11.98
CA ALA D 563 6.62 25.59 11.88
C ALA D 563 5.82 24.32 12.13
N ILE D 564 4.86 24.37 13.06
CA ILE D 564 4.01 23.22 13.31
C ILE D 564 3.05 22.99 12.15
N ILE D 565 2.41 24.06 11.67
CA ILE D 565 1.36 23.89 10.66
C ILE D 565 1.99 23.66 9.28
N ALA D 566 2.78 24.61 8.79
CA ALA D 566 3.22 24.58 7.40
C ALA D 566 4.45 23.70 7.20
N THR D 567 5.50 23.92 8.01
CA THR D 567 6.76 23.20 7.84
C THR D 567 6.62 21.72 8.20
N LEU D 568 6.03 21.42 9.36
CA LEU D 568 5.95 20.04 9.82
C LEU D 568 4.86 19.27 9.09
N LEU D 569 3.64 19.79 9.08
CA LEU D 569 2.51 18.98 8.61
C LEU D 569 2.34 19.05 7.10
N MET D 570 2.18 20.28 6.54
CA MET D 570 1.70 20.47 5.17
C MET D 570 2.64 19.91 4.11
N LEU D 571 3.95 20.10 4.29
CA LEU D 571 4.94 19.59 3.34
C LEU D 571 4.97 18.06 3.36
N ASN D 572 5.01 17.47 4.55
CA ASN D 572 5.05 16.03 4.65
C ASN D 572 3.68 15.39 4.37
N LEU D 573 2.57 16.11 4.61
CA LEU D 573 1.28 15.60 4.14
C LEU D 573 1.15 15.69 2.63
N PHE D 574 1.86 16.64 2.00
CA PHE D 574 1.93 16.65 0.53
C PHE D 574 2.73 15.46 0.01
N ILE D 575 3.80 15.09 0.74
CA ILE D 575 4.55 13.86 0.43
C ILE D 575 3.66 12.62 0.55
N ALA D 576 2.88 12.56 1.64
CA ALA D 576 2.00 11.41 1.89
C ALA D 576 0.86 11.36 0.87
N MET D 577 0.32 12.52 0.49
CA MET D 577 -0.76 12.57 -0.49
C MET D 577 -0.26 12.20 -1.88
N MET D 578 0.97 12.60 -2.22
CA MET D 578 1.50 12.18 -3.51
C MET D 578 1.91 10.71 -3.52
N GLY D 579 2.28 10.14 -2.37
CA GLY D 579 2.47 8.69 -2.31
C GLY D 579 1.17 7.93 -2.47
N ASP D 580 0.10 8.44 -1.83
CA ASP D 580 -1.22 7.83 -1.95
C ASP D 580 -1.78 7.97 -3.36
N THR D 581 -1.45 9.07 -4.05
CA THR D 581 -1.82 9.22 -5.45
C THR D 581 -0.98 8.32 -6.34
N HIS D 582 0.31 8.17 -6.01
CA HIS D 582 1.26 7.47 -6.88
C HIS D 582 1.02 5.97 -6.88
N TRP D 583 0.57 5.40 -5.76
CA TRP D 583 0.33 3.95 -5.78
C TRP D 583 -0.96 3.59 -6.51
N ARG D 584 -1.90 4.52 -6.64
CA ARG D 584 -3.21 4.19 -7.19
C ARG D 584 -3.26 4.22 -8.72
N VAL D 585 -2.66 5.22 -9.36
CA VAL D 585 -2.81 5.44 -10.79
C VAL D 585 -1.55 5.07 -11.57
N ALA D 586 -0.76 4.12 -11.06
CA ALA D 586 0.46 3.70 -11.75
C ALA D 586 0.15 2.91 -13.02
N GLN D 587 -0.88 2.05 -12.99
CA GLN D 587 -1.26 1.33 -14.18
C GLN D 587 -1.94 2.24 -15.19
N GLU D 588 -2.58 3.31 -14.71
CA GLU D 588 -3.20 4.30 -15.60
C GLU D 588 -2.16 5.07 -16.38
N ARG D 589 -1.08 5.51 -15.72
CA ARG D 589 0.00 6.18 -16.45
C ARG D 589 0.83 5.19 -17.27
N ASP D 590 0.85 3.91 -16.91
CA ASP D 590 1.48 2.91 -17.76
C ASP D 590 0.73 2.74 -19.09
N GLU D 591 -0.60 2.59 -19.04
CA GLU D 591 -1.35 2.46 -20.28
C GLU D 591 -1.48 3.79 -21.01
N LEU D 592 -1.36 4.92 -20.28
CA LEU D 592 -1.35 6.22 -20.94
C LEU D 592 -0.05 6.44 -21.71
N TRP D 593 1.09 5.96 -21.18
CA TRP D 593 2.33 6.01 -21.95
C TRP D 593 2.28 5.04 -23.13
N ARG D 594 1.61 3.89 -22.94
CA ARG D 594 1.46 2.93 -24.03
C ARG D 594 0.61 3.49 -25.18
N ALA D 595 -0.39 4.32 -24.85
CA ALA D 595 -1.12 5.05 -25.89
C ALA D 595 -0.32 6.24 -26.44
N GLN D 596 0.56 6.80 -25.60
CA GLN D 596 1.33 7.98 -25.96
C GLN D 596 2.40 7.65 -27.00
N VAL D 597 2.94 6.43 -26.94
CA VAL D 597 3.88 5.94 -27.96
C VAL D 597 3.18 5.82 -29.32
N VAL D 598 1.93 5.34 -29.32
CA VAL D 598 1.14 5.26 -30.55
C VAL D 598 0.79 6.66 -31.06
N ALA D 599 0.54 7.61 -30.15
CA ALA D 599 0.30 8.99 -30.54
C ALA D 599 1.53 9.62 -31.17
N THR D 600 2.72 9.29 -30.66
CA THR D 600 3.97 9.75 -31.26
C THR D 600 4.16 9.12 -32.64
N THR D 601 3.79 7.84 -32.77
CA THR D 601 3.96 7.12 -34.03
C THR D 601 3.02 7.65 -35.10
N VAL D 602 1.82 8.08 -34.71
CA VAL D 602 0.87 8.56 -35.71
C VAL D 602 1.02 10.08 -35.90
N MET D 603 1.67 10.78 -34.97
CA MET D 603 2.06 12.17 -35.19
C MET D 603 3.10 12.27 -36.30
N LEU D 604 4.08 11.38 -36.27
CA LEU D 604 4.95 11.16 -37.41
C LEU D 604 4.19 10.38 -38.48
N GLU D 605 4.72 10.44 -39.71
CA GLU D 605 4.24 10.04 -41.05
C GLU D 605 3.00 10.82 -41.51
N ARG D 606 2.50 11.73 -40.68
CA ARG D 606 1.56 12.77 -41.08
C ARG D 606 2.26 14.10 -41.36
N LYS D 607 3.36 14.35 -40.65
CA LYS D 607 4.20 15.53 -40.86
C LYS D 607 5.39 15.25 -41.75
N MET D 608 6.05 14.11 -41.56
CA MET D 608 7.28 13.82 -42.27
C MET D 608 6.97 13.40 -43.71
N PRO D 609 7.93 13.56 -44.64
CA PRO D 609 7.71 13.10 -46.02
C PRO D 609 7.59 11.58 -46.11
N ARG D 610 6.89 11.13 -47.17
CA ARG D 610 6.50 9.73 -47.28
C ARG D 610 7.66 8.82 -47.66
N PHE D 611 8.78 9.36 -48.13
CA PHE D 611 9.92 8.48 -48.40
C PHE D 611 10.71 8.15 -47.13
N LEU D 612 10.46 8.85 -46.03
CA LEU D 612 10.97 8.40 -44.74
C LEU D 612 10.15 7.25 -44.18
N TRP D 613 8.86 7.21 -44.49
CA TRP D 613 7.91 6.25 -43.92
C TRP D 613 7.30 5.42 -45.03
N PRO D 614 7.87 4.25 -45.35
CA PRO D 614 7.21 3.35 -46.29
C PRO D 614 5.95 2.75 -45.69
N ARG D 615 5.08 2.26 -46.57
CA ARG D 615 3.77 1.74 -46.16
C ARG D 615 3.93 0.44 -45.39
N SER D 616 3.33 0.39 -44.20
CA SER D 616 3.49 -0.73 -43.30
C SER D 616 2.59 -1.88 -43.71
N GLY D 617 3.13 -3.08 -43.70
CA GLY D 617 2.40 -4.28 -44.03
C GLY D 617 2.99 -5.01 -45.22
N ILE D 618 2.32 -6.10 -45.57
CA ILE D 618 2.75 -6.97 -46.66
C ILE D 618 1.82 -6.71 -47.85
N CYS D 619 2.39 -6.28 -48.97
CA CYS D 619 1.59 -5.89 -50.13
C CYS D 619 1.01 -7.12 -50.82
N GLY D 620 -0.31 -7.10 -51.03
CA GLY D 620 -1.00 -8.23 -51.63
C GLY D 620 -0.96 -8.28 -53.13
N TYR D 621 -0.40 -7.27 -53.79
CA TYR D 621 -0.30 -7.29 -55.25
C TYR D 621 0.80 -8.25 -55.70
N GLU D 622 1.82 -8.45 -54.87
CA GLU D 622 2.93 -9.35 -55.24
C GLU D 622 2.50 -10.81 -55.18
N TYR D 623 1.47 -11.13 -54.39
CA TYR D 623 1.03 -12.50 -54.20
C TYR D 623 -0.36 -12.75 -54.77
N GLY D 624 -0.87 -11.82 -55.56
CA GLY D 624 -2.18 -11.97 -56.20
C GLY D 624 -3.36 -11.95 -55.24
N LEU D 625 -3.34 -11.04 -54.27
CA LEU D 625 -4.43 -10.93 -53.30
C LEU D 625 -5.26 -9.68 -53.46
N GLY D 626 -4.89 -8.76 -54.35
CA GLY D 626 -5.74 -7.62 -54.65
C GLY D 626 -5.47 -6.40 -53.80
N ASP D 627 -4.20 -5.98 -53.77
CA ASP D 627 -3.59 -4.76 -53.19
C ASP D 627 -4.28 -4.24 -51.91
N ARG D 628 -4.38 -5.15 -50.93
CA ARG D 628 -5.04 -4.83 -49.67
C ARG D 628 -4.10 -4.56 -48.51
N TRP D 629 -2.80 -4.86 -48.65
CA TRP D 629 -1.72 -4.53 -47.71
C TRP D 629 -1.95 -5.13 -46.31
N PHE D 630 -1.89 -6.46 -46.29
CA PHE D 630 -2.18 -7.25 -45.10
C PHE D 630 -1.05 -7.16 -44.07
N LEU D 631 -1.25 -7.82 -42.94
CA LEU D 631 -0.22 -7.98 -41.91
C LEU D 631 -0.36 -9.36 -41.30
N ARG D 632 0.74 -10.12 -41.26
CA ARG D 632 0.74 -11.48 -40.77
C ARG D 632 1.25 -11.52 -39.34
N VAL D 633 0.54 -12.23 -38.47
CA VAL D 633 1.06 -12.56 -37.15
C VAL D 633 1.10 -14.07 -36.99
N GLU D 634 1.93 -14.53 -36.06
CA GLU D 634 2.11 -15.94 -35.76
C GLU D 634 2.09 -16.11 -34.25
N ASN D 635 1.08 -16.80 -33.74
CA ASN D 635 0.84 -16.87 -32.31
C ASN D 635 0.80 -18.31 -31.83
N HIS D 636 1.33 -18.52 -30.63
CA HIS D 636 1.37 -19.82 -29.97
C HIS D 636 0.21 -19.87 -28.98
N HIS D 637 -0.84 -20.63 -29.33
CA HIS D 637 -2.04 -20.68 -28.52
C HIS D 637 -2.09 -21.84 -27.55
N ASP D 638 -1.39 -22.93 -27.83
CA ASP D 638 -1.38 -24.08 -26.93
C ASP D 638 -0.19 -24.05 -25.99
#